data_2DBH
#
_entry.id   2DBH
#
_entity_poly.entity_id   1
_entity_poly.type   'polypeptide(L)'
_entity_poly.pdbx_seq_one_letter_code
;GSSGSSGSSALSRNGSFITKEKKDTVLRQVRLDPCDLQPIFDDMLHFLNPEELRVIEEIPQAEDKLDRLFEIIGVKSQEA
SQTLLDSVYSHLPDLLSGPSSG
;
_entity_poly.pdbx_strand_id   A
#
# COMPACT_ATOMS: atom_id res chain seq x y z
N GLY A 1 -0.59 9.00 24.18
CA GLY A 1 0.35 9.50 23.13
C GLY A 1 1.68 9.95 23.72
N SER A 2 2.31 10.91 23.07
CA SER A 2 3.59 11.43 23.53
C SER A 2 3.62 12.95 23.49
N SER A 3 4.27 13.55 24.48
CA SER A 3 4.37 15.00 24.56
C SER A 3 5.73 15.48 24.08
N GLY A 4 5.84 15.74 22.78
CA GLY A 4 7.10 16.20 22.21
C GLY A 4 7.37 15.62 20.84
N SER A 5 6.46 15.90 19.90
CA SER A 5 6.61 15.41 18.54
C SER A 5 7.64 16.24 17.77
N SER A 6 8.80 15.65 17.54
CA SER A 6 9.88 16.32 16.82
C SER A 6 11.05 15.38 16.56
N GLY A 7 11.43 14.62 17.60
CA GLY A 7 12.53 13.69 17.46
C GLY A 7 12.13 12.42 16.74
N SER A 8 11.95 11.34 17.49
CA SER A 8 11.56 10.06 16.91
C SER A 8 10.38 9.46 17.66
N SER A 9 9.26 9.32 16.97
CA SER A 9 8.05 8.77 17.57
C SER A 9 7.27 7.94 16.55
N ALA A 10 6.80 6.77 16.97
CA ALA A 10 6.04 5.89 16.10
C ALA A 10 4.56 6.24 16.12
N LEU A 11 3.95 6.25 14.94
CA LEU A 11 2.53 6.58 14.83
C LEU A 11 2.24 7.98 15.36
N SER A 12 2.10 8.94 14.44
CA SER A 12 1.82 10.31 14.81
C SER A 12 0.44 10.45 15.43
N ARG A 13 -0.55 9.82 14.80
CA ARG A 13 -1.92 9.86 15.29
C ARG A 13 -2.69 8.60 14.89
N ASN A 14 -2.73 8.33 13.59
CA ASN A 14 -3.42 7.16 13.07
C ASN A 14 -2.53 6.38 12.11
N GLY A 15 -1.22 6.42 12.35
CA GLY A 15 -0.29 5.71 11.51
C GLY A 15 0.99 6.48 11.29
N SER A 16 1.81 6.02 10.35
CA SER A 16 3.08 6.67 10.04
C SER A 16 3.54 6.33 8.63
N PHE A 17 3.89 5.07 8.42
CA PHE A 17 4.36 4.61 7.11
C PHE A 17 3.22 4.60 6.11
N ILE A 18 2.09 4.03 6.50
CA ILE A 18 0.92 3.96 5.62
C ILE A 18 -0.37 4.04 6.43
N THR A 19 -1.33 4.81 5.92
CA THR A 19 -2.62 4.98 6.58
C THR A 19 -3.76 4.55 5.68
N LYS A 20 -4.96 4.45 6.25
CA LYS A 20 -6.15 4.05 5.49
C LYS A 20 -6.46 5.08 4.41
N GLU A 21 -6.14 6.34 4.68
CA GLU A 21 -6.40 7.41 3.73
C GLU A 21 -5.66 7.16 2.41
N LYS A 22 -4.38 6.88 2.50
CA LYS A 22 -3.57 6.62 1.31
C LYS A 22 -4.05 5.37 0.58
N LYS A 23 -4.50 4.38 1.34
CA LYS A 23 -4.99 3.14 0.77
C LYS A 23 -6.19 3.40 -0.15
N ASP A 24 -6.96 4.44 0.17
CA ASP A 24 -8.12 4.78 -0.63
C ASP A 24 -7.71 5.49 -1.91
N THR A 25 -6.72 6.37 -1.81
CA THR A 25 -6.24 7.12 -2.96
C THR A 25 -5.72 6.18 -4.05
N VAL A 26 -5.21 5.02 -3.63
CA VAL A 26 -4.68 4.03 -4.56
C VAL A 26 -5.81 3.35 -5.34
N LEU A 27 -6.77 2.82 -4.61
CA LEU A 27 -7.91 2.14 -5.22
C LEU A 27 -8.73 3.10 -6.06
N ARG A 28 -8.74 4.37 -5.67
CA ARG A 28 -9.50 5.39 -6.39
C ARG A 28 -9.04 5.49 -7.84
N GLN A 29 -7.77 5.18 -8.09
CA GLN A 29 -7.22 5.23 -9.43
C GLN A 29 -7.56 3.96 -10.21
N VAL A 30 -7.68 2.85 -9.50
CA VAL A 30 -8.00 1.58 -10.14
C VAL A 30 -9.51 1.43 -10.34
N ARG A 31 -10.29 1.95 -9.39
CA ARG A 31 -11.74 1.87 -9.48
C ARG A 31 -12.26 2.55 -10.73
N LEU A 32 -11.53 3.56 -11.19
CA LEU A 32 -11.92 4.31 -12.39
C LEU A 32 -11.53 3.54 -13.66
N ASP A 33 -10.24 3.24 -13.79
CA ASP A 33 -9.75 2.52 -14.96
C ASP A 33 -8.90 1.33 -14.53
N PRO A 34 -9.52 0.15 -14.32
CA PRO A 34 -8.81 -1.06 -13.92
C PRO A 34 -7.96 -1.63 -15.04
N CYS A 35 -7.08 -2.57 -14.69
CA CYS A 35 -6.21 -3.20 -15.67
C CYS A 35 -5.56 -4.45 -15.10
N ASP A 36 -4.70 -4.27 -14.11
CA ASP A 36 -4.01 -5.38 -13.46
C ASP A 36 -3.30 -4.94 -12.19
N LEU A 37 -3.24 -5.83 -11.21
CA LEU A 37 -2.60 -5.53 -9.94
C LEU A 37 -1.74 -6.70 -9.47
N GLN A 38 -1.06 -7.35 -10.42
CA GLN A 38 -0.20 -8.48 -10.10
C GLN A 38 1.21 -8.03 -9.77
N PRO A 39 1.83 -7.21 -10.64
CA PRO A 39 3.19 -6.71 -10.43
C PRO A 39 3.36 -6.05 -9.06
N ILE A 40 2.27 -5.52 -8.54
CA ILE A 40 2.29 -4.85 -7.24
C ILE A 40 2.41 -5.87 -6.11
N PHE A 41 1.84 -7.05 -6.32
CA PHE A 41 1.88 -8.11 -5.31
C PHE A 41 3.11 -9.00 -5.50
N ASP A 42 3.47 -9.24 -6.76
CA ASP A 42 4.62 -10.08 -7.08
C ASP A 42 5.89 -9.51 -6.46
N ASP A 43 5.94 -8.18 -6.32
CA ASP A 43 7.10 -7.51 -5.75
C ASP A 43 7.01 -7.47 -4.22
N MET A 44 5.78 -7.41 -3.71
CA MET A 44 5.56 -7.37 -2.27
C MET A 44 5.56 -8.77 -1.67
N LEU A 45 5.31 -9.78 -2.50
CA LEU A 45 5.28 -11.16 -2.06
C LEU A 45 6.57 -11.53 -1.31
N HIS A 46 7.66 -10.87 -1.68
CA HIS A 46 8.96 -11.13 -1.04
C HIS A 46 9.03 -10.44 0.32
N PHE A 47 8.69 -9.15 0.35
CA PHE A 47 8.73 -8.39 1.59
C PHE A 47 7.80 -8.99 2.64
N LEU A 48 6.72 -9.61 2.17
CA LEU A 48 5.75 -10.22 3.07
C LEU A 48 6.21 -11.61 3.50
N ASN A 49 5.53 -12.18 4.48
CA ASN A 49 5.86 -13.51 4.99
C ASN A 49 4.81 -14.53 4.56
N PRO A 50 5.13 -15.83 4.69
CA PRO A 50 4.21 -16.91 4.32
C PRO A 50 2.93 -16.89 5.15
N GLU A 51 3.06 -16.55 6.42
CA GLU A 51 1.92 -16.48 7.32
C GLU A 51 1.08 -15.24 7.04
N GLU A 52 1.72 -14.18 6.59
CA GLU A 52 1.04 -12.93 6.29
C GLU A 52 0.19 -13.07 5.02
N LEU A 53 0.69 -13.84 4.07
CA LEU A 53 -0.02 -14.06 2.81
C LEU A 53 -1.39 -14.70 3.06
N ARG A 54 -1.47 -15.49 4.12
CA ARG A 54 -2.73 -16.15 4.46
C ARG A 54 -3.84 -15.14 4.71
N VAL A 55 -3.49 -14.06 5.39
CA VAL A 55 -4.47 -13.01 5.70
C VAL A 55 -4.97 -12.34 4.43
N ILE A 56 -4.11 -12.25 3.42
CA ILE A 56 -4.47 -11.64 2.16
C ILE A 56 -5.14 -12.64 1.22
N GLU A 57 -4.74 -13.90 1.34
CA GLU A 57 -5.31 -14.96 0.51
C GLU A 57 -6.82 -15.09 0.73
N GLU A 58 -7.25 -14.77 1.95
CA GLU A 58 -8.67 -14.84 2.30
C GLU A 58 -9.49 -13.90 1.42
N ILE A 59 -8.88 -12.80 1.00
CA ILE A 59 -9.57 -11.83 0.16
C ILE A 59 -9.51 -12.23 -1.31
N PRO A 60 -10.67 -12.62 -1.90
CA PRO A 60 -10.74 -13.03 -3.29
C PRO A 60 -10.64 -11.85 -4.26
N GLN A 61 -11.32 -10.77 -3.92
CA GLN A 61 -11.30 -9.57 -4.76
C GLN A 61 -9.89 -9.04 -4.93
N ALA A 62 -9.65 -8.35 -6.05
CA ALA A 62 -8.33 -7.80 -6.34
C ALA A 62 -8.17 -6.42 -5.70
N GLU A 63 -9.19 -5.58 -5.83
CA GLU A 63 -9.16 -4.24 -5.26
C GLU A 63 -8.98 -4.29 -3.74
N ASP A 64 -9.78 -5.13 -3.09
CA ASP A 64 -9.71 -5.28 -1.65
C ASP A 64 -8.37 -5.86 -1.21
N LYS A 65 -7.79 -6.70 -2.08
CA LYS A 65 -6.51 -7.33 -1.79
C LYS A 65 -5.43 -6.28 -1.59
N LEU A 66 -5.44 -5.24 -2.42
CA LEU A 66 -4.46 -4.17 -2.34
C LEU A 66 -4.57 -3.44 -1.01
N ASP A 67 -5.78 -3.37 -0.47
CA ASP A 67 -6.02 -2.70 0.80
C ASP A 67 -5.35 -3.45 1.95
N ARG A 68 -5.27 -4.76 1.81
CA ARG A 68 -4.65 -5.60 2.83
C ARG A 68 -3.12 -5.53 2.74
N LEU A 69 -2.60 -5.46 1.52
CA LEU A 69 -1.16 -5.37 1.31
C LEU A 69 -0.58 -4.14 1.99
N PHE A 70 -1.38 -3.07 2.07
CA PHE A 70 -0.94 -1.84 2.69
C PHE A 70 -1.04 -1.93 4.21
N GLU A 71 -1.98 -2.72 4.70
CA GLU A 71 -2.18 -2.89 6.13
C GLU A 71 -1.01 -3.63 6.76
N ILE A 72 -0.44 -4.57 6.02
CA ILE A 72 0.70 -5.35 6.51
C ILE A 72 2.00 -4.57 6.40
N ILE A 73 2.30 -4.09 5.20
CA ILE A 73 3.52 -3.33 4.95
C ILE A 73 3.48 -1.99 5.69
N GLY A 74 2.28 -1.44 5.85
CA GLY A 74 2.13 -0.16 6.54
C GLY A 74 2.66 -0.21 7.96
N VAL A 75 2.67 -1.40 8.55
CA VAL A 75 3.14 -1.56 9.92
C VAL A 75 4.55 -2.15 9.95
N LYS A 76 4.95 -2.80 8.86
CA LYS A 76 6.27 -3.42 8.76
C LYS A 76 7.37 -2.39 9.05
N SER A 77 7.54 -1.44 8.14
CA SER A 77 8.55 -0.41 8.29
C SER A 77 8.52 0.58 7.12
N GLN A 78 9.52 1.43 7.04
CA GLN A 78 9.61 2.43 5.98
C GLN A 78 10.31 1.84 4.76
N GLU A 79 11.25 0.93 4.99
CA GLU A 79 12.00 0.30 3.92
C GLU A 79 11.07 -0.45 2.97
N ALA A 80 9.98 -0.98 3.51
CA ALA A 80 9.00 -1.71 2.71
C ALA A 80 7.84 -0.81 2.29
N SER A 81 7.48 0.12 3.17
CA SER A 81 6.39 1.05 2.90
C SER A 81 6.69 1.90 1.67
N GLN A 82 7.89 2.46 1.62
CA GLN A 82 8.30 3.29 0.50
C GLN A 82 8.27 2.51 -0.81
N THR A 83 8.53 1.20 -0.72
CA THR A 83 8.52 0.34 -1.90
C THR A 83 7.10 0.10 -2.39
N LEU A 84 6.16 -0.01 -1.45
CA LEU A 84 4.77 -0.24 -1.79
C LEU A 84 4.15 0.99 -2.46
N LEU A 85 4.24 2.12 -1.78
CA LEU A 85 3.69 3.37 -2.31
C LEU A 85 4.36 3.74 -3.63
N ASP A 86 5.61 3.36 -3.79
CA ASP A 86 6.37 3.65 -5.00
C ASP A 86 6.11 2.58 -6.07
N SER A 87 5.93 1.34 -5.62
CA SER A 87 5.67 0.23 -6.54
C SER A 87 4.38 0.46 -7.32
N VAL A 88 3.35 0.95 -6.63
CA VAL A 88 2.06 1.21 -7.25
C VAL A 88 2.20 2.21 -8.40
N TYR A 89 3.12 3.15 -8.25
CA TYR A 89 3.34 4.16 -9.27
C TYR A 89 4.44 3.72 -10.25
N SER A 90 5.38 2.92 -9.76
CA SER A 90 6.48 2.44 -10.60
C SER A 90 6.00 1.32 -11.52
N HIS A 91 5.01 0.55 -11.04
CA HIS A 91 4.46 -0.55 -11.83
C HIS A 91 3.30 -0.08 -12.69
N LEU A 92 2.51 0.85 -12.15
CA LEU A 92 1.36 1.39 -12.86
C LEU A 92 1.52 2.88 -13.13
N PRO A 93 2.32 3.24 -14.15
CA PRO A 93 2.56 4.64 -14.51
C PRO A 93 1.33 5.30 -15.12
N ASP A 94 0.47 4.50 -15.73
CA ASP A 94 -0.75 5.00 -16.36
C ASP A 94 -1.62 5.74 -15.34
N LEU A 95 -1.55 5.30 -14.09
CA LEU A 95 -2.34 5.92 -13.02
C LEU A 95 -1.99 7.39 -12.87
N LEU A 96 -0.71 7.71 -13.11
CA LEU A 96 -0.25 9.09 -13.00
C LEU A 96 -0.07 9.72 -14.38
N SER A 97 -0.11 11.05 -14.42
CA SER A 97 0.04 11.77 -15.68
C SER A 97 1.35 12.57 -15.69
N GLY A 98 2.38 12.01 -15.09
CA GLY A 98 3.67 12.67 -15.04
C GLY A 98 4.13 12.97 -13.63
N PRO A 99 4.98 12.11 -13.04
CA PRO A 99 5.47 12.30 -11.67
C PRO A 99 6.04 13.70 -11.45
N SER A 100 6.48 14.33 -12.54
CA SER A 100 7.05 15.67 -12.46
C SER A 100 8.29 15.70 -11.56
N SER A 101 9.17 16.66 -11.81
CA SER A 101 10.40 16.79 -11.02
C SER A 101 10.32 17.99 -10.09
N GLY A 102 9.64 19.03 -10.55
CA GLY A 102 9.50 20.23 -9.73
C GLY A 102 9.01 21.42 -10.53
N GLY A 1 -13.53 20.88 14.41
CA GLY A 1 -13.67 22.34 14.21
C GLY A 1 -12.32 23.05 14.19
N SER A 2 -11.50 22.78 15.20
CA SER A 2 -10.19 23.40 15.29
C SER A 2 -9.23 22.55 16.13
N SER A 3 -7.96 22.87 16.08
CA SER A 3 -6.95 22.13 16.85
C SER A 3 -6.06 23.08 17.64
N GLY A 4 -5.82 22.74 18.91
CA GLY A 4 -4.98 23.57 19.75
C GLY A 4 -3.50 23.32 19.54
N SER A 5 -3.05 23.51 18.30
CA SER A 5 -1.64 23.30 17.98
C SER A 5 -1.23 21.86 18.25
N SER A 6 -1.53 20.97 17.32
CA SER A 6 -1.18 19.56 17.46
C SER A 6 -1.11 18.88 16.10
N GLY A 7 -0.63 17.64 16.08
CA GLY A 7 -0.53 16.89 14.84
C GLY A 7 -0.77 15.41 15.04
N SER A 8 -1.70 14.86 14.28
CA SER A 8 -2.03 13.44 14.37
C SER A 8 -1.34 12.65 13.27
N SER A 9 -0.12 13.06 12.93
CA SER A 9 0.65 12.39 11.88
C SER A 9 2.14 12.69 12.04
N ALA A 10 2.92 11.63 12.23
CA ALA A 10 4.37 11.77 12.39
C ALA A 10 5.12 10.70 11.61
N LEU A 11 5.48 11.01 10.38
CA LEU A 11 6.20 10.07 9.53
C LEU A 11 7.64 10.53 9.31
N SER A 12 8.44 10.49 10.37
CA SER A 12 9.83 10.91 10.28
C SER A 12 10.54 10.72 11.63
N ARG A 13 9.82 11.03 12.71
CA ARG A 13 10.38 10.90 14.05
C ARG A 13 9.98 9.56 14.68
N ASN A 14 10.01 8.51 13.86
CA ASN A 14 9.66 7.17 14.34
C ASN A 14 8.19 7.12 14.78
N GLY A 15 7.29 6.98 13.81
CA GLY A 15 5.88 6.93 14.12
C GLY A 15 5.13 5.96 13.22
N SER A 16 4.32 6.51 12.32
CA SER A 16 3.54 5.69 11.40
C SER A 16 4.21 5.64 10.03
N PHE A 17 3.66 4.81 9.14
CA PHE A 17 4.20 4.67 7.80
C PHE A 17 3.15 4.96 6.74
N ILE A 18 2.03 4.24 6.81
CA ILE A 18 0.94 4.42 5.86
C ILE A 18 -0.36 4.75 6.59
N THR A 19 -1.16 5.64 5.99
CA THR A 19 -2.43 6.03 6.58
C THR A 19 -3.60 5.44 5.78
N LYS A 20 -4.81 5.63 6.29
CA LYS A 20 -6.01 5.13 5.63
C LYS A 20 -6.23 5.83 4.30
N GLU A 21 -5.83 7.10 4.23
CA GLU A 21 -5.99 7.88 3.03
C GLU A 21 -5.20 7.28 1.87
N LYS A 22 -3.92 7.00 2.11
CA LYS A 22 -3.05 6.42 1.10
C LYS A 22 -3.58 5.05 0.65
N LYS A 23 -4.23 4.36 1.57
CA LYS A 23 -4.79 3.03 1.27
C LYS A 23 -6.01 3.16 0.35
N ASP A 24 -6.75 4.25 0.51
CA ASP A 24 -7.94 4.48 -0.30
C ASP A 24 -7.58 5.17 -1.61
N THR A 25 -6.54 5.99 -1.57
CA THR A 25 -6.08 6.71 -2.76
C THR A 25 -5.68 5.73 -3.87
N VAL A 26 -5.17 4.57 -3.46
CA VAL A 26 -4.73 3.55 -4.41
C VAL A 26 -5.93 2.95 -5.14
N LEU A 27 -7.03 2.79 -4.43
CA LEU A 27 -8.24 2.22 -5.02
C LEU A 27 -8.97 3.25 -5.88
N ARG A 28 -8.87 4.52 -5.48
CA ARG A 28 -9.51 5.60 -6.22
C ARG A 28 -9.02 5.64 -7.66
N GLN A 29 -7.75 5.31 -7.86
CA GLN A 29 -7.16 5.31 -9.20
C GLN A 29 -7.51 4.03 -9.94
N VAL A 30 -7.65 2.93 -9.19
CA VAL A 30 -7.98 1.64 -9.78
C VAL A 30 -9.45 1.59 -10.19
N ARG A 31 -10.30 2.24 -9.40
CA ARG A 31 -11.73 2.27 -9.69
C ARG A 31 -12.00 2.84 -11.08
N LEU A 32 -11.13 3.74 -11.52
CA LEU A 32 -11.27 4.36 -12.84
C LEU A 32 -10.34 3.70 -13.84
N ASP A 33 -10.90 2.77 -14.63
CA ASP A 33 -10.11 2.06 -15.64
C ASP A 33 -9.02 1.22 -14.99
N PRO A 34 -9.39 0.08 -14.38
CA PRO A 34 -8.44 -0.80 -13.72
C PRO A 34 -7.26 -1.19 -14.62
N CYS A 35 -6.33 -1.97 -14.09
CA CYS A 35 -5.17 -2.40 -14.85
C CYS A 35 -4.59 -3.68 -14.26
N ASP A 36 -3.47 -4.13 -14.83
CA ASP A 36 -2.81 -5.35 -14.36
C ASP A 36 -1.98 -5.07 -13.11
N LEU A 37 -2.43 -5.58 -11.98
CA LEU A 37 -1.73 -5.39 -10.71
C LEU A 37 -0.88 -6.60 -10.37
N GLN A 38 -0.33 -7.24 -11.41
CA GLN A 38 0.51 -8.42 -11.23
C GLN A 38 1.84 -8.05 -10.55
N PRO A 39 2.65 -7.20 -11.19
CA PRO A 39 3.95 -6.78 -10.63
C PRO A 39 3.79 -6.05 -9.31
N ILE A 40 2.67 -5.36 -9.14
CA ILE A 40 2.41 -4.62 -7.91
C ILE A 40 2.20 -5.58 -6.73
N PHE A 41 1.79 -6.80 -7.04
CA PHE A 41 1.55 -7.81 -6.01
C PHE A 41 2.75 -8.73 -5.86
N ASP A 42 3.28 -9.21 -6.99
CA ASP A 42 4.43 -10.11 -6.98
C ASP A 42 5.63 -9.46 -6.30
N ASP A 43 5.95 -8.24 -6.72
CA ASP A 43 7.08 -7.51 -6.15
C ASP A 43 6.93 -7.36 -4.64
N MET A 44 5.68 -7.34 -4.17
CA MET A 44 5.40 -7.20 -2.74
C MET A 44 5.25 -8.56 -2.07
N LEU A 45 4.88 -9.57 -2.85
CA LEU A 45 4.70 -10.91 -2.33
C LEU A 45 5.96 -11.41 -1.62
N HIS A 46 7.11 -10.95 -2.11
CA HIS A 46 8.38 -11.35 -1.52
C HIS A 46 8.64 -10.61 -0.21
N PHE A 47 8.04 -9.43 -0.07
CA PHE A 47 8.21 -8.63 1.14
C PHE A 47 7.34 -9.17 2.28
N LEU A 48 6.20 -9.74 1.91
CA LEU A 48 5.28 -10.29 2.91
C LEU A 48 5.75 -11.66 3.38
N ASN A 49 5.42 -12.00 4.62
CA ASN A 49 5.81 -13.28 5.19
C ASN A 49 4.69 -14.32 5.03
N PRO A 50 5.00 -15.60 5.27
CA PRO A 50 4.03 -16.68 5.14
C PRO A 50 2.76 -16.42 5.94
N GLU A 51 2.92 -15.94 7.17
CA GLU A 51 1.79 -15.64 8.04
C GLU A 51 1.02 -14.42 7.53
N GLU A 52 1.74 -13.48 6.91
CA GLU A 52 1.13 -12.28 6.38
C GLU A 52 0.39 -12.57 5.07
N LEU A 53 0.93 -13.51 4.29
CA LEU A 53 0.32 -13.88 3.02
C LEU A 53 -1.03 -14.57 3.24
N ARG A 54 -1.17 -15.24 4.37
CA ARG A 54 -2.41 -15.94 4.69
C ARG A 54 -3.56 -14.95 4.85
N VAL A 55 -3.26 -13.79 5.41
CA VAL A 55 -4.28 -12.76 5.61
C VAL A 55 -4.78 -12.20 4.29
N ILE A 56 -3.90 -12.16 3.29
CA ILE A 56 -4.25 -11.64 1.97
C ILE A 56 -4.71 -12.76 1.05
N GLU A 57 -4.19 -13.97 1.26
CA GLU A 57 -4.54 -15.12 0.46
C GLU A 57 -6.04 -15.40 0.54
N GLU A 58 -6.63 -15.13 1.69
CA GLU A 58 -8.05 -15.34 1.91
C GLU A 58 -8.88 -14.48 0.96
N ILE A 59 -8.47 -13.23 0.81
CA ILE A 59 -9.18 -12.29 -0.06
C ILE A 59 -9.01 -12.68 -1.53
N PRO A 60 -10.10 -13.11 -2.20
CA PRO A 60 -10.05 -13.51 -3.61
C PRO A 60 -9.99 -12.31 -4.55
N GLN A 61 -10.81 -11.30 -4.25
CA GLN A 61 -10.85 -10.09 -5.07
C GLN A 61 -9.47 -9.42 -5.12
N ALA A 62 -9.27 -8.59 -6.13
CA ALA A 62 -8.00 -7.88 -6.29
C ALA A 62 -8.01 -6.57 -5.51
N GLU A 63 -9.12 -5.85 -5.57
CA GLU A 63 -9.26 -4.59 -4.87
C GLU A 63 -9.09 -4.77 -3.37
N ASP A 64 -9.86 -5.68 -2.79
CA ASP A 64 -9.78 -5.96 -1.36
C ASP A 64 -8.41 -6.49 -0.98
N LYS A 65 -7.77 -7.20 -1.91
CA LYS A 65 -6.45 -7.76 -1.65
C LYS A 65 -5.42 -6.64 -1.42
N LEU A 66 -5.39 -5.68 -2.33
CA LEU A 66 -4.46 -4.56 -2.21
C LEU A 66 -4.71 -3.77 -0.93
N ASP A 67 -5.97 -3.73 -0.50
CA ASP A 67 -6.34 -3.01 0.71
C ASP A 67 -5.66 -3.63 1.93
N ARG A 68 -5.54 -4.95 1.93
CA ARG A 68 -4.90 -5.66 3.04
C ARG A 68 -3.38 -5.56 2.95
N LEU A 69 -2.88 -5.47 1.73
CA LEU A 69 -1.44 -5.37 1.50
C LEU A 69 -0.86 -4.14 2.20
N PHE A 70 -1.66 -3.09 2.32
CA PHE A 70 -1.23 -1.87 2.98
C PHE A 70 -1.43 -1.95 4.48
N GLU A 71 -2.41 -2.75 4.90
CA GLU A 71 -2.70 -2.92 6.33
C GLU A 71 -1.52 -3.55 7.05
N ILE A 72 -0.95 -4.59 6.45
CA ILE A 72 0.19 -5.28 7.04
C ILE A 72 1.48 -4.48 6.87
N ILE A 73 1.82 -4.18 5.62
CA ILE A 73 3.02 -3.40 5.32
C ILE A 73 2.97 -2.03 5.98
N GLY A 74 1.76 -1.51 6.19
CA GLY A 74 1.60 -0.21 6.80
C GLY A 74 2.25 -0.13 8.17
N VAL A 75 2.36 -1.28 8.83
CA VAL A 75 2.97 -1.33 10.16
C VAL A 75 4.19 -2.25 10.18
N LYS A 76 4.90 -2.30 9.06
CA LYS A 76 6.09 -3.14 8.95
C LYS A 76 7.36 -2.30 9.10
N SER A 77 7.61 -1.44 8.12
CA SER A 77 8.79 -0.58 8.14
C SER A 77 8.81 0.35 6.94
N GLN A 78 9.69 1.35 6.97
CA GLN A 78 9.81 2.32 5.89
C GLN A 78 10.38 1.67 4.64
N GLU A 79 11.16 0.61 4.84
CA GLU A 79 11.78 -0.10 3.72
C GLU A 79 10.73 -0.76 2.84
N ALA A 80 9.62 -1.17 3.45
CA ALA A 80 8.54 -1.82 2.74
C ALA A 80 7.42 -0.83 2.40
N SER A 81 7.18 0.09 3.32
CA SER A 81 6.14 1.10 3.13
C SER A 81 6.42 1.95 1.89
N GLN A 82 7.62 2.51 1.83
CA GLN A 82 8.01 3.35 0.71
C GLN A 82 7.95 2.56 -0.60
N THR A 83 8.34 1.29 -0.55
CA THR A 83 8.34 0.44 -1.72
C THR A 83 6.91 0.05 -2.11
N LEU A 84 6.03 -0.06 -1.11
CA LEU A 84 4.64 -0.42 -1.35
C LEU A 84 3.92 0.68 -2.13
N LEU A 85 4.35 1.92 -1.93
CA LEU A 85 3.74 3.06 -2.61
C LEU A 85 4.44 3.34 -3.93
N ASP A 86 5.77 3.23 -3.93
CA ASP A 86 6.56 3.48 -5.13
C ASP A 86 6.31 2.39 -6.18
N SER A 87 6.11 1.17 -5.71
CA SER A 87 5.86 0.04 -6.61
C SER A 87 4.59 0.25 -7.42
N VAL A 88 3.63 0.96 -6.83
CA VAL A 88 2.36 1.24 -7.50
C VAL A 88 2.56 2.17 -8.69
N TYR A 89 3.22 3.30 -8.45
CA TYR A 89 3.47 4.28 -9.51
C TYR A 89 4.61 3.82 -10.42
N SER A 90 5.61 3.16 -9.82
CA SER A 90 6.75 2.67 -10.57
C SER A 90 6.32 1.67 -11.64
N HIS A 91 5.25 0.93 -11.36
CA HIS A 91 4.73 -0.07 -12.29
C HIS A 91 3.59 0.52 -13.14
N LEU A 92 2.71 1.26 -12.49
CA LEU A 92 1.57 1.87 -13.17
C LEU A 92 1.82 3.36 -13.41
N PRO A 93 2.37 3.74 -14.58
CA PRO A 93 2.65 5.13 -14.92
C PRO A 93 1.38 5.94 -15.11
N ASP A 94 0.30 5.27 -15.50
CA ASP A 94 -0.98 5.93 -15.73
C ASP A 94 -1.46 6.63 -14.46
N LEU A 95 -1.09 6.08 -13.32
CA LEU A 95 -1.49 6.65 -12.03
C LEU A 95 -0.69 7.91 -11.72
N LEU A 96 0.56 7.94 -12.18
CA LEU A 96 1.43 9.09 -11.95
C LEU A 96 2.21 9.43 -13.22
N SER A 97 1.91 10.60 -13.79
CA SER A 97 2.59 11.05 -15.00
C SER A 97 3.42 12.31 -14.73
N GLY A 98 3.90 12.93 -15.80
CA GLY A 98 4.70 14.14 -15.66
C GLY A 98 5.43 14.50 -16.92
N PRO A 99 6.35 13.63 -17.40
CA PRO A 99 7.12 13.87 -18.62
C PRO A 99 6.24 13.89 -19.87
N SER A 100 5.94 15.09 -20.36
CA SER A 100 5.11 15.24 -21.55
C SER A 100 5.23 16.65 -22.12
N SER A 101 5.20 17.64 -21.25
CA SER A 101 5.30 19.03 -21.67
C SER A 101 6.73 19.36 -22.12
N GLY A 102 7.68 19.17 -21.21
CA GLY A 102 9.07 19.45 -21.53
C GLY A 102 10.02 18.44 -20.93
N GLY A 1 13.08 -15.75 20.89
CA GLY A 1 12.41 -14.47 21.24
C GLY A 1 11.50 -13.98 20.13
N SER A 2 11.03 -12.74 20.26
CA SER A 2 10.14 -12.15 19.28
C SER A 2 10.21 -10.63 19.31
N SER A 3 9.62 -10.04 20.35
CA SER A 3 9.62 -8.59 20.49
C SER A 3 10.50 -8.16 21.67
N GLY A 4 11.06 -6.96 21.58
CA GLY A 4 11.91 -6.46 22.65
C GLY A 4 11.79 -4.96 22.82
N SER A 5 11.74 -4.51 24.07
CA SER A 5 11.62 -3.08 24.38
C SER A 5 10.31 -2.52 23.84
N SER A 6 10.28 -2.23 22.54
CA SER A 6 9.09 -1.68 21.91
C SER A 6 8.72 -0.34 22.53
N GLY A 7 7.94 0.45 21.80
CA GLY A 7 7.52 1.75 22.30
C GLY A 7 6.07 1.77 22.74
N SER A 8 5.74 2.70 23.63
CA SER A 8 4.38 2.82 24.14
C SER A 8 3.44 3.32 23.05
N SER A 9 3.84 4.38 22.36
CA SER A 9 3.03 4.94 21.29
C SER A 9 3.58 4.56 19.92
N ALA A 10 2.73 3.92 19.11
CA ALA A 10 3.13 3.50 17.77
C ALA A 10 2.05 3.83 16.74
N LEU A 11 0.86 3.28 16.95
CA LEU A 11 -0.26 3.52 16.04
C LEU A 11 -1.49 3.98 16.81
N SER A 12 -1.75 5.28 16.78
CA SER A 12 -2.90 5.86 17.47
C SER A 12 -3.61 6.87 16.58
N ARG A 13 -2.86 7.82 16.05
CA ARG A 13 -3.44 8.85 15.18
C ARG A 13 -3.07 8.59 13.73
N ASN A 14 -3.73 9.29 12.82
CA ASN A 14 -3.48 9.14 11.39
C ASN A 14 -2.01 9.43 11.06
N GLY A 15 -1.19 8.40 11.07
CA GLY A 15 0.22 8.57 10.76
C GLY A 15 0.88 7.28 10.31
N SER A 16 1.88 6.83 11.06
CA SER A 16 2.59 5.60 10.72
C SER A 16 3.24 5.70 9.35
N PHE A 17 3.75 4.57 8.85
CA PHE A 17 4.39 4.54 7.54
C PHE A 17 3.39 4.85 6.43
N ILE A 18 2.14 4.46 6.65
CA ILE A 18 1.08 4.69 5.67
C ILE A 18 -0.23 5.06 6.35
N THR A 19 -0.89 6.07 5.82
CA THR A 19 -2.17 6.53 6.38
C THR A 19 -3.34 5.91 5.62
N LYS A 20 -4.53 6.01 6.19
CA LYS A 20 -5.73 5.47 5.58
C LYS A 20 -6.14 6.30 4.37
N GLU A 21 -5.93 7.61 4.46
CA GLU A 21 -6.28 8.53 3.38
C GLU A 21 -5.53 8.16 2.10
N LYS A 22 -4.31 7.65 2.27
CA LYS A 22 -3.49 7.26 1.13
C LYS A 22 -4.04 6.01 0.45
N LYS A 23 -4.42 5.02 1.26
CA LYS A 23 -4.96 3.77 0.75
C LYS A 23 -6.22 4.03 -0.09
N ASP A 24 -6.95 5.07 0.27
CA ASP A 24 -8.17 5.42 -0.46
C ASP A 24 -7.84 5.95 -1.85
N THR A 25 -6.83 6.79 -1.94
CA THR A 25 -6.42 7.38 -3.20
C THR A 25 -5.94 6.29 -4.17
N VAL A 26 -5.18 5.34 -3.65
CA VAL A 26 -4.66 4.24 -4.46
C VAL A 26 -5.79 3.45 -5.11
N LEU A 27 -6.76 3.04 -4.30
CA LEU A 27 -7.90 2.29 -4.80
C LEU A 27 -8.82 3.16 -5.63
N ARG A 28 -8.81 4.46 -5.37
CA ARG A 28 -9.64 5.41 -6.10
C ARG A 28 -9.39 5.32 -7.60
N GLN A 29 -8.14 5.07 -7.98
CA GLN A 29 -7.77 4.95 -9.38
C GLN A 29 -8.25 3.62 -9.97
N VAL A 30 -8.24 2.58 -9.13
CA VAL A 30 -8.68 1.26 -9.57
C VAL A 30 -10.20 1.14 -9.53
N ARG A 31 -10.83 1.86 -8.61
CA ARG A 31 -12.27 1.83 -8.48
C ARG A 31 -12.95 2.44 -9.69
N LEU A 32 -12.32 3.46 -10.26
CA LEU A 32 -12.86 4.13 -11.44
C LEU A 32 -12.38 3.47 -12.73
N ASP A 33 -11.07 3.26 -12.82
CA ASP A 33 -10.48 2.62 -13.99
C ASP A 33 -9.69 1.37 -13.59
N PRO A 34 -10.03 0.21 -14.19
CA PRO A 34 -9.34 -1.05 -13.89
C PRO A 34 -7.91 -1.08 -14.42
N CYS A 35 -7.04 -1.81 -13.73
CA CYS A 35 -5.65 -1.91 -14.13
C CYS A 35 -5.00 -3.15 -13.52
N ASP A 36 -3.95 -3.66 -14.17
CA ASP A 36 -3.24 -4.83 -13.69
C ASP A 36 -2.51 -4.52 -12.39
N LEU A 37 -2.73 -5.37 -11.39
CA LEU A 37 -2.09 -5.19 -10.08
C LEU A 37 -1.34 -6.45 -9.67
N GLN A 38 -0.77 -7.15 -10.64
CA GLN A 38 -0.03 -8.37 -10.37
C GLN A 38 1.43 -8.06 -10.04
N PRO A 39 2.12 -7.29 -10.89
CA PRO A 39 3.52 -6.91 -10.67
C PRO A 39 3.74 -6.29 -9.30
N ILE A 40 2.67 -5.72 -8.74
CA ILE A 40 2.75 -5.09 -7.43
C ILE A 40 3.00 -6.12 -6.34
N PHE A 41 2.13 -7.12 -6.26
CA PHE A 41 2.26 -8.17 -5.26
C PHE A 41 3.44 -9.09 -5.58
N ASP A 42 3.68 -9.31 -6.87
CA ASP A 42 4.78 -10.16 -7.30
C ASP A 42 6.11 -9.67 -6.74
N ASP A 43 6.20 -8.38 -6.48
CA ASP A 43 7.42 -7.79 -5.94
C ASP A 43 7.36 -7.69 -4.43
N MET A 44 6.15 -7.52 -3.89
CA MET A 44 5.95 -7.41 -2.46
C MET A 44 5.90 -8.79 -1.79
N LEU A 45 5.62 -9.82 -2.58
CA LEU A 45 5.55 -11.19 -2.07
C LEU A 45 6.82 -11.56 -1.30
N HIS A 46 7.94 -10.95 -1.69
CA HIS A 46 9.21 -11.22 -1.05
C HIS A 46 9.26 -10.59 0.34
N PHE A 47 8.62 -9.43 0.49
CA PHE A 47 8.60 -8.74 1.77
C PHE A 47 7.58 -9.36 2.71
N LEU A 48 6.46 -9.81 2.15
CA LEU A 48 5.41 -10.44 2.94
C LEU A 48 5.88 -11.76 3.54
N ASN A 49 5.24 -12.17 4.63
CA ASN A 49 5.59 -13.42 5.30
C ASN A 49 4.55 -14.49 5.03
N PRO A 50 4.91 -15.77 5.28
CA PRO A 50 3.98 -16.89 5.06
C PRO A 50 2.65 -16.70 5.77
N GLU A 51 2.70 -16.11 6.97
CA GLU A 51 1.50 -15.87 7.75
C GLU A 51 0.70 -14.70 7.19
N GLU A 52 1.41 -13.64 6.79
CA GLU A 52 0.77 -12.45 6.23
C GLU A 52 0.06 -12.79 4.92
N LEU A 53 0.65 -13.69 4.16
CA LEU A 53 0.07 -14.11 2.88
C LEU A 53 -1.27 -14.81 3.08
N ARG A 54 -1.44 -15.45 4.24
CA ARG A 54 -2.66 -16.16 4.54
C ARG A 54 -3.86 -15.21 4.55
N VAL A 55 -3.74 -14.11 5.29
CA VAL A 55 -4.81 -13.13 5.39
C VAL A 55 -5.12 -12.52 4.02
N ILE A 56 -4.10 -12.38 3.20
CA ILE A 56 -4.25 -11.80 1.86
C ILE A 56 -4.76 -12.85 0.88
N GLU A 57 -4.39 -14.11 1.11
CA GLU A 57 -4.81 -15.20 0.24
C GLU A 57 -6.32 -15.41 0.31
N GLU A 58 -6.90 -15.18 1.49
CA GLU A 58 -8.33 -15.34 1.70
C GLU A 58 -9.12 -14.44 0.76
N ILE A 59 -8.53 -13.30 0.40
CA ILE A 59 -9.19 -12.35 -0.49
C ILE A 59 -8.88 -12.67 -1.95
N PRO A 60 -9.88 -13.17 -2.71
CA PRO A 60 -9.71 -13.52 -4.12
C PRO A 60 -9.62 -12.29 -5.01
N GLN A 61 -10.47 -11.30 -4.74
CA GLN A 61 -10.48 -10.07 -5.53
C GLN A 61 -9.13 -9.37 -5.46
N ALA A 62 -8.77 -8.69 -6.55
CA ALA A 62 -7.50 -7.98 -6.61
C ALA A 62 -7.62 -6.60 -5.98
N GLU A 63 -8.78 -5.97 -6.13
CA GLU A 63 -9.02 -4.65 -5.57
C GLU A 63 -8.95 -4.69 -4.05
N ASP A 64 -9.63 -5.65 -3.46
CA ASP A 64 -9.66 -5.80 -2.00
C ASP A 64 -8.31 -6.30 -1.49
N LYS A 65 -7.62 -7.09 -2.31
CA LYS A 65 -6.33 -7.63 -1.94
C LYS A 65 -5.33 -6.51 -1.65
N LEU A 66 -5.34 -5.47 -2.49
CA LEU A 66 -4.46 -4.34 -2.33
C LEU A 66 -4.66 -3.66 -0.99
N ASP A 67 -5.92 -3.57 -0.57
CA ASP A 67 -6.26 -2.93 0.70
C ASP A 67 -5.61 -3.67 1.86
N ARG A 68 -5.48 -4.99 1.73
CA ARG A 68 -4.88 -5.81 2.76
C ARG A 68 -3.36 -5.60 2.81
N LEU A 69 -2.77 -5.41 1.64
CA LEU A 69 -1.33 -5.21 1.54
C LEU A 69 -0.90 -3.97 2.32
N PHE A 70 -1.54 -2.84 2.02
CA PHE A 70 -1.23 -1.58 2.69
C PHE A 70 -1.44 -1.71 4.20
N GLU A 71 -2.39 -2.55 4.59
CA GLU A 71 -2.70 -2.76 6.00
C GLU A 71 -1.50 -3.38 6.74
N ILE A 72 -0.90 -4.40 6.11
CA ILE A 72 0.25 -5.07 6.71
C ILE A 72 1.53 -4.29 6.46
N ILE A 73 1.78 -3.96 5.19
CA ILE A 73 2.98 -3.21 4.82
C ILE A 73 2.98 -1.83 5.48
N GLY A 74 1.80 -1.28 5.71
CA GLY A 74 1.69 0.03 6.32
C GLY A 74 2.23 0.05 7.74
N VAL A 75 2.20 -1.10 8.40
CA VAL A 75 2.70 -1.21 9.76
C VAL A 75 3.86 -2.21 9.86
N LYS A 76 4.63 -2.30 8.77
CA LYS A 76 5.77 -3.21 8.73
C LYS A 76 7.07 -2.45 8.94
N SER A 77 7.43 -1.62 7.97
CA SER A 77 8.66 -0.83 8.04
C SER A 77 8.77 0.11 6.85
N GLN A 78 9.70 1.06 6.94
CA GLN A 78 9.90 2.03 5.88
C GLN A 78 10.49 1.37 4.63
N GLU A 79 11.18 0.26 4.82
CA GLU A 79 11.79 -0.47 3.71
C GLU A 79 10.73 -1.09 2.82
N ALA A 80 9.58 -1.43 3.41
CA ALA A 80 8.49 -2.04 2.65
C ALA A 80 7.43 -1.00 2.30
N SER A 81 7.16 -0.09 3.23
CA SER A 81 6.17 0.96 3.02
C SER A 81 6.58 1.86 1.86
N GLN A 82 7.79 2.41 1.93
CA GLN A 82 8.29 3.29 0.88
C GLN A 82 8.33 2.58 -0.46
N THR A 83 8.53 1.27 -0.43
CA THR A 83 8.60 0.47 -1.64
C THR A 83 7.20 0.13 -2.15
N LEU A 84 6.25 0.01 -1.23
CA LEU A 84 4.88 -0.31 -1.58
C LEU A 84 4.23 0.83 -2.34
N LEU A 85 4.48 2.06 -1.88
CA LEU A 85 3.91 3.24 -2.52
C LEU A 85 4.62 3.55 -3.83
N ASP A 86 5.92 3.24 -3.90
CA ASP A 86 6.71 3.49 -5.10
C ASP A 86 6.48 2.39 -6.13
N SER A 87 6.31 1.16 -5.65
CA SER A 87 6.08 0.03 -6.54
C SER A 87 4.82 0.22 -7.37
N VAL A 88 3.78 0.74 -6.73
CA VAL A 88 2.51 0.98 -7.41
C VAL A 88 2.68 1.96 -8.57
N TYR A 89 3.19 3.14 -8.27
CA TYR A 89 3.40 4.17 -9.27
C TYR A 89 4.51 3.77 -10.24
N SER A 90 5.47 3.00 -9.74
CA SER A 90 6.59 2.54 -10.56
C SER A 90 6.14 1.52 -11.59
N HIS A 91 5.21 0.66 -11.19
CA HIS A 91 4.69 -0.38 -12.08
C HIS A 91 3.52 0.16 -12.91
N LEU A 92 2.72 1.03 -12.29
CA LEU A 92 1.57 1.61 -12.98
C LEU A 92 1.78 3.09 -13.25
N PRO A 93 2.42 3.43 -14.40
CA PRO A 93 2.69 4.81 -14.78
C PRO A 93 1.43 5.54 -15.21
N ASP A 94 0.48 4.80 -15.78
CA ASP A 94 -0.78 5.39 -16.24
C ASP A 94 -1.51 6.06 -15.10
N LEU A 95 -1.36 5.52 -13.89
CA LEU A 95 -2.02 6.08 -12.71
C LEU A 95 -1.51 7.48 -12.42
N LEU A 96 -0.23 7.71 -12.71
CA LEU A 96 0.37 9.02 -12.47
C LEU A 96 1.83 9.05 -12.94
N SER A 97 2.31 10.23 -13.31
CA SER A 97 3.68 10.38 -13.77
C SER A 97 3.91 9.56 -15.04
N GLY A 98 5.01 9.85 -15.73
CA GLY A 98 5.34 9.12 -16.95
C GLY A 98 5.79 10.04 -18.06
N PRO A 99 6.37 9.48 -19.14
CA PRO A 99 6.86 10.28 -20.28
C PRO A 99 5.79 11.23 -20.82
N SER A 100 6.20 12.12 -21.70
CA SER A 100 5.29 13.09 -22.30
C SER A 100 5.95 13.84 -23.45
N SER A 101 5.16 14.59 -24.19
CA SER A 101 5.67 15.36 -25.32
C SER A 101 6.09 16.76 -24.89
N GLY A 102 5.17 17.47 -24.23
CA GLY A 102 5.47 18.81 -23.77
C GLY A 102 5.77 19.76 -24.90
N GLY A 1 -27.25 -1.10 16.50
CA GLY A 1 -26.13 -1.57 15.65
C GLY A 1 -24.99 -2.15 16.47
N SER A 2 -24.08 -2.84 15.78
CA SER A 2 -22.94 -3.46 16.45
C SER A 2 -21.63 -3.04 15.79
N SER A 3 -21.56 -3.18 14.47
CA SER A 3 -20.37 -2.81 13.71
C SER A 3 -20.17 -1.30 13.71
N GLY A 4 -18.93 -0.88 13.51
CA GLY A 4 -18.63 0.54 13.49
C GLY A 4 -17.74 0.96 14.64
N SER A 5 -16.85 0.07 15.07
CA SER A 5 -15.94 0.35 16.17
C SER A 5 -14.56 0.72 15.65
N SER A 6 -13.64 0.98 16.58
CA SER A 6 -12.27 1.35 16.22
C SER A 6 -11.58 0.20 15.47
N GLY A 7 -10.67 0.55 14.57
CA GLY A 7 -9.96 -0.45 13.81
C GLY A 7 -8.52 -0.62 14.27
N SER A 8 -8.34 -0.90 15.56
CA SER A 8 -7.01 -1.08 16.13
C SER A 8 -6.20 0.21 16.04
N SER A 9 -5.73 0.70 17.18
CA SER A 9 -4.95 1.92 17.23
C SER A 9 -3.67 1.78 16.41
N ALA A 10 -3.14 2.91 15.95
CA ALA A 10 -1.90 2.90 15.16
C ALA A 10 -1.16 4.23 15.30
N LEU A 11 -1.89 5.33 15.17
CA LEU A 11 -1.30 6.66 15.28
C LEU A 11 -1.63 7.29 16.63
N SER A 12 -0.60 7.65 17.38
CA SER A 12 -0.79 8.27 18.69
C SER A 12 0.41 9.16 19.05
N ARG A 13 1.56 8.54 19.24
CA ARG A 13 2.77 9.26 19.60
C ARG A 13 3.74 9.33 18.40
N ASN A 14 4.31 8.18 18.05
CA ASN A 14 5.24 8.12 16.94
C ASN A 14 5.38 6.67 16.43
N GLY A 15 4.90 6.43 15.22
CA GLY A 15 4.98 5.09 14.65
C GLY A 15 3.93 4.86 13.58
N SER A 16 4.17 5.39 12.39
CA SER A 16 3.24 5.24 11.28
C SER A 16 3.95 5.39 9.94
N PHE A 17 3.52 4.61 8.95
CA PHE A 17 4.11 4.66 7.62
C PHE A 17 3.05 4.88 6.56
N ILE A 18 1.96 4.11 6.65
CA ILE A 18 0.87 4.21 5.70
C ILE A 18 -0.46 4.48 6.41
N THR A 19 -1.19 5.47 5.92
CA THR A 19 -2.49 5.83 6.51
C THR A 19 -3.64 5.30 5.66
N LYS A 20 -4.86 5.62 6.06
CA LYS A 20 -6.04 5.17 5.34
C LYS A 20 -6.29 6.04 4.11
N GLU A 21 -5.97 7.33 4.23
CA GLU A 21 -6.15 8.27 3.13
C GLU A 21 -5.27 7.90 1.95
N LYS A 22 -4.11 7.32 2.24
CA LYS A 22 -3.17 6.92 1.19
C LYS A 22 -3.70 5.69 0.44
N LYS A 23 -4.25 4.75 1.18
CA LYS A 23 -4.78 3.53 0.58
C LYS A 23 -6.00 3.83 -0.29
N ASP A 24 -6.82 4.77 0.16
CA ASP A 24 -8.02 5.15 -0.57
C ASP A 24 -7.67 5.67 -1.95
N THR A 25 -6.70 6.57 -2.01
CA THR A 25 -6.26 7.16 -3.28
C THR A 25 -5.78 6.08 -4.24
N VAL A 26 -5.25 4.99 -3.69
CA VAL A 26 -4.75 3.89 -4.50
C VAL A 26 -5.90 3.13 -5.16
N LEU A 27 -6.92 2.80 -4.37
CA LEU A 27 -8.08 2.08 -4.88
C LEU A 27 -9.01 3.01 -5.66
N ARG A 28 -9.04 4.28 -5.27
CA ARG A 28 -9.88 5.27 -5.93
C ARG A 28 -9.52 5.39 -7.41
N GLN A 29 -8.25 5.17 -7.72
CA GLN A 29 -7.77 5.26 -9.10
C GLN A 29 -8.07 3.98 -9.86
N VAL A 30 -8.06 2.85 -9.14
CA VAL A 30 -8.34 1.55 -9.74
C VAL A 30 -9.82 1.37 -10.00
N ARG A 31 -10.64 1.84 -9.06
CA ARG A 31 -12.09 1.71 -9.19
C ARG A 31 -12.59 2.44 -10.43
N LEU A 32 -11.91 3.52 -10.81
CA LEU A 32 -12.28 4.29 -11.98
C LEU A 32 -11.87 3.57 -13.26
N ASP A 33 -10.57 3.43 -13.47
CA ASP A 33 -10.04 2.77 -14.65
C ASP A 33 -9.25 1.52 -14.27
N PRO A 34 -9.93 0.36 -14.15
CA PRO A 34 -9.28 -0.90 -13.79
C PRO A 34 -8.09 -1.21 -14.69
N CYS A 35 -6.91 -1.31 -14.08
CA CYS A 35 -5.69 -1.60 -14.82
C CYS A 35 -5.14 -2.98 -14.45
N ASP A 36 -4.54 -3.08 -13.27
CA ASP A 36 -3.96 -4.33 -12.79
C ASP A 36 -3.39 -4.17 -11.39
N LEU A 37 -3.15 -5.30 -10.72
CA LEU A 37 -2.60 -5.27 -9.38
C LEU A 37 -1.68 -6.47 -9.14
N GLN A 38 -1.13 -7.00 -10.22
CA GLN A 38 -0.22 -8.15 -10.13
C GLN A 38 1.23 -7.70 -9.94
N PRO A 39 1.72 -6.80 -10.79
CA PRO A 39 3.09 -6.29 -10.71
C PRO A 39 3.43 -5.77 -9.31
N ILE A 40 2.41 -5.31 -8.60
CA ILE A 40 2.60 -4.79 -7.26
C ILE A 40 2.73 -5.91 -6.23
N PHE A 41 2.10 -7.04 -6.53
CA PHE A 41 2.14 -8.19 -5.62
C PHE A 41 3.35 -9.07 -5.93
N ASP A 42 3.56 -9.36 -7.20
CA ASP A 42 4.69 -10.19 -7.62
C ASP A 42 6.02 -9.59 -7.20
N ASP A 43 6.02 -8.28 -6.94
CA ASP A 43 7.24 -7.59 -6.52
C ASP A 43 7.27 -7.38 -5.00
N MET A 44 6.09 -7.27 -4.41
CA MET A 44 5.98 -7.05 -2.97
C MET A 44 5.92 -8.39 -2.22
N LEU A 45 5.58 -9.46 -2.93
CA LEU A 45 5.48 -10.79 -2.32
C LEU A 45 6.76 -11.14 -1.57
N HIS A 46 7.88 -10.61 -2.03
CA HIS A 46 9.17 -10.88 -1.40
C HIS A 46 9.23 -10.24 0.00
N PHE A 47 8.53 -9.13 0.16
CA PHE A 47 8.51 -8.43 1.44
C PHE A 47 7.55 -9.11 2.42
N LEU A 48 6.43 -9.60 1.89
CA LEU A 48 5.44 -10.27 2.71
C LEU A 48 5.92 -11.66 3.13
N ASN A 49 5.30 -12.21 4.18
CA ASN A 49 5.66 -13.53 4.67
C ASN A 49 4.49 -14.50 4.52
N PRO A 50 4.76 -15.82 4.67
CA PRO A 50 3.73 -16.85 4.56
C PRO A 50 2.53 -16.57 5.46
N GLU A 51 2.81 -16.06 6.67
CA GLU A 51 1.76 -15.75 7.63
C GLU A 51 0.94 -14.54 7.18
N GLU A 52 1.63 -13.53 6.65
CA GLU A 52 0.97 -12.32 6.18
C GLU A 52 0.12 -12.60 4.95
N LEU A 53 0.60 -13.51 4.11
CA LEU A 53 -0.11 -13.88 2.88
C LEU A 53 -1.43 -14.56 3.21
N ARG A 54 -1.48 -15.25 4.35
CA ARG A 54 -2.69 -15.94 4.77
C ARG A 54 -3.86 -14.99 4.91
N VAL A 55 -3.58 -13.78 5.40
CA VAL A 55 -4.60 -12.77 5.58
C VAL A 55 -5.07 -12.21 4.24
N ILE A 56 -4.17 -12.18 3.27
CA ILE A 56 -4.49 -11.66 1.94
C ILE A 56 -5.09 -12.76 1.06
N GLU A 57 -4.67 -14.00 1.30
CA GLU A 57 -5.16 -15.13 0.52
C GLU A 57 -6.68 -15.27 0.67
N GLU A 58 -7.19 -14.91 1.84
CA GLU A 58 -8.62 -14.99 2.11
C GLU A 58 -9.41 -14.09 1.16
N ILE A 59 -8.80 -12.98 0.77
CA ILE A 59 -9.44 -12.03 -0.13
C ILE A 59 -9.43 -12.55 -1.57
N PRO A 60 -10.61 -12.90 -2.12
CA PRO A 60 -10.72 -13.41 -3.49
C PRO A 60 -10.51 -12.32 -4.53
N GLN A 61 -11.13 -11.17 -4.31
CA GLN A 61 -11.01 -10.05 -5.24
C GLN A 61 -9.62 -9.44 -5.18
N ALA A 62 -9.21 -8.80 -6.28
CA ALA A 62 -7.89 -8.18 -6.36
C ALA A 62 -7.93 -6.76 -5.79
N GLU A 63 -9.02 -6.05 -6.04
CA GLU A 63 -9.17 -4.69 -5.55
C GLU A 63 -9.08 -4.64 -4.03
N ASP A 64 -9.58 -5.68 -3.38
CA ASP A 64 -9.56 -5.76 -1.93
C ASP A 64 -8.21 -6.27 -1.42
N LYS A 65 -7.54 -7.07 -2.24
CA LYS A 65 -6.25 -7.63 -1.88
C LYS A 65 -5.24 -6.52 -1.59
N LEU A 66 -5.25 -5.48 -2.43
CA LEU A 66 -4.34 -4.37 -2.26
C LEU A 66 -4.59 -3.65 -0.93
N ASP A 67 -5.87 -3.56 -0.54
CA ASP A 67 -6.24 -2.91 0.70
C ASP A 67 -5.59 -3.60 1.90
N ARG A 68 -5.37 -4.90 1.78
CA ARG A 68 -4.75 -5.68 2.85
C ARG A 68 -3.23 -5.61 2.77
N LEU A 69 -2.71 -5.55 1.55
CA LEU A 69 -1.28 -5.49 1.33
C LEU A 69 -0.68 -4.25 2.00
N PHE A 70 -1.47 -3.19 2.09
CA PHE A 70 -1.01 -1.94 2.70
C PHE A 70 -1.25 -1.97 4.22
N GLU A 71 -2.25 -2.73 4.64
CA GLU A 71 -2.59 -2.83 6.06
C GLU A 71 -1.46 -3.52 6.83
N ILE A 72 -0.89 -4.56 6.25
CA ILE A 72 0.19 -5.30 6.89
C ILE A 72 1.51 -4.53 6.79
N ILE A 73 1.89 -4.17 5.58
CA ILE A 73 3.13 -3.43 5.35
C ILE A 73 3.04 -2.02 5.92
N GLY A 74 1.82 -1.49 5.99
CA GLY A 74 1.63 -0.15 6.51
C GLY A 74 2.18 0.02 7.92
N VAL A 75 2.27 -1.08 8.65
CA VAL A 75 2.79 -1.05 10.02
C VAL A 75 4.01 -1.94 10.16
N LYS A 76 4.86 -1.96 9.14
CA LYS A 76 6.07 -2.78 9.15
C LYS A 76 7.31 -1.92 9.30
N SER A 77 7.63 -1.15 8.26
CA SER A 77 8.79 -0.27 8.27
C SER A 77 8.88 0.53 6.98
N GLN A 78 9.68 1.60 7.01
CA GLN A 78 9.85 2.45 5.84
C GLN A 78 10.50 1.67 4.69
N GLU A 79 11.32 0.69 5.04
CA GLU A 79 12.01 -0.12 4.03
C GLU A 79 11.00 -0.87 3.16
N ALA A 80 9.85 -1.19 3.73
CA ALA A 80 8.80 -1.91 3.00
C ALA A 80 7.66 -0.98 2.63
N SER A 81 7.23 -0.16 3.58
CA SER A 81 6.14 0.78 3.35
C SER A 81 6.47 1.74 2.20
N GLN A 82 7.76 2.07 2.07
CA GLN A 82 8.21 2.98 1.02
C GLN A 82 8.18 2.29 -0.34
N THR A 83 8.76 1.10 -0.41
CA THR A 83 8.80 0.34 -1.65
C THR A 83 7.39 0.03 -2.15
N LEU A 84 6.50 -0.32 -1.22
CA LEU A 84 5.12 -0.64 -1.57
C LEU A 84 4.45 0.55 -2.25
N LEU A 85 4.42 1.69 -1.56
CA LEU A 85 3.81 2.90 -2.10
C LEU A 85 4.45 3.31 -3.41
N ASP A 86 5.73 2.98 -3.58
CA ASP A 86 6.45 3.31 -4.79
C ASP A 86 6.17 2.30 -5.90
N SER A 87 6.06 1.04 -5.52
CA SER A 87 5.79 -0.02 -6.48
C SER A 87 4.49 0.23 -7.24
N VAL A 88 3.55 0.90 -6.58
CA VAL A 88 2.27 1.22 -7.19
C VAL A 88 2.44 2.07 -8.44
N TYR A 89 3.09 3.22 -8.29
CA TYR A 89 3.33 4.12 -9.40
C TYR A 89 4.47 3.62 -10.29
N SER A 90 5.41 2.93 -9.67
CA SER A 90 6.56 2.39 -10.40
C SER A 90 6.13 1.32 -11.39
N HIS A 91 5.06 0.60 -11.06
CA HIS A 91 4.54 -0.45 -11.92
C HIS A 91 3.46 0.09 -12.85
N LEU A 92 2.57 0.90 -12.29
CA LEU A 92 1.48 1.48 -13.06
C LEU A 92 1.64 2.99 -13.18
N PRO A 93 2.38 3.46 -14.20
CA PRO A 93 2.61 4.90 -14.42
C PRO A 93 1.34 5.63 -14.86
N ASP A 94 0.43 4.89 -15.50
CA ASP A 94 -0.82 5.46 -15.97
C ASP A 94 -1.66 5.99 -14.81
N LEU A 95 -1.45 5.40 -13.63
CA LEU A 95 -2.20 5.82 -12.44
C LEU A 95 -2.00 7.30 -12.15
N LEU A 96 -0.80 7.80 -12.42
CA LEU A 96 -0.49 9.20 -12.20
C LEU A 96 0.83 9.58 -12.88
N SER A 97 0.99 10.87 -13.16
CA SER A 97 2.20 11.37 -13.80
C SER A 97 3.08 12.11 -12.81
N GLY A 98 3.04 11.67 -11.55
CA GLY A 98 3.84 12.31 -10.52
C GLY A 98 3.08 12.48 -9.21
N PRO A 99 3.62 11.96 -8.10
CA PRO A 99 2.96 12.07 -6.79
C PRO A 99 2.64 13.51 -6.43
N SER A 100 1.90 13.69 -5.33
CA SER A 100 1.52 15.02 -4.88
C SER A 100 2.62 15.65 -4.03
N SER A 101 2.74 16.97 -4.11
CA SER A 101 3.76 17.69 -3.34
C SER A 101 3.49 17.58 -1.85
N GLY A 102 4.29 16.77 -1.16
CA GLY A 102 4.12 16.60 0.27
C GLY A 102 3.57 15.23 0.64
N GLY A 1 -14.29 24.53 8.36
CA GLY A 1 -14.53 23.67 9.54
C GLY A 1 -13.50 23.89 10.64
N SER A 2 -12.49 23.03 10.69
CA SER A 2 -11.44 23.13 11.70
C SER A 2 -10.12 23.54 11.05
N SER A 3 -9.07 23.62 11.88
CA SER A 3 -7.75 24.01 11.39
C SER A 3 -6.69 23.02 11.88
N GLY A 4 -5.90 22.49 10.95
CA GLY A 4 -4.86 21.55 11.32
C GLY A 4 -5.02 20.22 10.61
N SER A 5 -5.14 20.25 9.29
CA SER A 5 -5.30 19.04 8.50
C SER A 5 -4.01 18.22 8.50
N SER A 6 -4.15 16.90 8.65
CA SER A 6 -3.00 16.01 8.67
C SER A 6 -2.06 16.35 9.82
N GLY A 7 -2.11 15.55 10.87
CA GLY A 7 -1.26 15.79 12.02
C GLY A 7 0.15 15.26 11.82
N SER A 8 0.53 14.27 12.61
CA SER A 8 1.87 13.68 12.51
C SER A 8 1.78 12.16 12.43
N SER A 9 0.97 11.57 13.32
CA SER A 9 0.81 10.12 13.34
C SER A 9 -0.66 9.74 13.21
N ALA A 10 -0.93 8.44 13.20
CA ALA A 10 -2.29 7.94 13.08
C ALA A 10 -2.42 6.53 13.65
N LEU A 11 -1.58 5.63 13.15
CA LEU A 11 -1.59 4.24 13.60
C LEU A 11 -0.48 3.99 14.62
N SER A 12 0.76 4.07 14.15
CA SER A 12 1.92 3.86 15.01
C SER A 12 2.39 5.17 15.63
N ARG A 13 2.57 5.16 16.95
CA ARG A 13 3.03 6.36 17.67
C ARG A 13 4.42 6.76 17.21
N ASN A 14 4.77 8.02 17.46
CA ASN A 14 6.08 8.54 17.08
C ASN A 14 6.28 8.46 15.58
N GLY A 15 5.18 8.58 14.83
CA GLY A 15 5.26 8.54 13.39
C GLY A 15 4.79 7.20 12.83
N SER A 16 4.16 7.24 11.66
CA SER A 16 3.66 6.02 11.03
C SER A 16 4.28 5.84 9.65
N PHE A 17 4.02 4.67 9.04
CA PHE A 17 4.56 4.38 7.72
C PHE A 17 3.53 4.66 6.64
N ILE A 18 2.26 4.37 6.94
CA ILE A 18 1.18 4.58 5.99
C ILE A 18 -0.09 5.01 6.71
N THR A 19 -0.83 5.94 6.09
CA THR A 19 -2.07 6.44 6.67
C THR A 19 -3.28 5.87 5.93
N LYS A 20 -4.47 6.28 6.35
CA LYS A 20 -5.70 5.81 5.74
C LYS A 20 -5.99 6.56 4.43
N GLU A 21 -5.53 7.81 4.37
CA GLU A 21 -5.73 8.64 3.18
C GLU A 21 -4.89 8.13 2.01
N LYS A 22 -3.69 7.62 2.33
CA LYS A 22 -2.78 7.11 1.31
C LYS A 22 -3.43 5.96 0.54
N LYS A 23 -4.30 5.21 1.20
CA LYS A 23 -4.98 4.08 0.58
C LYS A 23 -6.20 4.55 -0.21
N ASP A 24 -6.74 5.71 0.16
CA ASP A 24 -7.91 6.26 -0.51
C ASP A 24 -7.55 6.78 -1.89
N THR A 25 -6.31 7.22 -2.06
CA THR A 25 -5.85 7.75 -3.34
C THR A 25 -5.41 6.62 -4.26
N VAL A 26 -4.77 5.61 -3.70
CA VAL A 26 -4.30 4.47 -4.47
C VAL A 26 -5.45 3.72 -5.12
N LEU A 27 -6.34 3.16 -4.28
CA LEU A 27 -7.49 2.42 -4.79
C LEU A 27 -8.36 3.28 -5.69
N ARG A 28 -8.29 4.60 -5.49
CA ARG A 28 -9.08 5.53 -6.29
C ARG A 28 -8.79 5.35 -7.77
N GLN A 29 -7.52 5.49 -8.14
CA GLN A 29 -7.11 5.35 -9.54
C GLN A 29 -7.40 3.95 -10.06
N VAL A 30 -7.37 2.97 -9.15
CA VAL A 30 -7.64 1.59 -9.52
C VAL A 30 -9.13 1.35 -9.77
N ARG A 31 -9.96 1.94 -8.91
CA ARG A 31 -11.40 1.80 -9.03
C ARG A 31 -11.92 2.44 -10.32
N LEU A 32 -11.23 3.49 -10.75
CA LEU A 32 -11.62 4.21 -11.97
C LEU A 32 -11.43 3.32 -13.19
N ASP A 33 -10.21 2.85 -13.40
CA ASP A 33 -9.90 1.99 -14.53
C ASP A 33 -8.73 1.06 -14.22
N PRO A 34 -9.01 -0.12 -13.63
CA PRO A 34 -7.97 -1.08 -13.27
C PRO A 34 -7.39 -1.79 -14.50
N CYS A 35 -6.09 -2.01 -14.49
CA CYS A 35 -5.41 -2.67 -15.60
C CYS A 35 -4.82 -4.01 -15.16
N ASP A 36 -3.81 -3.95 -14.30
CA ASP A 36 -3.16 -5.15 -13.79
C ASP A 36 -2.43 -4.86 -12.49
N LEU A 37 -2.90 -5.46 -11.41
CA LEU A 37 -2.28 -5.27 -10.09
C LEU A 37 -1.49 -6.50 -9.68
N GLN A 38 -0.79 -7.10 -10.64
CA GLN A 38 0.01 -8.29 -10.38
C GLN A 38 1.43 -7.92 -9.97
N PRO A 39 2.12 -7.08 -10.78
CA PRO A 39 3.48 -6.66 -10.48
C PRO A 39 3.62 -6.03 -9.11
N ILE A 40 2.53 -5.45 -8.62
CA ILE A 40 2.52 -4.82 -7.30
C ILE A 40 2.56 -5.85 -6.19
N PHE A 41 1.99 -7.03 -6.45
CA PHE A 41 1.96 -8.09 -5.47
C PHE A 41 3.20 -8.99 -5.59
N ASP A 42 3.59 -9.28 -6.83
CA ASP A 42 4.75 -10.12 -7.08
C ASP A 42 6.01 -9.52 -6.47
N ASP A 43 6.03 -8.20 -6.34
CA ASP A 43 7.19 -7.50 -5.78
C ASP A 43 7.06 -7.38 -4.27
N MET A 44 5.83 -7.31 -3.78
CA MET A 44 5.58 -7.19 -2.35
C MET A 44 5.51 -8.56 -1.68
N LEU A 45 5.25 -9.60 -2.47
CA LEU A 45 5.16 -10.96 -1.96
C LEU A 45 6.42 -11.33 -1.18
N HIS A 46 7.58 -11.03 -1.75
CA HIS A 46 8.86 -11.35 -1.13
C HIS A 46 9.00 -10.61 0.20
N PHE A 47 8.37 -9.44 0.30
CA PHE A 47 8.44 -8.64 1.51
C PHE A 47 7.54 -9.21 2.59
N LEU A 48 6.44 -9.84 2.19
CA LEU A 48 5.50 -10.44 3.12
C LEU A 48 5.99 -11.81 3.59
N ASN A 49 5.39 -12.31 4.66
CA ASN A 49 5.77 -13.61 5.20
C ASN A 49 4.71 -14.67 4.88
N PRO A 50 5.08 -15.96 4.95
CA PRO A 50 4.15 -17.06 4.66
C PRO A 50 2.86 -16.95 5.46
N GLU A 51 2.97 -16.54 6.72
CA GLU A 51 1.81 -16.40 7.59
C GLU A 51 0.99 -15.17 7.19
N GLU A 52 1.66 -14.15 6.68
CA GLU A 52 1.00 -12.92 6.27
C GLU A 52 0.30 -13.10 4.93
N LEU A 53 0.93 -13.86 4.04
CA LEU A 53 0.37 -14.10 2.71
C LEU A 53 -0.93 -14.89 2.82
N ARG A 54 -1.00 -15.80 3.78
CA ARG A 54 -2.19 -16.63 3.98
C ARG A 54 -3.40 -15.76 4.33
N VAL A 55 -3.13 -14.63 4.99
CA VAL A 55 -4.19 -13.72 5.40
C VAL A 55 -4.76 -12.97 4.20
N ILE A 56 -3.91 -12.72 3.20
CA ILE A 56 -4.33 -12.01 1.99
C ILE A 56 -4.86 -12.98 0.94
N GLU A 57 -4.30 -14.18 0.92
CA GLU A 57 -4.71 -15.20 -0.04
C GLU A 57 -6.20 -15.54 0.13
N GLU A 58 -6.69 -15.40 1.35
CA GLU A 58 -8.09 -15.69 1.64
C GLU A 58 -9.02 -14.83 0.79
N ILE A 59 -8.70 -13.53 0.70
CA ILE A 59 -9.50 -12.61 -0.08
C ILE A 59 -9.54 -13.01 -1.56
N PRO A 60 -10.72 -13.40 -2.07
CA PRO A 60 -10.88 -13.82 -3.46
C PRO A 60 -10.77 -12.64 -4.43
N GLN A 61 -11.39 -11.52 -4.07
CA GLN A 61 -11.36 -10.34 -4.91
C GLN A 61 -9.94 -9.82 -5.08
N ALA A 62 -9.77 -8.83 -5.95
CA ALA A 62 -8.46 -8.24 -6.21
C ALA A 62 -8.35 -6.85 -5.58
N GLU A 63 -9.38 -6.03 -5.78
CA GLU A 63 -9.39 -4.68 -5.24
C GLU A 63 -9.27 -4.70 -3.72
N ASP A 64 -9.80 -5.75 -3.10
CA ASP A 64 -9.74 -5.89 -1.65
C ASP A 64 -8.40 -6.47 -1.21
N LYS A 65 -7.80 -7.28 -2.08
CA LYS A 65 -6.52 -7.90 -1.77
C LYS A 65 -5.45 -6.85 -1.47
N LEU A 66 -5.43 -5.79 -2.27
CA LEU A 66 -4.47 -4.70 -2.08
C LEU A 66 -4.71 -3.99 -0.76
N ASP A 67 -5.96 -3.93 -0.35
CA ASP A 67 -6.33 -3.27 0.90
C ASP A 67 -5.63 -3.92 2.09
N ARG A 68 -5.40 -5.22 2.00
CA ARG A 68 -4.73 -5.96 3.06
C ARG A 68 -3.22 -5.75 3.01
N LEU A 69 -2.69 -5.54 1.81
CA LEU A 69 -1.27 -5.32 1.63
C LEU A 69 -0.80 -4.10 2.41
N PHE A 70 -1.66 -3.09 2.51
CA PHE A 70 -1.34 -1.87 3.22
C PHE A 70 -1.55 -2.04 4.72
N GLU A 71 -2.49 -2.91 5.09
CA GLU A 71 -2.79 -3.16 6.48
C GLU A 71 -1.65 -3.89 7.18
N ILE A 72 -0.96 -4.74 6.43
CA ILE A 72 0.16 -5.51 6.97
C ILE A 72 1.47 -4.73 6.86
N ILE A 73 1.77 -4.27 5.64
CA ILE A 73 2.99 -3.51 5.39
C ILE A 73 2.91 -2.13 6.03
N GLY A 74 1.70 -1.60 6.13
CA GLY A 74 1.50 -0.29 6.72
C GLY A 74 2.10 -0.18 8.12
N VAL A 75 2.22 -1.31 8.80
CA VAL A 75 2.77 -1.33 10.14
C VAL A 75 4.04 -2.18 10.20
N LYS A 76 4.79 -2.19 9.10
CA LYS A 76 6.03 -2.95 9.03
C LYS A 76 7.24 -2.05 9.20
N SER A 77 7.56 -1.30 8.16
CA SER A 77 8.70 -0.38 8.20
C SER A 77 8.58 0.70 7.14
N GLN A 78 9.56 1.59 7.08
CA GLN A 78 9.56 2.67 6.11
C GLN A 78 10.02 2.18 4.73
N GLU A 79 10.85 1.14 4.73
CA GLU A 79 11.36 0.58 3.48
C GLU A 79 10.24 -0.10 2.68
N ALA A 80 9.55 -1.03 3.32
CA ALA A 80 8.47 -1.76 2.67
C ALA A 80 7.28 -0.84 2.38
N SER A 81 7.10 0.18 3.23
CA SER A 81 6.02 1.14 3.07
C SER A 81 6.24 2.00 1.83
N GLN A 82 7.47 2.48 1.66
CA GLN A 82 7.80 3.33 0.52
C GLN A 82 7.63 2.57 -0.79
N THR A 83 8.02 1.31 -0.80
CA THR A 83 7.91 0.48 -1.99
C THR A 83 6.45 0.16 -2.30
N LEU A 84 5.66 -0.03 -1.25
CA LEU A 84 4.24 -0.34 -1.40
C LEU A 84 3.51 0.76 -2.16
N LEU A 85 4.03 1.99 -2.06
CA LEU A 85 3.42 3.13 -2.74
C LEU A 85 4.09 3.36 -4.09
N ASP A 86 5.41 3.45 -4.09
CA ASP A 86 6.17 3.68 -5.32
C ASP A 86 5.91 2.58 -6.34
N SER A 87 5.85 1.33 -5.85
CA SER A 87 5.60 0.18 -6.73
C SER A 87 4.28 0.32 -7.46
N VAL A 88 3.29 0.90 -6.78
CA VAL A 88 1.97 1.09 -7.37
C VAL A 88 2.01 2.07 -8.54
N TYR A 89 3.00 2.97 -8.52
CA TYR A 89 3.15 3.95 -9.59
C TYR A 89 4.26 3.56 -10.56
N SER A 90 5.22 2.77 -10.06
CA SER A 90 6.33 2.32 -10.88
C SER A 90 5.92 1.19 -11.81
N HIS A 91 5.10 0.27 -11.29
CA HIS A 91 4.65 -0.87 -12.07
C HIS A 91 3.45 -0.49 -12.95
N LEU A 92 2.57 0.35 -12.42
CA LEU A 92 1.39 0.79 -13.16
C LEU A 92 1.55 2.23 -13.63
N PRO A 93 2.13 2.43 -14.83
CA PRO A 93 2.33 3.75 -15.41
C PRO A 93 1.03 4.39 -15.87
N ASP A 94 0.07 3.55 -16.25
CA ASP A 94 -1.22 4.03 -16.72
C ASP A 94 -1.93 4.83 -15.63
N LEU A 95 -1.64 4.51 -14.37
CA LEU A 95 -2.25 5.21 -13.24
C LEU A 95 -1.98 6.71 -13.32
N LEU A 96 -0.79 7.07 -13.81
CA LEU A 96 -0.41 8.46 -13.94
C LEU A 96 0.28 8.73 -15.27
N SER A 97 -0.52 8.80 -16.34
CA SER A 97 0.01 9.04 -17.67
C SER A 97 0.00 10.54 -18.01
N GLY A 98 1.05 11.24 -17.61
CA GLY A 98 1.14 12.66 -17.87
C GLY A 98 0.09 13.46 -17.10
N PRO A 99 -0.90 14.04 -17.80
CA PRO A 99 -1.96 14.83 -17.16
C PRO A 99 -2.65 14.06 -16.04
N SER A 100 -3.56 14.73 -15.34
CA SER A 100 -4.29 14.12 -14.24
C SER A 100 -5.75 14.52 -14.26
N SER A 101 -6.60 13.72 -13.61
CA SER A 101 -8.02 14.00 -13.55
C SER A 101 -8.43 14.54 -12.19
N GLY A 102 -8.91 15.78 -12.17
CA GLY A 102 -9.33 16.40 -10.93
C GLY A 102 -9.64 17.87 -11.09
N GLY A 1 -15.36 8.55 21.00
CA GLY A 1 -16.48 9.08 21.83
C GLY A 1 -16.14 9.10 23.31
N SER A 2 -15.38 8.11 23.76
CA SER A 2 -14.99 8.03 25.16
C SER A 2 -14.16 9.25 25.57
N SER A 3 -13.38 9.76 24.64
CA SER A 3 -12.55 10.93 24.90
C SER A 3 -11.54 10.63 26.01
N GLY A 4 -10.43 11.37 26.00
CA GLY A 4 -9.40 11.17 27.01
C GLY A 4 -8.46 10.05 26.64
N SER A 5 -8.12 9.95 25.36
CA SER A 5 -7.21 8.91 24.89
C SER A 5 -5.77 9.23 25.28
N SER A 6 -5.28 8.55 26.31
CA SER A 6 -3.92 8.76 26.78
C SER A 6 -3.12 7.46 26.76
N GLY A 7 -3.45 6.59 25.80
CA GLY A 7 -2.76 5.32 25.69
C GLY A 7 -1.63 5.36 24.67
N SER A 8 -2.00 5.40 23.39
CA SER A 8 -1.03 5.45 22.32
C SER A 8 -0.74 6.88 21.89
N SER A 9 0.10 7.04 20.88
CA SER A 9 0.46 8.36 20.38
C SER A 9 1.30 8.25 19.11
N ALA A 10 2.25 7.31 19.12
CA ALA A 10 3.13 7.11 17.97
C ALA A 10 2.89 5.75 17.33
N LEU A 11 2.86 5.72 16.01
CA LEU A 11 2.64 4.48 15.27
C LEU A 11 1.30 3.86 15.64
N SER A 12 0.28 4.70 15.78
CA SER A 12 -1.06 4.23 16.13
C SER A 12 -2.06 5.39 16.13
N ARG A 13 -1.62 6.53 16.66
CA ARG A 13 -2.47 7.72 16.72
C ARG A 13 -2.79 8.24 15.32
N ASN A 14 -1.76 8.73 14.64
CA ASN A 14 -1.94 9.26 13.29
C ASN A 14 -1.04 8.52 12.29
N GLY A 15 -0.90 7.21 12.50
CA GLY A 15 -0.07 6.42 11.61
C GLY A 15 1.37 6.89 11.59
N SER A 16 2.21 6.17 10.85
CA SER A 16 3.62 6.51 10.73
C SER A 16 4.10 6.39 9.29
N PHE A 17 3.87 5.24 8.70
CA PHE A 17 4.29 4.99 7.32
C PHE A 17 3.12 5.16 6.36
N ILE A 18 2.11 4.31 6.49
CA ILE A 18 0.93 4.37 5.63
C ILE A 18 -0.34 4.52 6.46
N THR A 19 -1.26 5.34 5.98
CA THR A 19 -2.53 5.57 6.69
C THR A 19 -3.67 4.82 5.99
N LYS A 20 -4.85 4.89 6.58
CA LYS A 20 -6.02 4.22 6.04
C LYS A 20 -6.62 5.02 4.87
N GLU A 21 -6.47 6.35 4.95
CA GLU A 21 -7.00 7.23 3.91
C GLU A 21 -6.15 7.14 2.64
N LYS A 22 -4.86 6.90 2.82
CA LYS A 22 -3.93 6.79 1.70
C LYS A 22 -4.23 5.54 0.88
N LYS A 23 -4.71 4.50 1.54
CA LYS A 23 -5.03 3.25 0.87
C LYS A 23 -6.20 3.43 -0.09
N ASP A 24 -7.24 4.11 0.37
CA ASP A 24 -8.42 4.36 -0.45
C ASP A 24 -8.05 5.11 -1.73
N THR A 25 -7.19 6.12 -1.58
CA THR A 25 -6.77 6.92 -2.72
C THR A 25 -6.08 6.06 -3.77
N VAL A 26 -5.43 4.99 -3.32
CA VAL A 26 -4.73 4.08 -4.23
C VAL A 26 -5.72 3.21 -4.99
N LEU A 27 -6.77 2.79 -4.31
CA LEU A 27 -7.80 1.94 -4.92
C LEU A 27 -8.69 2.75 -5.85
N ARG A 28 -8.86 4.03 -5.53
CA ARG A 28 -9.70 4.91 -6.35
C ARG A 28 -9.20 4.97 -7.79
N GLN A 29 -7.89 4.88 -7.96
CA GLN A 29 -7.28 4.92 -9.29
C GLN A 29 -7.63 3.66 -10.07
N VAL A 30 -7.79 2.55 -9.36
CA VAL A 30 -8.12 1.28 -10.00
C VAL A 30 -9.63 1.15 -10.22
N ARG A 31 -10.40 1.58 -9.24
CA ARG A 31 -11.86 1.51 -9.32
C ARG A 31 -12.37 2.30 -10.53
N LEU A 32 -11.65 3.35 -10.89
CA LEU A 32 -12.02 4.20 -12.02
C LEU A 32 -11.69 3.51 -13.34
N ASP A 33 -10.41 3.23 -13.55
CA ASP A 33 -9.96 2.57 -14.78
C ASP A 33 -9.10 1.35 -14.46
N PRO A 34 -9.59 0.14 -14.76
CA PRO A 34 -8.84 -1.10 -14.50
C PRO A 34 -7.43 -1.06 -15.07
N CYS A 35 -6.51 -1.77 -14.43
CA CYS A 35 -5.12 -1.81 -14.87
C CYS A 35 -4.41 -3.04 -14.32
N ASP A 36 -3.14 -3.20 -14.68
CA ASP A 36 -2.36 -4.33 -14.21
C ASP A 36 -1.92 -4.14 -12.76
N LEU A 37 -2.40 -5.02 -11.88
CA LEU A 37 -2.07 -4.94 -10.47
C LEU A 37 -1.35 -6.21 -10.01
N GLN A 38 -0.59 -6.82 -10.93
CA GLN A 38 0.14 -8.04 -10.61
C GLN A 38 1.57 -7.72 -10.17
N PRO A 39 2.32 -6.96 -10.97
CA PRO A 39 3.70 -6.60 -10.65
C PRO A 39 3.83 -5.95 -9.27
N ILE A 40 2.75 -5.31 -8.82
CA ILE A 40 2.72 -4.66 -7.53
C ILE A 40 2.65 -5.67 -6.39
N PHE A 41 2.04 -6.81 -6.66
CA PHE A 41 1.89 -7.86 -5.66
C PHE A 41 3.02 -8.88 -5.76
N ASP A 42 3.26 -9.39 -6.97
CA ASP A 42 4.30 -10.37 -7.19
C ASP A 42 5.66 -9.85 -6.73
N ASP A 43 5.80 -8.53 -6.64
CA ASP A 43 7.06 -7.92 -6.22
C ASP A 43 7.07 -7.68 -4.71
N MET A 44 5.89 -7.63 -4.10
CA MET A 44 5.79 -7.40 -2.66
C MET A 44 5.48 -8.69 -1.91
N LEU A 45 4.97 -9.70 -2.63
CA LEU A 45 4.63 -10.97 -2.01
C LEU A 45 5.83 -11.56 -1.26
N HIS A 46 7.02 -11.23 -1.71
CA HIS A 46 8.25 -11.72 -1.08
C HIS A 46 8.53 -10.98 0.22
N PHE A 47 8.05 -9.74 0.31
CA PHE A 47 8.25 -8.92 1.51
C PHE A 47 7.49 -9.50 2.69
N LEU A 48 6.31 -10.05 2.43
CA LEU A 48 5.49 -10.63 3.49
C LEU A 48 5.87 -12.09 3.73
N ASN A 49 5.24 -12.70 4.72
CA ASN A 49 5.50 -14.09 5.05
C ASN A 49 4.24 -14.94 4.89
N PRO A 50 4.40 -16.27 4.79
CA PRO A 50 3.27 -17.19 4.63
C PRO A 50 2.16 -16.94 5.63
N GLU A 51 2.54 -16.49 6.83
CA GLU A 51 1.57 -16.21 7.89
C GLU A 51 0.80 -14.93 7.58
N GLU A 52 1.47 -13.97 6.94
CA GLU A 52 0.86 -12.70 6.60
C GLU A 52 0.07 -12.82 5.29
N LEU A 53 0.61 -13.58 4.35
CA LEU A 53 -0.03 -13.77 3.06
C LEU A 53 -1.37 -14.48 3.22
N ARG A 54 -1.47 -15.32 4.24
CA ARG A 54 -2.70 -16.07 4.50
C ARG A 54 -3.88 -15.11 4.71
N VAL A 55 -3.60 -13.92 5.23
CA VAL A 55 -4.63 -12.93 5.48
C VAL A 55 -5.04 -12.23 4.19
N ILE A 56 -4.09 -12.08 3.28
CA ILE A 56 -4.35 -11.42 2.00
C ILE A 56 -4.89 -12.40 0.98
N GLU A 57 -4.43 -13.65 1.07
CA GLU A 57 -4.88 -14.70 0.15
C GLU A 57 -6.38 -14.89 0.23
N GLU A 58 -6.95 -14.64 1.40
CA GLU A 58 -8.39 -14.79 1.60
C GLU A 58 -9.17 -13.86 0.68
N ILE A 59 -8.63 -12.66 0.47
CA ILE A 59 -9.28 -11.68 -0.39
C ILE A 59 -9.27 -12.13 -1.85
N PRO A 60 -10.44 -12.44 -2.42
CA PRO A 60 -10.56 -12.89 -3.81
C PRO A 60 -10.38 -11.74 -4.80
N GLN A 61 -11.02 -10.62 -4.51
CA GLN A 61 -10.95 -9.44 -5.37
C GLN A 61 -9.52 -8.93 -5.45
N ALA A 62 -9.29 -7.95 -6.33
CA ALA A 62 -7.97 -7.37 -6.52
C ALA A 62 -7.85 -6.05 -5.79
N GLU A 63 -8.92 -5.25 -5.84
CA GLU A 63 -8.94 -3.94 -5.18
C GLU A 63 -8.81 -4.10 -3.67
N ASP A 64 -9.58 -5.02 -3.11
CA ASP A 64 -9.55 -5.28 -1.67
C ASP A 64 -8.23 -5.91 -1.25
N LYS A 65 -7.64 -6.68 -2.17
CA LYS A 65 -6.37 -7.35 -1.89
C LYS A 65 -5.28 -6.35 -1.53
N LEU A 66 -5.34 -5.18 -2.17
CA LEU A 66 -4.36 -4.12 -1.93
C LEU A 66 -4.58 -3.48 -0.56
N ASP A 67 -5.85 -3.42 -0.14
CA ASP A 67 -6.20 -2.83 1.14
C ASP A 67 -5.52 -3.57 2.28
N ARG A 68 -5.35 -4.88 2.12
CA ARG A 68 -4.71 -5.71 3.14
C ARG A 68 -3.19 -5.62 3.04
N LEU A 69 -2.69 -5.59 1.82
CA LEU A 69 -1.25 -5.51 1.58
C LEU A 69 -0.67 -4.24 2.20
N PHE A 70 -1.41 -3.14 2.11
CA PHE A 70 -0.97 -1.87 2.66
C PHE A 70 -1.09 -1.86 4.18
N GLU A 71 -2.03 -2.64 4.70
CA GLU A 71 -2.25 -2.72 6.14
C GLU A 71 -1.05 -3.36 6.83
N ILE A 72 -0.54 -4.45 6.26
CA ILE A 72 0.59 -5.15 6.82
C ILE A 72 1.89 -4.35 6.62
N ILE A 73 2.14 -3.96 5.38
CA ILE A 73 3.33 -3.19 5.05
C ILE A 73 3.27 -1.80 5.66
N GLY A 74 2.07 -1.27 5.82
CA GLY A 74 1.90 0.05 6.40
C GLY A 74 2.47 0.14 7.81
N VAL A 75 2.52 -0.99 8.50
CA VAL A 75 3.04 -1.02 9.86
C VAL A 75 4.24 -1.95 9.96
N LYS A 76 5.02 -2.04 8.89
CA LYS A 76 6.20 -2.88 8.85
C LYS A 76 7.47 -2.06 9.01
N SER A 77 7.72 -1.17 8.06
CA SER A 77 8.89 -0.31 8.09
C SER A 77 8.87 0.70 6.95
N GLN A 78 9.73 1.71 7.04
CA GLN A 78 9.81 2.74 6.01
C GLN A 78 10.31 2.16 4.69
N GLU A 79 11.09 1.09 4.78
CA GLU A 79 11.63 0.44 3.58
C GLU A 79 10.52 -0.23 2.78
N ALA A 80 9.68 -1.00 3.47
CA ALA A 80 8.58 -1.70 2.82
C ALA A 80 7.48 -0.74 2.42
N SER A 81 7.33 0.33 3.19
CA SER A 81 6.30 1.34 2.92
C SER A 81 6.65 2.13 1.66
N GLN A 82 7.86 2.68 1.62
CA GLN A 82 8.31 3.48 0.48
C GLN A 82 8.28 2.65 -0.79
N THR A 83 8.79 1.42 -0.71
CA THR A 83 8.83 0.53 -1.87
C THR A 83 7.43 0.15 -2.30
N LEU A 84 6.54 -0.05 -1.32
CA LEU A 84 5.16 -0.43 -1.60
C LEU A 84 4.47 0.63 -2.44
N LEU A 85 4.61 1.88 -2.04
CA LEU A 85 3.99 3.00 -2.75
C LEU A 85 4.75 3.31 -4.04
N ASP A 86 6.06 3.12 -4.00
CA ASP A 86 6.91 3.37 -5.17
C ASP A 86 6.63 2.36 -6.27
N SER A 87 6.45 1.10 -5.88
CA SER A 87 6.18 0.03 -6.83
C SER A 87 4.90 0.31 -7.63
N VAL A 88 3.96 1.00 -7.00
CA VAL A 88 2.70 1.33 -7.65
C VAL A 88 2.93 2.22 -8.87
N TYR A 89 3.51 3.39 -8.64
CA TYR A 89 3.79 4.34 -9.72
C TYR A 89 4.91 3.82 -10.61
N SER A 90 5.84 3.08 -10.03
CA SER A 90 6.97 2.54 -10.77
C SER A 90 6.49 1.53 -11.82
N HIS A 91 5.39 0.84 -11.52
CA HIS A 91 4.83 -0.14 -12.42
C HIS A 91 3.69 0.44 -13.25
N LEU A 92 2.98 1.40 -12.66
CA LEU A 92 1.86 2.05 -13.35
C LEU A 92 2.07 3.55 -13.42
N PRO A 93 2.73 4.04 -14.47
CA PRO A 93 3.00 5.47 -14.67
C PRO A 93 1.73 6.25 -14.99
N ASP A 94 0.78 5.58 -15.65
CA ASP A 94 -0.48 6.22 -16.02
C ASP A 94 -1.23 6.72 -14.80
N LEU A 95 -0.98 6.08 -13.65
CA LEU A 95 -1.64 6.46 -12.41
C LEU A 95 -1.38 7.93 -12.08
N LEU A 96 -0.21 8.43 -12.50
CA LEU A 96 0.16 9.82 -12.25
C LEU A 96 1.22 10.28 -13.24
N SER A 97 0.96 11.41 -13.90
CA SER A 97 1.91 11.96 -14.87
C SER A 97 1.66 13.44 -15.09
N GLY A 98 2.74 14.21 -15.18
CA GLY A 98 2.61 15.64 -15.39
C GLY A 98 2.80 16.44 -14.11
N PRO A 99 3.41 17.63 -14.20
CA PRO A 99 3.66 18.48 -13.03
C PRO A 99 2.38 19.15 -12.53
N SER A 100 2.14 19.06 -11.22
CA SER A 100 0.95 19.66 -10.62
C SER A 100 1.21 21.11 -10.23
N SER A 101 0.17 21.93 -10.30
CA SER A 101 0.28 23.34 -9.95
C SER A 101 0.40 23.52 -8.44
N GLY A 102 -0.69 23.25 -7.73
CA GLY A 102 -0.68 23.39 -6.28
C GLY A 102 -1.02 24.79 -5.83
N GLY A 1 27.70 24.35 22.46
CA GLY A 1 26.80 23.51 23.30
C GLY A 1 26.21 22.35 22.54
N SER A 2 25.36 21.57 23.20
CA SER A 2 24.73 20.41 22.57
C SER A 2 23.21 20.57 22.56
N SER A 3 22.66 20.97 21.41
CA SER A 3 21.23 21.16 21.28
C SER A 3 20.82 21.13 19.80
N GLY A 4 20.49 19.95 19.30
CA GLY A 4 20.08 19.81 17.91
C GLY A 4 18.58 19.89 17.74
N SER A 5 17.84 19.34 18.70
CA SER A 5 16.38 19.34 18.65
C SER A 5 15.88 18.61 17.40
N SER A 6 14.64 18.14 17.46
CA SER A 6 14.05 17.42 16.35
C SER A 6 12.54 17.23 16.56
N GLY A 7 11.77 17.46 15.51
CA GLY A 7 10.32 17.31 15.60
C GLY A 7 9.69 17.01 14.27
N SER A 8 9.74 15.75 13.87
CA SER A 8 9.17 15.33 12.59
C SER A 8 7.64 15.29 12.67
N SER A 9 6.99 15.58 11.55
CA SER A 9 5.53 15.59 11.49
C SER A 9 5.02 14.35 10.77
N ALA A 10 5.80 13.85 9.82
CA ALA A 10 5.41 12.68 9.05
C ALA A 10 5.18 11.48 9.96
N LEU A 11 5.90 11.43 11.07
CA LEU A 11 5.76 10.34 12.04
C LEU A 11 5.25 10.85 13.38
N SER A 12 3.99 10.58 13.66
CA SER A 12 3.37 11.01 14.91
C SER A 12 1.94 10.49 15.04
N ARG A 13 1.10 10.87 14.07
CA ARG A 13 -0.29 10.44 14.07
C ARG A 13 -0.39 8.91 14.00
N ASN A 14 -1.61 8.42 13.83
CA ASN A 14 -1.84 6.97 13.75
C ASN A 14 -1.08 6.37 12.57
N GLY A 15 -0.93 7.15 11.50
CA GLY A 15 -0.23 6.68 10.33
C GLY A 15 1.24 7.03 10.35
N SER A 16 2.07 6.08 10.76
CA SER A 16 3.51 6.30 10.83
C SER A 16 4.16 6.12 9.46
N PHE A 17 4.13 4.89 8.95
CA PHE A 17 4.70 4.59 7.65
C PHE A 17 3.69 4.81 6.53
N ILE A 18 2.44 4.47 6.80
CA ILE A 18 1.38 4.63 5.82
C ILE A 18 0.06 5.01 6.49
N THR A 19 -0.72 5.86 5.83
CA THR A 19 -2.00 6.30 6.36
C THR A 19 -3.16 5.59 5.67
N LYS A 20 -4.38 5.87 6.12
CA LYS A 20 -5.57 5.25 5.55
C LYS A 20 -5.98 5.96 4.27
N GLU A 21 -5.87 7.28 4.27
CA GLU A 21 -6.22 8.09 3.11
C GLU A 21 -5.40 7.68 1.89
N LYS A 22 -4.14 7.32 2.12
CA LYS A 22 -3.25 6.91 1.05
C LYS A 22 -3.80 5.69 0.31
N LYS A 23 -4.12 4.64 1.07
CA LYS A 23 -4.65 3.42 0.49
C LYS A 23 -5.93 3.69 -0.29
N ASP A 24 -6.69 4.69 0.15
CA ASP A 24 -7.94 5.05 -0.50
C ASP A 24 -7.68 5.53 -1.92
N THR A 25 -6.69 6.42 -2.08
CA THR A 25 -6.35 6.96 -3.39
C THR A 25 -5.94 5.85 -4.35
N VAL A 26 -5.22 4.86 -3.84
CA VAL A 26 -4.77 3.73 -4.65
C VAL A 26 -5.95 2.98 -5.26
N LEU A 27 -6.94 2.69 -4.43
CA LEU A 27 -8.12 1.98 -4.89
C LEU A 27 -9.03 2.89 -5.71
N ARG A 28 -9.04 4.18 -5.36
CA ARG A 28 -9.86 5.15 -6.05
C ARG A 28 -9.50 5.21 -7.53
N GLN A 29 -8.21 5.20 -7.82
CA GLN A 29 -7.73 5.26 -9.20
C GLN A 29 -8.10 3.99 -9.96
N VAL A 30 -8.19 2.87 -9.23
CA VAL A 30 -8.55 1.60 -9.84
C VAL A 30 -10.06 1.43 -9.94
N ARG A 31 -10.78 1.97 -8.97
CA ARG A 31 -12.24 1.89 -8.96
C ARG A 31 -12.83 2.53 -10.21
N LEU A 32 -12.14 3.54 -10.74
CA LEU A 32 -12.60 4.23 -11.93
C LEU A 32 -12.54 3.30 -13.15
N ASP A 33 -11.36 2.75 -13.41
CA ASP A 33 -11.18 1.85 -14.54
C ASP A 33 -10.26 0.69 -14.17
N PRO A 34 -10.29 -0.40 -14.96
CA PRO A 34 -9.45 -1.58 -14.71
C PRO A 34 -7.97 -1.31 -14.98
N CYS A 35 -7.11 -1.91 -14.17
CA CYS A 35 -5.67 -1.73 -14.32
C CYS A 35 -4.92 -2.97 -13.82
N ASP A 36 -3.62 -3.02 -14.13
CA ASP A 36 -2.80 -4.15 -13.71
C ASP A 36 -2.43 -4.03 -12.23
N LEU A 37 -2.65 -5.11 -11.48
CA LEU A 37 -2.35 -5.14 -10.06
C LEU A 37 -1.58 -6.40 -9.69
N GLN A 38 -0.82 -6.93 -10.64
CA GLN A 38 -0.04 -8.15 -10.41
C GLN A 38 1.38 -7.81 -9.97
N PRO A 39 2.09 -6.98 -10.76
CA PRO A 39 3.47 -6.58 -10.43
C PRO A 39 3.59 -5.98 -9.04
N ILE A 40 2.51 -5.36 -8.57
CA ILE A 40 2.49 -4.75 -7.25
C ILE A 40 2.54 -5.79 -6.15
N PHE A 41 2.09 -7.01 -6.45
CA PHE A 41 2.07 -8.09 -5.48
C PHE A 41 3.26 -9.01 -5.67
N ASP A 42 3.48 -9.45 -6.91
CA ASP A 42 4.59 -10.35 -7.22
C ASP A 42 5.92 -9.76 -6.78
N ASP A 43 5.99 -8.43 -6.69
CA ASP A 43 7.20 -7.75 -6.28
C ASP A 43 7.24 -7.54 -4.77
N MET A 44 6.07 -7.41 -4.15
CA MET A 44 5.97 -7.20 -2.72
C MET A 44 5.86 -8.54 -1.96
N LEU A 45 5.54 -9.60 -2.68
CA LEU A 45 5.41 -10.92 -2.08
C LEU A 45 6.66 -11.30 -1.29
N HIS A 46 7.80 -10.77 -1.73
CA HIS A 46 9.08 -11.05 -1.06
C HIS A 46 9.20 -10.25 0.24
N PHE A 47 8.54 -9.10 0.28
CA PHE A 47 8.58 -8.24 1.46
C PHE A 47 7.69 -8.79 2.57
N LEU A 48 6.60 -9.45 2.17
CA LEU A 48 5.67 -10.03 3.12
C LEU A 48 6.07 -11.45 3.50
N ASN A 49 5.37 -12.02 4.48
CA ASN A 49 5.65 -13.37 4.93
C ASN A 49 4.46 -14.29 4.70
N PRO A 50 4.69 -15.61 4.69
CA PRO A 50 3.62 -16.60 4.47
C PRO A 50 2.43 -16.38 5.40
N GLU A 51 2.71 -16.02 6.65
CA GLU A 51 1.67 -15.78 7.64
C GLU A 51 0.88 -14.52 7.30
N GLU A 52 1.57 -13.52 6.74
CA GLU A 52 0.93 -12.27 6.37
C GLU A 52 0.14 -12.42 5.08
N LEU A 53 0.62 -13.28 4.18
CA LEU A 53 -0.05 -13.51 2.92
C LEU A 53 -1.32 -14.34 3.10
N ARG A 54 -1.31 -15.19 4.13
CA ARG A 54 -2.46 -16.04 4.42
C ARG A 54 -3.72 -15.21 4.65
N VAL A 55 -3.53 -14.00 5.17
CA VAL A 55 -4.65 -13.11 5.44
C VAL A 55 -5.15 -12.44 4.15
N ILE A 56 -4.23 -12.20 3.23
CA ILE A 56 -4.56 -11.58 1.96
C ILE A 56 -5.09 -12.60 0.95
N GLU A 57 -4.61 -13.84 1.08
CA GLU A 57 -5.03 -14.92 0.20
C GLU A 57 -6.54 -15.13 0.27
N GLU A 58 -7.11 -14.91 1.45
CA GLU A 58 -8.54 -15.07 1.66
C GLU A 58 -9.34 -14.17 0.71
N ILE A 59 -8.81 -12.98 0.45
CA ILE A 59 -9.46 -12.03 -0.43
C ILE A 59 -9.35 -12.46 -1.90
N PRO A 60 -10.48 -12.86 -2.52
CA PRO A 60 -10.49 -13.29 -3.92
C PRO A 60 -10.29 -12.13 -4.89
N GLN A 61 -10.99 -11.03 -4.64
CA GLN A 61 -10.87 -9.85 -5.49
C GLN A 61 -9.46 -9.28 -5.46
N ALA A 62 -9.12 -8.53 -6.50
CA ALA A 62 -7.78 -7.93 -6.60
C ALA A 62 -7.76 -6.54 -5.96
N GLU A 63 -8.88 -5.84 -6.05
CA GLU A 63 -8.99 -4.50 -5.49
C GLU A 63 -8.86 -4.54 -3.97
N ASP A 64 -9.68 -5.39 -3.33
CA ASP A 64 -9.64 -5.53 -1.88
C ASP A 64 -8.32 -6.10 -1.41
N LYS A 65 -7.70 -6.92 -2.26
CA LYS A 65 -6.42 -7.54 -1.93
C LYS A 65 -5.36 -6.49 -1.64
N LEU A 66 -5.37 -5.41 -2.40
CA LEU A 66 -4.41 -4.33 -2.22
C LEU A 66 -4.63 -3.62 -0.89
N ASP A 67 -5.88 -3.47 -0.49
CA ASP A 67 -6.22 -2.82 0.77
C ASP A 67 -5.63 -3.57 1.95
N ARG A 68 -5.49 -4.88 1.80
CA ARG A 68 -4.92 -5.71 2.86
C ARG A 68 -3.40 -5.69 2.82
N LEU A 69 -2.85 -5.53 1.62
CA LEU A 69 -1.39 -5.50 1.45
C LEU A 69 -0.78 -4.32 2.22
N PHE A 70 -1.54 -3.24 2.32
CA PHE A 70 -1.07 -2.04 3.02
C PHE A 70 -1.34 -2.15 4.52
N GLU A 71 -2.37 -2.91 4.89
CA GLU A 71 -2.73 -3.09 6.28
C GLU A 71 -1.61 -3.80 7.05
N ILE A 72 -0.87 -4.65 6.35
CA ILE A 72 0.23 -5.39 6.96
C ILE A 72 1.54 -4.61 6.86
N ILE A 73 1.98 -4.36 5.64
CA ILE A 73 3.22 -3.63 5.40
C ILE A 73 3.13 -2.21 5.94
N GLY A 74 1.92 -1.69 6.05
CA GLY A 74 1.72 -0.34 6.54
C GLY A 74 2.33 -0.14 7.92
N VAL A 75 2.47 -1.22 8.68
CA VAL A 75 3.04 -1.14 10.01
C VAL A 75 4.26 -2.05 10.14
N LYS A 76 5.07 -2.11 9.09
CA LYS A 76 6.27 -2.94 9.08
C LYS A 76 7.52 -2.08 9.24
N SER A 77 7.83 -1.31 8.21
CA SER A 77 9.02 -0.45 8.23
C SER A 77 9.01 0.50 7.03
N GLN A 78 9.89 1.49 7.07
CA GLN A 78 9.99 2.47 5.99
C GLN A 78 10.61 1.84 4.74
N GLU A 79 11.40 0.80 4.92
CA GLU A 79 12.04 0.11 3.82
C GLU A 79 11.02 -0.66 2.98
N ALA A 80 9.98 -1.14 3.64
CA ALA A 80 8.93 -1.90 2.97
C ALA A 80 7.73 -1.02 2.64
N SER A 81 7.50 -0.01 3.47
CA SER A 81 6.38 0.91 3.26
C SER A 81 6.58 1.73 1.99
N GLN A 82 7.78 2.29 1.84
CA GLN A 82 8.10 3.09 0.66
C GLN A 82 8.02 2.26 -0.61
N THR A 83 8.61 1.08 -0.58
CA THR A 83 8.62 0.18 -1.72
C THR A 83 7.20 -0.21 -2.12
N LEU A 84 6.31 -0.26 -1.13
CA LEU A 84 4.92 -0.61 -1.38
C LEU A 84 4.17 0.54 -2.04
N LEU A 85 4.58 1.76 -1.72
CA LEU A 85 3.94 2.95 -2.29
C LEU A 85 4.57 3.32 -3.62
N ASP A 86 5.88 3.11 -3.75
CA ASP A 86 6.60 3.43 -4.97
C ASP A 86 6.34 2.36 -6.03
N SER A 87 6.24 1.10 -5.60
CA SER A 87 5.99 -0.01 -6.51
C SER A 87 4.68 0.19 -7.27
N VAL A 88 3.72 0.84 -6.61
CA VAL A 88 2.42 1.08 -7.22
C VAL A 88 2.52 2.08 -8.37
N TYR A 89 3.30 3.13 -8.17
CA TYR A 89 3.49 4.15 -9.19
C TYR A 89 4.56 3.73 -10.19
N SER A 90 5.54 2.98 -9.71
CA SER A 90 6.63 2.51 -10.57
C SER A 90 6.11 1.55 -11.64
N HIS A 91 5.06 0.81 -11.30
CA HIS A 91 4.47 -0.14 -12.23
C HIS A 91 3.31 0.49 -13.00
N LEU A 92 2.50 1.28 -12.30
CA LEU A 92 1.36 1.95 -12.91
C LEU A 92 1.62 3.44 -13.09
N PRO A 93 2.12 3.85 -14.27
CA PRO A 93 2.41 5.27 -14.54
C PRO A 93 1.15 6.11 -14.64
N ASP A 94 0.03 5.47 -14.99
CA ASP A 94 -1.24 6.16 -15.11
C ASP A 94 -1.63 6.84 -13.80
N LEU A 95 -1.22 6.23 -12.68
CA LEU A 95 -1.52 6.77 -11.37
C LEU A 95 -0.84 8.11 -11.16
N LEU A 96 0.33 8.29 -11.77
CA LEU A 96 1.08 9.53 -11.66
C LEU A 96 0.52 10.60 -12.59
N SER A 97 0.64 11.86 -12.18
CA SER A 97 0.13 12.97 -12.97
C SER A 97 1.29 13.71 -13.66
N GLY A 98 0.96 14.83 -14.28
CA GLY A 98 1.98 15.62 -14.97
C GLY A 98 2.70 14.82 -16.04
N PRO A 99 3.98 14.48 -15.82
CA PRO A 99 4.76 13.71 -16.80
C PRO A 99 4.06 12.43 -17.23
N SER A 100 3.76 12.33 -18.52
CA SER A 100 3.08 11.15 -19.06
C SER A 100 4.09 10.17 -19.64
N SER A 101 5.19 10.70 -20.19
CA SER A 101 6.22 9.86 -20.77
C SER A 101 7.60 10.48 -20.57
N GLY A 102 8.65 9.73 -20.92
CA GLY A 102 10.00 10.22 -20.77
C GLY A 102 10.69 10.46 -22.11
N GLY A 1 0.50 16.80 -7.15
CA GLY A 1 0.11 18.20 -7.48
C GLY A 1 -0.71 18.85 -6.38
N SER A 2 -0.09 19.73 -5.61
CA SER A 2 -0.77 20.42 -4.53
C SER A 2 -1.27 19.43 -3.49
N SER A 3 -0.54 19.30 -2.39
CA SER A 3 -0.92 18.38 -1.31
C SER A 3 -0.43 18.88 0.03
N GLY A 4 -1.13 18.50 1.10
CA GLY A 4 -0.74 18.92 2.44
C GLY A 4 -1.87 18.76 3.43
N SER A 5 -1.60 18.01 4.50
CA SER A 5 -2.60 17.78 5.54
C SER A 5 -1.94 17.37 6.85
N SER A 6 -2.76 17.16 7.88
CA SER A 6 -2.25 16.76 9.19
C SER A 6 -3.33 16.04 9.99
N GLY A 7 -2.99 15.67 11.22
CA GLY A 7 -3.94 14.97 12.07
C GLY A 7 -3.27 13.93 12.94
N SER A 8 -2.17 13.37 12.46
CA SER A 8 -1.44 12.34 13.21
C SER A 8 -0.09 12.06 12.55
N SER A 9 0.99 12.47 13.22
CA SER A 9 2.32 12.25 12.70
C SER A 9 3.33 12.14 13.84
N ALA A 10 3.60 10.92 14.28
CA ALA A 10 4.54 10.67 15.36
C ALA A 10 5.24 9.33 15.18
N LEU A 11 6.57 9.37 15.06
CA LEU A 11 7.36 8.15 14.89
C LEU A 11 8.26 7.92 16.09
N SER A 12 7.76 8.28 17.27
CA SER A 12 8.52 8.09 18.51
C SER A 12 7.93 6.98 19.36
N ARG A 13 6.62 6.76 19.22
CA ARG A 13 5.94 5.72 19.98
C ARG A 13 6.01 4.38 19.26
N ASN A 14 5.33 4.29 18.11
CA ASN A 14 5.33 3.07 17.33
C ASN A 14 5.97 3.30 15.96
N GLY A 15 5.32 4.11 15.13
CA GLY A 15 5.84 4.40 13.81
C GLY A 15 4.77 4.32 12.74
N SER A 16 4.49 5.45 12.10
CA SER A 16 3.48 5.50 11.05
C SER A 16 4.13 5.66 9.68
N PHE A 17 3.85 4.71 8.78
CA PHE A 17 4.41 4.74 7.44
C PHE A 17 3.31 4.98 6.40
N ILE A 18 2.14 4.40 6.65
CA ILE A 18 1.02 4.54 5.73
C ILE A 18 -0.27 4.84 6.48
N THR A 19 -1.06 5.77 5.96
CA THR A 19 -2.32 6.15 6.57
C THR A 19 -3.50 5.56 5.81
N LYS A 20 -4.72 5.88 6.26
CA LYS A 20 -5.93 5.39 5.62
C LYS A 20 -6.26 6.21 4.38
N GLU A 21 -5.92 7.50 4.41
CA GLU A 21 -6.18 8.39 3.30
C GLU A 21 -5.33 8.00 2.08
N LYS A 22 -4.14 7.47 2.34
CA LYS A 22 -3.24 7.06 1.27
C LYS A 22 -3.86 5.93 0.45
N LYS A 23 -4.40 4.92 1.14
CA LYS A 23 -5.01 3.79 0.48
C LYS A 23 -6.28 4.20 -0.26
N ASP A 24 -6.96 5.21 0.27
CA ASP A 24 -8.19 5.71 -0.33
C ASP A 24 -7.95 6.20 -1.76
N THR A 25 -6.73 6.67 -2.02
CA THR A 25 -6.37 7.18 -3.34
C THR A 25 -5.88 6.05 -4.24
N VAL A 26 -5.22 5.06 -3.64
CA VAL A 26 -4.71 3.92 -4.39
C VAL A 26 -5.83 3.11 -5.03
N LEU A 27 -6.89 2.88 -4.25
CA LEU A 27 -8.03 2.12 -4.74
C LEU A 27 -8.91 2.97 -5.65
N ARG A 28 -8.93 4.27 -5.40
CA ARG A 28 -9.73 5.19 -6.20
C ARG A 28 -9.31 5.14 -7.67
N GLN A 29 -8.00 5.14 -7.90
CA GLN A 29 -7.46 5.10 -9.26
C GLN A 29 -7.83 3.80 -9.95
N VAL A 30 -7.97 2.74 -9.16
CA VAL A 30 -8.32 1.42 -9.70
C VAL A 30 -9.81 1.32 -10.01
N ARG A 31 -10.63 1.64 -9.02
CA ARG A 31 -12.08 1.60 -9.19
C ARG A 31 -12.54 2.51 -10.31
N LEU A 32 -11.81 3.60 -10.51
CA LEU A 32 -12.15 4.57 -11.55
C LEU A 32 -11.52 4.16 -12.88
N ASP A 33 -10.26 3.75 -12.83
CA ASP A 33 -9.54 3.35 -14.03
C ASP A 33 -8.88 1.97 -13.84
N PRO A 34 -9.32 0.96 -14.59
CA PRO A 34 -8.77 -0.40 -14.49
C PRO A 34 -7.34 -0.48 -15.01
N CYS A 35 -6.48 -1.18 -14.27
CA CYS A 35 -5.08 -1.33 -14.66
C CYS A 35 -4.48 -2.59 -14.04
N ASP A 36 -3.37 -3.05 -14.62
CA ASP A 36 -2.71 -4.25 -14.11
C ASP A 36 -2.11 -4.00 -12.74
N LEU A 37 -2.39 -4.91 -11.81
CA LEU A 37 -1.87 -4.79 -10.45
C LEU A 37 -1.19 -6.08 -10.01
N GLN A 38 -0.60 -6.80 -10.97
CA GLN A 38 0.08 -8.05 -10.68
C GLN A 38 1.55 -7.80 -10.32
N PRO A 39 2.28 -7.07 -11.18
CA PRO A 39 3.69 -6.77 -10.95
C PRO A 39 3.93 -6.14 -9.58
N ILE A 40 2.91 -5.49 -9.04
CA ILE A 40 3.01 -4.84 -7.74
C ILE A 40 2.82 -5.86 -6.61
N PHE A 41 2.04 -6.90 -6.88
CA PHE A 41 1.77 -7.93 -5.88
C PHE A 41 2.88 -8.98 -5.87
N ASP A 42 3.26 -9.45 -7.05
CA ASP A 42 4.30 -10.46 -7.17
C ASP A 42 5.66 -9.91 -6.71
N ASP A 43 5.77 -8.59 -6.61
CA ASP A 43 7.03 -7.96 -6.20
C ASP A 43 6.97 -7.53 -4.74
N MET A 44 5.77 -7.21 -4.27
CA MET A 44 5.59 -6.78 -2.88
C MET A 44 5.21 -7.95 -1.97
N LEU A 45 4.58 -8.97 -2.55
CA LEU A 45 4.17 -10.13 -1.79
C LEU A 45 5.35 -10.80 -1.09
N HIS A 46 6.53 -10.67 -1.70
CA HIS A 46 7.74 -11.25 -1.13
C HIS A 46 8.08 -10.61 0.22
N PHE A 47 7.82 -9.31 0.33
CA PHE A 47 8.09 -8.59 1.56
C PHE A 47 7.26 -9.13 2.72
N LEU A 48 6.07 -9.64 2.40
CA LEU A 48 5.17 -10.18 3.41
C LEU A 48 5.72 -11.50 3.96
N ASN A 49 5.08 -12.00 5.01
CA ASN A 49 5.50 -13.24 5.64
C ASN A 49 4.50 -14.37 5.33
N PRO A 50 4.89 -15.62 5.60
CA PRO A 50 4.02 -16.78 5.34
C PRO A 50 2.71 -16.69 6.10
N GLU A 51 2.76 -16.17 7.32
CA GLU A 51 1.57 -16.02 8.14
C GLU A 51 0.71 -14.87 7.65
N GLU A 52 1.34 -13.87 7.07
CA GLU A 52 0.64 -12.70 6.56
C GLU A 52 0.09 -12.97 5.16
N LEU A 53 0.84 -13.72 4.38
CA LEU A 53 0.44 -14.06 3.02
C LEU A 53 -0.90 -14.82 3.01
N ARG A 54 -1.10 -15.63 4.04
CA ARG A 54 -2.33 -16.41 4.16
C ARG A 54 -3.54 -15.50 4.38
N VAL A 55 -3.33 -14.41 5.11
CA VAL A 55 -4.38 -13.46 5.40
C VAL A 55 -4.86 -12.77 4.12
N ILE A 56 -3.94 -12.58 3.17
CA ILE A 56 -4.26 -11.94 1.90
C ILE A 56 -4.66 -12.96 0.85
N GLU A 57 -4.10 -14.16 0.95
CA GLU A 57 -4.41 -15.23 0.00
C GLU A 57 -5.90 -15.54 -0.01
N GLU A 58 -6.54 -15.37 1.15
CA GLU A 58 -7.97 -15.63 1.27
C GLU A 58 -8.78 -14.67 0.40
N ILE A 59 -8.25 -13.46 0.22
CA ILE A 59 -8.92 -12.45 -0.59
C ILE A 59 -8.78 -12.75 -2.08
N PRO A 60 -9.89 -13.10 -2.76
CA PRO A 60 -9.88 -13.39 -4.20
C PRO A 60 -9.77 -12.13 -5.05
N GLN A 61 -10.54 -11.11 -4.69
CA GLN A 61 -10.54 -9.85 -5.43
C GLN A 61 -9.21 -9.13 -5.27
N ALA A 62 -8.70 -8.61 -6.38
CA ALA A 62 -7.42 -7.90 -6.37
C ALA A 62 -7.55 -6.56 -5.65
N GLU A 63 -8.73 -5.97 -5.74
CA GLU A 63 -8.99 -4.67 -5.10
C GLU A 63 -8.83 -4.78 -3.59
N ASP A 64 -9.61 -5.67 -2.97
CA ASP A 64 -9.56 -5.87 -1.53
C ASP A 64 -8.19 -6.37 -1.10
N LYS A 65 -7.52 -7.12 -1.98
CA LYS A 65 -6.20 -7.66 -1.69
C LYS A 65 -5.20 -6.55 -1.40
N LEU A 66 -5.33 -5.45 -2.14
CA LEU A 66 -4.44 -4.30 -1.96
C LEU A 66 -4.72 -3.60 -0.64
N ASP A 67 -5.96 -3.67 -0.19
CA ASP A 67 -6.36 -3.03 1.07
C ASP A 67 -5.63 -3.66 2.25
N ARG A 68 -5.32 -4.95 2.14
CA ARG A 68 -4.62 -5.66 3.20
C ARG A 68 -3.11 -5.55 3.04
N LEU A 69 -2.65 -5.50 1.79
CA LEU A 69 -1.23 -5.38 1.51
C LEU A 69 -0.65 -4.11 2.12
N PHE A 70 -1.47 -3.06 2.16
CA PHE A 70 -1.04 -1.79 2.72
C PHE A 70 -1.21 -1.77 4.24
N GLU A 71 -2.17 -2.54 4.73
CA GLU A 71 -2.42 -2.62 6.17
C GLU A 71 -1.27 -3.31 6.89
N ILE A 72 -0.82 -4.44 6.35
CA ILE A 72 0.27 -5.18 6.95
C ILE A 72 1.60 -4.45 6.80
N ILE A 73 1.95 -4.13 5.55
CA ILE A 73 3.19 -3.41 5.27
C ILE A 73 3.17 -2.01 5.87
N GLY A 74 1.97 -1.43 5.97
CA GLY A 74 1.84 -0.11 6.53
C GLY A 74 2.34 -0.01 7.95
N VAL A 75 2.30 -1.14 8.67
CA VAL A 75 2.76 -1.18 10.05
C VAL A 75 3.96 -2.11 10.20
N LYS A 76 4.76 -2.22 9.15
CA LYS A 76 5.93 -3.08 9.16
C LYS A 76 7.21 -2.24 9.30
N SER A 77 7.50 -1.46 8.27
CA SER A 77 8.69 -0.61 8.27
C SER A 77 8.73 0.27 7.03
N GLN A 78 9.33 1.45 7.17
CA GLN A 78 9.44 2.39 6.06
C GLN A 78 10.16 1.77 4.88
N GLU A 79 10.99 0.76 5.16
CA GLU A 79 11.74 0.08 4.11
C GLU A 79 10.81 -0.64 3.14
N ALA A 80 9.66 -1.08 3.66
CA ALA A 80 8.68 -1.78 2.83
C ALA A 80 7.58 -0.84 2.36
N SER A 81 7.17 0.07 3.24
CA SER A 81 6.12 1.02 2.91
C SER A 81 6.53 1.90 1.72
N GLN A 82 7.73 2.47 1.79
CA GLN A 82 8.24 3.32 0.74
C GLN A 82 8.31 2.56 -0.60
N THR A 83 8.59 1.27 -0.51
CA THR A 83 8.69 0.43 -1.71
C THR A 83 7.30 0.02 -2.20
N LEU A 84 6.38 -0.20 -1.26
CA LEU A 84 5.02 -0.59 -1.60
C LEU A 84 4.34 0.49 -2.43
N LEU A 85 4.47 1.74 -1.99
CA LEU A 85 3.86 2.86 -2.68
C LEU A 85 4.59 3.16 -3.99
N ASP A 86 5.91 2.97 -3.98
CA ASP A 86 6.73 3.22 -5.16
C ASP A 86 6.45 2.18 -6.24
N SER A 87 6.18 0.95 -5.81
CA SER A 87 5.91 -0.14 -6.74
C SER A 87 4.67 0.16 -7.58
N VAL A 88 3.67 0.78 -6.95
CA VAL A 88 2.43 1.12 -7.65
C VAL A 88 2.69 2.11 -8.78
N TYR A 89 3.42 3.18 -8.47
CA TYR A 89 3.74 4.20 -9.46
C TYR A 89 4.82 3.72 -10.41
N SER A 90 5.76 2.94 -9.88
CA SER A 90 6.86 2.42 -10.68
C SER A 90 6.35 1.48 -11.77
N HIS A 91 5.28 0.74 -11.46
CA HIS A 91 4.69 -0.19 -12.41
C HIS A 91 3.59 0.48 -13.23
N LEU A 92 2.83 1.35 -12.57
CA LEU A 92 1.74 2.06 -13.23
C LEU A 92 2.10 3.53 -13.42
N PRO A 93 2.74 3.89 -14.54
CA PRO A 93 3.13 5.28 -14.83
C PRO A 93 1.93 6.17 -15.12
N ASP A 94 0.84 5.56 -15.56
CA ASP A 94 -0.38 6.30 -15.88
C ASP A 94 -0.88 7.07 -14.66
N LEU A 95 -0.72 6.47 -13.48
CA LEU A 95 -1.16 7.10 -12.24
C LEU A 95 -0.42 8.41 -12.00
N LEU A 96 0.82 8.48 -12.47
CA LEU A 96 1.63 9.68 -12.32
C LEU A 96 1.73 10.45 -13.63
N SER A 97 2.08 11.72 -13.55
CA SER A 97 2.20 12.57 -14.73
C SER A 97 3.48 13.41 -14.67
N GLY A 98 3.71 14.03 -13.51
CA GLY A 98 4.90 14.85 -13.35
C GLY A 98 4.71 16.26 -13.90
N PRO A 99 5.64 17.18 -13.61
CA PRO A 99 5.56 18.56 -14.09
C PRO A 99 5.80 18.66 -15.59
N SER A 100 5.27 19.73 -16.20
CA SER A 100 5.43 19.95 -17.63
C SER A 100 6.87 20.29 -17.97
N SER A 101 7.16 20.37 -19.26
CA SER A 101 8.51 20.70 -19.73
C SER A 101 8.50 21.97 -20.57
N GLY A 102 9.36 22.91 -20.22
CA GLY A 102 9.45 24.16 -20.95
C GLY A 102 9.13 25.37 -20.09
N GLY A 1 -3.11 12.63 34.67
CA GLY A 1 -3.89 13.86 34.93
C GLY A 1 -5.04 14.05 33.95
N SER A 2 -4.78 14.79 32.88
CA SER A 2 -5.80 15.04 31.87
C SER A 2 -6.15 13.76 31.13
N SER A 3 -7.44 13.58 30.86
CA SER A 3 -7.90 12.39 30.14
C SER A 3 -9.18 12.69 29.37
N GLY A 4 -9.45 11.87 28.35
CA GLY A 4 -10.65 12.06 27.55
C GLY A 4 -10.89 10.92 26.57
N SER A 5 -12.15 10.61 26.33
CA SER A 5 -12.50 9.54 25.42
C SER A 5 -13.19 10.08 24.17
N SER A 6 -12.74 9.64 23.00
CA SER A 6 -13.31 10.09 21.74
C SER A 6 -12.85 9.21 20.59
N GLY A 7 -11.54 9.10 20.42
CA GLY A 7 -10.98 8.29 19.35
C GLY A 7 -9.91 9.01 18.56
N SER A 8 -8.76 9.24 19.20
CA SER A 8 -7.66 9.92 18.55
C SER A 8 -6.31 9.39 19.06
N SER A 9 -6.28 8.11 19.38
CA SER A 9 -5.06 7.47 19.88
C SER A 9 -4.08 7.23 18.75
N ALA A 10 -3.12 8.13 18.57
CA ALA A 10 -2.12 8.01 17.52
C ALA A 10 -1.19 6.82 17.80
N LEU A 11 -0.93 6.04 16.76
CA LEU A 11 -0.05 4.87 16.89
C LEU A 11 -0.61 3.88 17.90
N SER A 12 -1.49 3.01 17.45
CA SER A 12 -2.10 2.00 18.31
C SER A 12 -2.78 0.91 17.50
N ARG A 13 -3.64 1.32 16.58
CA ARG A 13 -4.36 0.38 15.73
C ARG A 13 -4.22 0.75 14.26
N ASN A 14 -4.41 2.03 13.95
CA ASN A 14 -4.30 2.52 12.58
C ASN A 14 -2.87 2.38 12.07
N GLY A 15 -2.66 2.75 10.82
CA GLY A 15 -1.33 2.66 10.22
C GLY A 15 -0.37 3.69 10.79
N SER A 16 0.91 3.36 10.79
CA SER A 16 1.93 4.26 11.30
C SER A 16 2.77 4.85 10.17
N PHE A 17 3.21 3.98 9.27
CA PHE A 17 4.02 4.41 8.13
C PHE A 17 3.14 4.95 7.01
N ILE A 18 1.96 4.37 6.85
CA ILE A 18 1.03 4.79 5.81
C ILE A 18 -0.32 5.19 6.41
N THR A 19 -0.87 6.30 5.92
CA THR A 19 -2.15 6.79 6.41
C THR A 19 -3.30 6.06 5.74
N LYS A 20 -4.53 6.44 6.10
CA LYS A 20 -5.72 5.81 5.54
C LYS A 20 -6.08 6.45 4.20
N GLU A 21 -5.78 7.73 4.06
CA GLU A 21 -6.08 8.46 2.82
C GLU A 21 -5.19 7.98 1.68
N LYS A 22 -3.97 7.57 2.02
CA LYS A 22 -3.02 7.09 1.02
C LYS A 22 -3.52 5.79 0.38
N LYS A 23 -4.07 4.91 1.20
CA LYS A 23 -4.58 3.63 0.71
C LYS A 23 -5.76 3.84 -0.22
N ASP A 24 -6.62 4.78 0.12
CA ASP A 24 -7.80 5.09 -0.69
C ASP A 24 -7.40 5.70 -2.02
N THR A 25 -6.41 6.58 -1.99
CA THR A 25 -5.93 7.24 -3.20
C THR A 25 -5.47 6.23 -4.24
N VAL A 26 -5.00 5.08 -3.78
CA VAL A 26 -4.53 4.02 -4.67
C VAL A 26 -5.69 3.26 -5.29
N LEU A 27 -6.63 2.85 -4.44
CA LEU A 27 -7.80 2.10 -4.89
C LEU A 27 -8.73 3.00 -5.73
N ARG A 28 -8.75 4.28 -5.40
CA ARG A 28 -9.59 5.23 -6.13
C ARG A 28 -9.23 5.26 -7.61
N GLN A 29 -7.95 5.03 -7.90
CA GLN A 29 -7.47 5.04 -9.28
C GLN A 29 -7.83 3.72 -9.98
N VAL A 30 -7.86 2.64 -9.20
CA VAL A 30 -8.19 1.32 -9.75
C VAL A 30 -9.69 1.13 -9.85
N ARG A 31 -10.43 1.71 -8.91
CA ARG A 31 -11.87 1.59 -8.88
C ARG A 31 -12.48 2.15 -10.16
N LEU A 32 -12.11 3.38 -10.51
CA LEU A 32 -12.62 4.03 -11.71
C LEU A 32 -12.23 3.24 -12.95
N ASP A 33 -10.95 2.92 -13.07
CA ASP A 33 -10.46 2.16 -14.22
C ASP A 33 -9.58 0.99 -13.76
N PRO A 34 -9.83 -0.22 -14.29
CA PRO A 34 -9.06 -1.41 -13.93
C PRO A 34 -7.65 -1.40 -14.55
N CYS A 35 -6.75 -2.18 -13.95
CA CYS A 35 -5.38 -2.25 -14.44
C CYS A 35 -4.67 -3.49 -13.88
N ASP A 36 -3.60 -3.90 -14.54
CA ASP A 36 -2.84 -5.06 -14.11
C ASP A 36 -2.04 -4.75 -12.84
N LEU A 37 -2.49 -5.30 -11.72
CA LEU A 37 -1.82 -5.08 -10.45
C LEU A 37 -0.94 -6.28 -10.07
N GLN A 38 -0.33 -6.88 -11.08
CA GLN A 38 0.53 -8.03 -10.86
C GLN A 38 1.95 -7.60 -10.50
N PRO A 39 2.56 -6.72 -11.32
CA PRO A 39 3.92 -6.23 -11.07
C PRO A 39 4.09 -5.64 -9.68
N ILE A 40 2.98 -5.16 -9.11
CA ILE A 40 3.01 -4.57 -7.79
C ILE A 40 2.83 -5.63 -6.71
N PHE A 41 2.11 -6.70 -7.04
CA PHE A 41 1.87 -7.78 -6.10
C PHE A 41 3.03 -8.78 -6.11
N ASP A 42 3.50 -9.13 -7.29
CA ASP A 42 4.60 -10.07 -7.43
C ASP A 42 5.91 -9.50 -6.89
N ASP A 43 5.93 -8.18 -6.66
CA ASP A 43 7.12 -7.51 -6.15
C ASP A 43 7.05 -7.35 -4.64
N MET A 44 5.85 -7.30 -4.10
CA MET A 44 5.65 -7.14 -2.66
C MET A 44 5.25 -8.46 -2.00
N LEU A 45 4.68 -9.36 -2.79
CA LEU A 45 4.25 -10.66 -2.27
C LEU A 45 5.40 -11.38 -1.56
N HIS A 46 6.61 -11.13 -2.02
CA HIS A 46 7.79 -11.77 -1.43
C HIS A 46 8.16 -11.10 -0.11
N PHE A 47 7.79 -9.83 0.04
CA PHE A 47 8.08 -9.08 1.25
C PHE A 47 7.26 -9.60 2.43
N LEU A 48 6.06 -10.08 2.13
CA LEU A 48 5.18 -10.62 3.17
C LEU A 48 5.66 -11.99 3.65
N ASN A 49 5.20 -12.38 4.83
CA ASN A 49 5.59 -13.67 5.40
C ASN A 49 4.47 -14.69 5.23
N PRO A 50 4.78 -15.99 5.37
CA PRO A 50 3.80 -17.07 5.23
C PRO A 50 2.57 -16.84 6.10
N GLU A 51 2.79 -16.33 7.32
CA GLU A 51 1.70 -16.07 8.24
C GLU A 51 0.89 -14.85 7.79
N GLU A 52 1.56 -13.91 7.15
CA GLU A 52 0.90 -12.70 6.67
C GLU A 52 0.15 -12.97 5.36
N LEU A 53 0.71 -13.84 4.54
CA LEU A 53 0.09 -14.19 3.26
C LEU A 53 -1.29 -14.80 3.48
N ARG A 54 -1.45 -15.52 4.59
CA ARG A 54 -2.72 -16.16 4.90
C ARG A 54 -3.84 -15.13 5.02
N VAL A 55 -3.48 -13.92 5.46
CA VAL A 55 -4.45 -12.84 5.60
C VAL A 55 -4.90 -12.32 4.25
N ILE A 56 -4.01 -12.36 3.27
CA ILE A 56 -4.31 -11.89 1.93
C ILE A 56 -4.87 -13.02 1.06
N GLU A 57 -4.42 -14.25 1.34
CA GLU A 57 -4.87 -15.41 0.59
C GLU A 57 -6.39 -15.56 0.66
N GLU A 58 -6.97 -15.12 1.78
CA GLU A 58 -8.41 -15.21 1.97
C GLU A 58 -9.15 -14.38 0.93
N ILE A 59 -8.59 -13.23 0.57
CA ILE A 59 -9.20 -12.35 -0.41
C ILE A 59 -8.95 -12.84 -1.83
N PRO A 60 -9.99 -13.30 -2.53
CA PRO A 60 -9.87 -13.81 -3.90
C PRO A 60 -9.70 -12.68 -4.92
N GLN A 61 -10.50 -11.63 -4.77
CA GLN A 61 -10.44 -10.49 -5.67
C GLN A 61 -9.05 -9.86 -5.67
N ALA A 62 -8.87 -8.84 -6.50
CA ALA A 62 -7.59 -8.14 -6.58
C ALA A 62 -7.66 -6.77 -5.93
N GLU A 63 -8.76 -6.06 -6.17
CA GLU A 63 -8.96 -4.73 -5.60
C GLU A 63 -8.94 -4.80 -4.07
N ASP A 64 -9.56 -5.83 -3.53
CA ASP A 64 -9.62 -6.01 -2.08
C ASP A 64 -8.31 -6.57 -1.54
N LYS A 65 -7.63 -7.36 -2.36
CA LYS A 65 -6.37 -7.97 -1.97
C LYS A 65 -5.33 -6.90 -1.64
N LEU A 66 -5.37 -5.79 -2.38
CA LEU A 66 -4.44 -4.70 -2.17
C LEU A 66 -4.72 -3.99 -0.86
N ASP A 67 -5.99 -3.98 -0.45
CA ASP A 67 -6.39 -3.33 0.79
C ASP A 67 -5.68 -3.96 1.98
N ARG A 68 -5.35 -5.24 1.87
CA ARG A 68 -4.67 -5.95 2.95
C ARG A 68 -3.16 -5.77 2.84
N LEU A 69 -2.67 -5.61 1.61
CA LEU A 69 -1.24 -5.43 1.38
C LEU A 69 -0.72 -4.18 2.09
N PHE A 70 -1.58 -3.18 2.22
CA PHE A 70 -1.22 -1.93 2.88
C PHE A 70 -1.34 -2.07 4.40
N GLU A 71 -2.26 -2.93 4.84
CA GLU A 71 -2.48 -3.15 6.26
C GLU A 71 -1.23 -3.71 6.94
N ILE A 72 -0.71 -4.80 6.38
CA ILE A 72 0.49 -5.44 6.92
C ILE A 72 1.72 -4.56 6.72
N ILE A 73 2.05 -4.29 5.46
CA ILE A 73 3.21 -3.46 5.14
C ILE A 73 3.07 -2.07 5.74
N GLY A 74 1.83 -1.63 5.93
CA GLY A 74 1.60 -0.31 6.50
C GLY A 74 2.26 -0.13 7.86
N VAL A 75 2.43 -1.23 8.58
CA VAL A 75 3.06 -1.20 9.90
C VAL A 75 4.30 -2.06 9.95
N LYS A 76 4.99 -2.18 8.82
CA LYS A 76 6.20 -2.98 8.73
C LYS A 76 7.45 -2.11 8.94
N SER A 77 7.78 -1.32 7.92
CA SER A 77 8.95 -0.45 8.00
C SER A 77 9.03 0.44 6.77
N GLN A 78 9.84 1.49 6.86
CA GLN A 78 10.00 2.43 5.75
C GLN A 78 10.55 1.72 4.51
N GLU A 79 11.31 0.64 4.73
CA GLU A 79 11.89 -0.12 3.64
C GLU A 79 10.80 -0.81 2.82
N ALA A 80 9.70 -1.16 3.48
CA ALA A 80 8.59 -1.83 2.80
C ALA A 80 7.46 -0.85 2.51
N SER A 81 7.27 0.11 3.41
CA SER A 81 6.21 1.11 3.24
C SER A 81 6.52 2.05 2.08
N GLN A 82 7.79 2.46 1.97
CA GLN A 82 8.21 3.36 0.92
C GLN A 82 8.18 2.66 -0.44
N THR A 83 8.41 1.36 -0.43
CA THR A 83 8.40 0.56 -1.66
C THR A 83 6.97 0.25 -2.11
N LEU A 84 6.07 0.13 -1.15
CA LEU A 84 4.68 -0.17 -1.45
C LEU A 84 4.01 1.01 -2.16
N LEU A 85 4.27 2.21 -1.67
CA LEU A 85 3.68 3.41 -2.26
C LEU A 85 4.38 3.77 -3.58
N ASP A 86 5.65 3.42 -3.68
CA ASP A 86 6.43 3.70 -4.89
C ASP A 86 6.20 2.62 -5.95
N SER A 87 6.13 1.37 -5.50
CA SER A 87 5.92 0.25 -6.42
C SER A 87 4.64 0.43 -7.23
N VAL A 88 3.67 1.13 -6.65
CA VAL A 88 2.40 1.37 -7.32
C VAL A 88 2.57 2.29 -8.53
N TYR A 89 3.03 3.52 -8.26
CA TYR A 89 3.25 4.49 -9.33
C TYR A 89 4.43 4.11 -10.19
N SER A 90 5.42 3.45 -9.59
CA SER A 90 6.62 3.03 -10.30
C SER A 90 6.27 2.07 -11.43
N HIS A 91 5.38 1.12 -11.15
CA HIS A 91 4.96 0.14 -12.15
C HIS A 91 3.80 0.67 -12.98
N LEU A 92 2.92 1.43 -12.34
CA LEU A 92 1.76 2.00 -13.03
C LEU A 92 1.92 3.50 -13.22
N PRO A 93 2.65 3.91 -14.27
CA PRO A 93 2.87 5.33 -14.57
C PRO A 93 1.63 6.03 -15.10
N ASP A 94 0.75 5.25 -15.73
CA ASP A 94 -0.48 5.79 -16.28
C ASP A 94 -1.33 6.45 -15.20
N LEU A 95 -1.23 5.93 -13.98
CA LEU A 95 -1.99 6.48 -12.85
C LEU A 95 -1.49 7.88 -12.49
N LEU A 96 -0.19 8.00 -12.29
CA LEU A 96 0.41 9.28 -11.94
C LEU A 96 1.93 9.21 -12.06
N SER A 97 2.51 10.20 -12.71
CA SER A 97 3.96 10.26 -12.90
C SER A 97 4.51 11.63 -12.53
N GLY A 98 4.04 12.67 -13.23
CA GLY A 98 4.49 14.01 -12.96
C GLY A 98 3.33 14.98 -12.75
N PRO A 99 2.86 15.64 -13.83
CA PRO A 99 1.75 16.59 -13.74
C PRO A 99 0.42 15.91 -13.45
N SER A 100 -0.59 16.70 -13.12
CA SER A 100 -1.92 16.17 -12.83
C SER A 100 -3.01 17.17 -13.21
N SER A 101 -3.77 16.84 -14.25
CA SER A 101 -4.84 17.70 -14.72
C SER A 101 -4.29 19.06 -15.16
N GLY A 102 -3.06 19.06 -15.67
CA GLY A 102 -2.45 20.30 -16.13
C GLY A 102 -3.04 20.79 -17.43
N GLY A 1 -7.23 28.57 33.30
CA GLY A 1 -6.75 29.79 32.59
C GLY A 1 -5.96 29.46 31.33
N SER A 2 -4.97 28.59 31.48
CA SER A 2 -4.13 28.19 30.35
C SER A 2 -4.85 27.16 29.48
N SER A 3 -4.76 27.34 28.16
CA SER A 3 -5.40 26.42 27.22
C SER A 3 -4.37 25.71 26.36
N GLY A 4 -4.64 24.44 26.05
CA GLY A 4 -3.72 23.67 25.23
C GLY A 4 -4.29 23.35 23.87
N SER A 5 -3.49 22.70 23.03
CA SER A 5 -3.91 22.33 21.69
C SER A 5 -3.48 20.90 21.35
N SER A 6 -4.28 19.93 21.79
CA SER A 6 -3.99 18.52 21.53
C SER A 6 -5.00 17.92 20.57
N GLY A 7 -4.57 16.93 19.80
CA GLY A 7 -5.45 16.28 18.85
C GLY A 7 -4.80 16.08 17.49
N SER A 8 -5.54 15.49 16.57
CA SER A 8 -5.03 15.23 15.23
C SER A 8 -3.80 14.33 15.27
N SER A 9 -3.97 13.10 14.80
CA SER A 9 -2.87 12.13 14.79
C SER A 9 -2.37 11.89 13.37
N ALA A 10 -1.12 12.28 13.12
CA ALA A 10 -0.52 12.11 11.80
C ALA A 10 0.71 11.22 11.87
N LEU A 11 1.77 11.73 12.50
CA LEU A 11 3.01 10.97 12.64
C LEU A 11 3.48 10.95 14.10
N SER A 12 3.11 9.90 14.81
CA SER A 12 3.49 9.75 16.21
C SER A 12 4.44 8.58 16.41
N ARG A 13 5.74 8.85 16.31
CA ARG A 13 6.75 7.80 16.47
C ARG A 13 6.58 6.71 15.43
N ASN A 14 7.56 5.82 15.35
CA ASN A 14 7.51 4.72 14.39
C ASN A 14 6.30 3.83 14.63
N GLY A 15 5.21 4.14 13.96
CA GLY A 15 3.99 3.36 14.10
C GLY A 15 3.11 3.40 12.88
N SER A 16 2.94 4.60 12.32
CA SER A 16 2.11 4.78 11.13
C SER A 16 2.96 5.18 9.93
N PHE A 17 3.33 4.20 9.11
CA PHE A 17 4.14 4.46 7.94
C PHE A 17 3.28 4.92 6.76
N ILE A 18 2.04 4.43 6.72
CA ILE A 18 1.12 4.80 5.66
C ILE A 18 -0.21 5.28 6.22
N THR A 19 -0.68 6.42 5.73
CA THR A 19 -1.94 6.99 6.19
C THR A 19 -3.12 6.32 5.50
N LYS A 20 -4.30 6.41 6.12
CA LYS A 20 -5.50 5.83 5.56
C LYS A 20 -5.90 6.52 4.26
N GLU A 21 -5.80 7.85 4.25
CA GLU A 21 -6.14 8.63 3.07
C GLU A 21 -5.24 8.26 1.89
N LYS A 22 -4.02 7.86 2.20
CA LYS A 22 -3.06 7.48 1.16
C LYS A 22 -3.44 6.15 0.52
N LYS A 23 -4.11 5.30 1.29
CA LYS A 23 -4.55 4.00 0.79
C LYS A 23 -5.84 4.11 0.00
N ASP A 24 -6.72 5.02 0.43
CA ASP A 24 -8.00 5.22 -0.25
C ASP A 24 -7.79 5.74 -1.66
N THR A 25 -6.87 6.68 -1.82
CA THR A 25 -6.59 7.26 -3.13
C THR A 25 -6.12 6.19 -4.11
N VAL A 26 -5.48 5.15 -3.59
CA VAL A 26 -4.98 4.07 -4.43
C VAL A 26 -6.12 3.34 -5.13
N LEU A 27 -6.96 2.67 -4.35
CA LEU A 27 -8.09 1.94 -4.89
C LEU A 27 -9.02 2.85 -5.68
N ARG A 28 -9.05 4.13 -5.29
CA ARG A 28 -9.91 5.11 -5.95
C ARG A 28 -9.56 5.22 -7.43
N GLN A 29 -8.26 5.33 -7.73
CA GLN A 29 -7.81 5.44 -9.11
C GLN A 29 -8.07 4.15 -9.89
N VAL A 30 -7.92 3.02 -9.20
CA VAL A 30 -8.14 1.72 -9.82
C VAL A 30 -9.63 1.45 -10.02
N ARG A 31 -10.43 1.81 -9.02
CA ARG A 31 -11.88 1.62 -9.10
C ARG A 31 -12.47 2.36 -10.29
N LEU A 32 -12.06 3.61 -10.46
CA LEU A 32 -12.56 4.43 -11.56
C LEU A 32 -12.03 3.93 -12.90
N ASP A 33 -10.78 3.48 -12.91
CA ASP A 33 -10.16 2.97 -14.13
C ASP A 33 -9.10 1.92 -13.81
N PRO A 34 -9.54 0.67 -13.59
CA PRO A 34 -8.63 -0.45 -13.27
C PRO A 34 -7.52 -0.59 -14.31
N CYS A 35 -6.74 -1.66 -14.17
CA CYS A 35 -5.63 -1.92 -15.10
C CYS A 35 -4.94 -3.23 -14.76
N ASP A 36 -4.25 -3.26 -13.61
CA ASP A 36 -3.55 -4.46 -13.17
C ASP A 36 -2.92 -4.24 -11.80
N LEU A 37 -2.90 -5.30 -10.99
CA LEU A 37 -2.33 -5.22 -9.66
C LEU A 37 -1.60 -6.52 -9.30
N GLN A 38 -0.90 -7.09 -10.28
CA GLN A 38 -0.17 -8.33 -10.06
C GLN A 38 1.30 -8.06 -9.74
N PRO A 39 2.00 -7.33 -10.62
CA PRO A 39 3.42 -7.01 -10.41
C PRO A 39 3.69 -6.40 -9.05
N ILE A 40 2.83 -5.47 -8.64
CA ILE A 40 2.97 -4.81 -7.35
C ILE A 40 2.93 -5.81 -6.21
N PHE A 41 2.27 -6.95 -6.43
CA PHE A 41 2.16 -7.98 -5.42
C PHE A 41 3.32 -8.97 -5.52
N ASP A 42 3.56 -9.47 -6.72
CA ASP A 42 4.64 -10.44 -6.96
C ASP A 42 5.98 -9.90 -6.48
N ASP A 43 6.08 -8.57 -6.38
CA ASP A 43 7.32 -7.94 -5.93
C ASP A 43 7.29 -7.65 -4.44
N MET A 44 6.09 -7.55 -3.87
CA MET A 44 5.93 -7.28 -2.45
C MET A 44 5.70 -8.56 -1.65
N LEU A 45 5.26 -9.61 -2.34
CA LEU A 45 5.00 -10.90 -1.70
C LEU A 45 6.22 -11.40 -0.94
N HIS A 46 7.41 -11.02 -1.43
CA HIS A 46 8.65 -11.44 -0.79
C HIS A 46 8.85 -10.72 0.54
N PHE A 47 8.32 -9.51 0.64
CA PHE A 47 8.45 -8.73 1.86
C PHE A 47 7.53 -9.27 2.95
N LEU A 48 6.40 -9.83 2.55
CA LEU A 48 5.44 -10.39 3.49
C LEU A 48 5.93 -11.74 4.03
N ASN A 49 5.33 -12.17 5.13
CA ASN A 49 5.70 -13.44 5.75
C ASN A 49 4.72 -14.54 5.34
N PRO A 50 5.12 -15.82 5.52
CA PRO A 50 4.27 -16.96 5.18
C PRO A 50 2.89 -16.87 5.80
N GLU A 51 2.82 -16.31 7.01
CA GLU A 51 1.55 -16.17 7.71
C GLU A 51 0.77 -14.97 7.17
N GLU A 52 1.44 -13.84 7.04
CA GLU A 52 0.81 -12.62 6.54
C GLU A 52 0.23 -12.84 5.14
N LEU A 53 0.91 -13.69 4.35
CA LEU A 53 0.47 -13.97 3.00
C LEU A 53 -0.83 -14.78 3.00
N ARG A 54 -1.01 -15.59 4.04
CA ARG A 54 -2.21 -16.41 4.16
C ARG A 54 -3.45 -15.54 4.38
N VAL A 55 -3.25 -14.40 5.02
CA VAL A 55 -4.35 -13.47 5.30
C VAL A 55 -4.78 -12.74 4.03
N ILE A 56 -3.82 -12.46 3.16
CA ILE A 56 -4.09 -11.76 1.91
C ILE A 56 -4.62 -12.73 0.85
N GLU A 57 -4.10 -13.95 0.85
CA GLU A 57 -4.51 -14.96 -0.11
C GLU A 57 -6.01 -15.24 0.00
N GLU A 58 -6.54 -15.11 1.21
CA GLU A 58 -7.96 -15.35 1.46
C GLU A 58 -8.82 -14.43 0.59
N ILE A 59 -8.32 -13.22 0.35
CA ILE A 59 -9.06 -12.25 -0.47
C ILE A 59 -9.03 -12.64 -1.94
N PRO A 60 -10.19 -13.02 -2.51
CA PRO A 60 -10.29 -13.41 -3.92
C PRO A 60 -10.17 -12.22 -4.87
N GLN A 61 -10.88 -11.14 -4.53
CA GLN A 61 -10.85 -9.94 -5.36
C GLN A 61 -9.45 -9.35 -5.43
N ALA A 62 -9.20 -8.57 -6.46
CA ALA A 62 -7.89 -7.94 -6.65
C ALA A 62 -7.81 -6.60 -5.93
N GLU A 63 -8.85 -5.78 -6.08
CA GLU A 63 -8.90 -4.48 -5.44
C GLU A 63 -8.82 -4.61 -3.93
N ASP A 64 -9.68 -5.46 -3.37
CA ASP A 64 -9.71 -5.68 -1.93
C ASP A 64 -8.38 -6.23 -1.43
N LYS A 65 -7.69 -6.97 -2.29
CA LYS A 65 -6.40 -7.55 -1.94
C LYS A 65 -5.40 -6.46 -1.58
N LEU A 66 -5.34 -5.41 -2.41
CA LEU A 66 -4.44 -4.30 -2.19
C LEU A 66 -4.72 -3.61 -0.86
N ASP A 67 -5.99 -3.58 -0.48
CA ASP A 67 -6.40 -2.96 0.77
C ASP A 67 -5.73 -3.64 1.97
N ARG A 68 -5.63 -4.97 1.90
CA ARG A 68 -5.01 -5.73 2.97
C ARG A 68 -3.49 -5.61 2.91
N LEU A 69 -2.95 -5.42 1.71
CA LEU A 69 -1.51 -5.28 1.53
C LEU A 69 -0.97 -4.11 2.32
N PHE A 70 -1.61 -2.95 2.17
CA PHE A 70 -1.20 -1.75 2.89
C PHE A 70 -1.41 -1.90 4.39
N GLU A 71 -2.39 -2.71 4.77
CA GLU A 71 -2.69 -2.93 6.17
C GLU A 71 -1.54 -3.66 6.86
N ILE A 72 -0.88 -4.56 6.13
CA ILE A 72 0.23 -5.31 6.68
C ILE A 72 1.55 -4.58 6.44
N ILE A 73 1.80 -4.19 5.20
CA ILE A 73 3.03 -3.49 4.85
C ILE A 73 3.04 -2.09 5.46
N GLY A 74 1.89 -1.45 5.49
CA GLY A 74 1.79 -0.11 6.05
C GLY A 74 2.22 -0.06 7.50
N VAL A 75 2.08 -1.18 8.20
CA VAL A 75 2.45 -1.26 9.60
C VAL A 75 3.66 -2.18 9.79
N LYS A 76 4.50 -2.26 8.77
CA LYS A 76 5.69 -3.11 8.83
C LYS A 76 6.94 -2.26 9.09
N SER A 77 7.31 -1.44 8.12
CA SER A 77 8.48 -0.59 8.26
C SER A 77 8.50 0.48 7.17
N GLN A 78 9.55 1.29 7.15
CA GLN A 78 9.70 2.35 6.16
C GLN A 78 10.28 1.80 4.86
N GLU A 79 11.05 0.72 4.96
CA GLU A 79 11.65 0.11 3.79
C GLU A 79 10.62 -0.67 2.97
N ALA A 80 9.62 -1.21 3.65
CA ALA A 80 8.58 -1.97 2.99
C ALA A 80 7.41 -1.08 2.59
N SER A 81 7.19 -0.02 3.36
CA SER A 81 6.11 0.92 3.08
C SER A 81 6.40 1.74 1.82
N GLN A 82 7.61 2.30 1.75
CA GLN A 82 8.00 3.11 0.61
C GLN A 82 7.95 2.28 -0.68
N THR A 83 8.49 1.07 -0.63
CA THR A 83 8.50 0.19 -1.79
C THR A 83 7.08 -0.11 -2.27
N LEU A 84 6.16 -0.21 -1.32
CA LEU A 84 4.76 -0.50 -1.65
C LEU A 84 4.10 0.70 -2.32
N LEU A 85 4.57 1.90 -1.97
CA LEU A 85 4.02 3.12 -2.55
C LEU A 85 4.68 3.45 -3.88
N ASP A 86 5.94 3.05 -4.03
CA ASP A 86 6.68 3.29 -5.26
C ASP A 86 6.31 2.29 -6.34
N SER A 87 6.14 1.03 -5.94
CA SER A 87 5.79 -0.03 -6.88
C SER A 87 4.45 0.28 -7.56
N VAL A 88 3.52 0.84 -6.81
CA VAL A 88 2.20 1.17 -7.34
C VAL A 88 2.30 2.24 -8.43
N TYR A 89 3.32 3.08 -8.34
CA TYR A 89 3.53 4.14 -9.33
C TYR A 89 4.55 3.73 -10.38
N SER A 90 5.47 2.85 -9.99
CA SER A 90 6.50 2.37 -10.90
C SER A 90 5.94 1.36 -11.89
N HIS A 91 4.93 0.62 -11.45
CA HIS A 91 4.30 -0.39 -12.31
C HIS A 91 3.14 0.20 -13.09
N LEU A 92 2.42 1.14 -12.47
CA LEU A 92 1.28 1.79 -13.11
C LEU A 92 1.60 3.24 -13.45
N PRO A 93 2.14 3.49 -14.64
CA PRO A 93 2.48 4.86 -15.08
C PRO A 93 1.24 5.71 -15.35
N ASP A 94 0.14 5.04 -15.70
CA ASP A 94 -1.10 5.74 -15.99
C ASP A 94 -1.59 6.53 -14.78
N LEU A 95 -1.40 5.95 -13.60
CA LEU A 95 -1.81 6.59 -12.36
C LEU A 95 -1.12 7.94 -12.18
N LEU A 96 0.10 8.04 -12.69
CA LEU A 96 0.87 9.28 -12.59
C LEU A 96 0.29 10.34 -13.52
N SER A 97 0.69 11.59 -13.28
CA SER A 97 0.23 12.70 -14.10
C SER A 97 1.12 13.92 -13.92
N GLY A 98 1.48 14.22 -12.68
CA GLY A 98 2.34 15.36 -12.40
C GLY A 98 2.97 15.30 -11.01
N PRO A 99 3.67 14.20 -10.69
CA PRO A 99 4.31 14.03 -9.39
C PRO A 99 5.51 14.96 -9.20
N SER A 100 5.58 15.59 -8.04
CA SER A 100 6.68 16.51 -7.74
C SER A 100 7.64 15.89 -6.74
N SER A 101 8.91 15.78 -7.13
CA SER A 101 9.94 15.20 -6.27
C SER A 101 11.27 15.91 -6.46
N GLY A 102 11.98 16.13 -5.36
CA GLY A 102 13.26 16.80 -5.43
C GLY A 102 14.37 16.00 -4.79
N GLY A 1 -19.37 21.63 20.67
CA GLY A 1 -18.08 22.18 21.16
C GLY A 1 -17.70 21.66 22.54
N SER A 2 -17.11 20.47 22.57
CA SER A 2 -16.71 19.86 23.83
C SER A 2 -15.38 20.44 24.32
N SER A 3 -15.38 20.94 25.55
CA SER A 3 -14.19 21.53 26.14
C SER A 3 -13.82 20.84 27.45
N GLY A 4 -12.87 19.91 27.37
CA GLY A 4 -12.45 19.19 28.56
C GLY A 4 -11.66 17.94 28.22
N SER A 5 -12.34 16.95 27.64
CA SER A 5 -11.70 15.70 27.26
C SER A 5 -11.46 15.63 25.76
N SER A 6 -10.29 15.14 25.37
CA SER A 6 -9.95 15.03 23.95
C SER A 6 -8.90 13.94 23.74
N GLY A 7 -9.30 12.85 23.10
CA GLY A 7 -8.38 11.76 22.84
C GLY A 7 -8.57 11.14 21.47
N SER A 8 -7.48 10.74 20.84
CA SER A 8 -7.54 10.13 19.51
C SER A 8 -6.26 9.35 19.21
N SER A 9 -6.41 8.06 18.95
CA SER A 9 -5.28 7.20 18.64
C SER A 9 -4.64 7.59 17.32
N ALA A 10 -3.50 8.28 17.37
CA ALA A 10 -2.81 8.70 16.17
C ALA A 10 -1.32 8.91 16.44
N LEU A 11 -0.49 8.53 15.48
CA LEU A 11 0.95 8.68 15.61
C LEU A 11 1.46 9.89 14.85
N SER A 12 2.76 10.12 14.88
CA SER A 12 3.37 11.25 14.19
C SER A 12 4.72 10.86 13.61
N ARG A 13 4.74 10.56 12.31
CA ARG A 13 5.97 10.18 11.63
C ARG A 13 6.52 8.87 12.18
N ASN A 14 7.17 8.93 13.33
CA ASN A 14 7.74 7.75 13.96
C ASN A 14 6.64 6.82 14.47
N GLY A 15 6.79 5.53 14.17
CA GLY A 15 5.80 4.56 14.61
C GLY A 15 4.78 4.24 13.52
N SER A 16 4.39 5.26 12.75
CA SER A 16 3.44 5.07 11.68
C SER A 16 4.08 5.30 10.32
N PHE A 17 3.79 4.43 9.37
CA PHE A 17 4.34 4.54 8.03
C PHE A 17 3.26 4.88 7.02
N ILE A 18 2.14 4.15 7.08
CA ILE A 18 1.02 4.37 6.17
C ILE A 18 -0.27 4.63 6.93
N THR A 19 -1.17 5.38 6.31
CA THR A 19 -2.45 5.71 6.93
C THR A 19 -3.61 5.14 6.13
N LYS A 20 -4.83 5.43 6.56
CA LYS A 20 -6.02 4.95 5.88
C LYS A 20 -6.35 5.81 4.66
N GLU A 21 -6.02 7.10 4.75
CA GLU A 21 -6.27 8.02 3.66
C GLU A 21 -5.52 7.61 2.39
N LYS A 22 -4.33 7.04 2.58
CA LYS A 22 -3.51 6.60 1.46
C LYS A 22 -4.19 5.47 0.70
N LYS A 23 -4.42 4.35 1.39
CA LYS A 23 -5.07 3.19 0.79
C LYS A 23 -6.40 3.57 0.17
N ASP A 24 -7.03 4.61 0.70
CA ASP A 24 -8.32 5.08 0.20
C ASP A 24 -8.18 5.69 -1.20
N THR A 25 -6.99 6.21 -1.49
CA THR A 25 -6.73 6.83 -2.79
C THR A 25 -6.07 5.84 -3.75
N VAL A 26 -5.27 4.93 -3.19
CA VAL A 26 -4.58 3.93 -4.01
C VAL A 26 -5.57 3.10 -4.82
N LEU A 27 -6.75 2.88 -4.27
CA LEU A 27 -7.78 2.10 -4.94
C LEU A 27 -8.59 2.98 -5.89
N ARG A 28 -8.73 4.25 -5.54
CA ARG A 28 -9.48 5.19 -6.36
C ARG A 28 -8.85 5.33 -7.74
N GLN A 29 -7.52 5.18 -7.80
CA GLN A 29 -6.80 5.30 -9.06
C GLN A 29 -7.06 4.09 -9.95
N VAL A 30 -7.24 2.92 -9.33
CA VAL A 30 -7.49 1.69 -10.07
C VAL A 30 -8.99 1.49 -10.30
N ARG A 31 -9.80 1.93 -9.34
CA ARG A 31 -11.24 1.79 -9.44
C ARG A 31 -11.79 2.55 -10.64
N LEU A 32 -11.28 3.77 -10.84
CA LEU A 32 -11.72 4.61 -11.96
C LEU A 32 -11.34 3.98 -13.29
N ASP A 33 -10.18 3.31 -13.33
CA ASP A 33 -9.71 2.67 -14.55
C ASP A 33 -8.88 1.43 -14.22
N PRO A 34 -9.53 0.24 -14.17
CA PRO A 34 -8.84 -1.02 -13.87
C PRO A 34 -7.93 -1.45 -15.01
N CYS A 35 -6.84 -2.13 -14.66
CA CYS A 35 -5.89 -2.60 -15.65
C CYS A 35 -5.23 -3.91 -15.20
N ASP A 36 -4.29 -3.80 -14.27
CA ASP A 36 -3.59 -4.96 -13.75
C ASP A 36 -2.81 -4.62 -12.48
N LEU A 37 -2.63 -5.60 -11.61
CA LEU A 37 -1.91 -5.41 -10.37
C LEU A 37 -1.06 -6.63 -10.01
N GLN A 38 -0.43 -7.21 -11.02
CA GLN A 38 0.42 -8.38 -10.82
C GLN A 38 1.84 -7.98 -10.44
N PRO A 39 2.47 -7.09 -11.22
CA PRO A 39 3.84 -6.63 -10.95
C PRO A 39 3.99 -6.05 -9.55
N ILE A 40 2.90 -5.52 -9.01
CA ILE A 40 2.90 -4.94 -7.67
C ILE A 40 2.79 -6.02 -6.60
N PHE A 41 2.11 -7.12 -6.93
CA PHE A 41 1.93 -8.22 -5.99
C PHE A 41 3.09 -9.20 -6.07
N ASP A 42 3.48 -9.56 -7.29
CA ASP A 42 4.57 -10.49 -7.50
C ASP A 42 5.90 -9.91 -7.03
N ASP A 43 5.95 -8.60 -6.85
CA ASP A 43 7.16 -7.93 -6.40
C ASP A 43 7.11 -7.61 -4.91
N MET A 44 5.91 -7.40 -4.40
CA MET A 44 5.72 -7.08 -2.98
C MET A 44 5.42 -8.33 -2.17
N LEU A 45 4.90 -9.36 -2.83
CA LEU A 45 4.57 -10.61 -2.15
C LEU A 45 5.79 -11.17 -1.42
N HIS A 46 6.97 -10.89 -1.93
CA HIS A 46 8.21 -11.37 -1.31
C HIS A 46 8.45 -10.68 0.02
N PHE A 47 7.99 -9.43 0.14
CA PHE A 47 8.16 -8.66 1.36
C PHE A 47 7.35 -9.27 2.50
N LEU A 48 6.14 -9.70 2.19
CA LEU A 48 5.25 -10.30 3.19
C LEU A 48 5.73 -11.70 3.56
N ASN A 49 5.19 -12.22 4.66
CA ASN A 49 5.56 -13.56 5.12
C ASN A 49 4.43 -14.55 4.87
N PRO A 50 4.71 -15.86 4.99
CA PRO A 50 3.71 -16.90 4.77
C PRO A 50 2.44 -16.68 5.60
N GLU A 51 2.62 -16.54 6.90
CA GLU A 51 1.50 -16.33 7.81
C GLU A 51 0.75 -15.04 7.45
N GLU A 52 1.50 -14.00 7.10
CA GLU A 52 0.91 -12.72 6.73
C GLU A 52 0.09 -12.85 5.45
N LEU A 53 0.56 -13.69 4.53
CA LEU A 53 -0.12 -13.90 3.27
C LEU A 53 -1.51 -14.50 3.48
N ARG A 54 -1.66 -15.26 4.56
CA ARG A 54 -2.93 -15.90 4.89
C ARG A 54 -4.04 -14.86 5.02
N VAL A 55 -3.70 -13.71 5.58
CA VAL A 55 -4.67 -12.63 5.78
C VAL A 55 -5.07 -12.01 4.43
N ILE A 56 -4.15 -12.04 3.48
CA ILE A 56 -4.41 -11.48 2.16
C ILE A 56 -5.02 -12.52 1.23
N GLU A 57 -4.66 -13.78 1.45
CA GLU A 57 -5.17 -14.88 0.64
C GLU A 57 -6.69 -15.01 0.78
N GLU A 58 -7.18 -14.70 1.97
CA GLU A 58 -8.62 -14.78 2.25
C GLU A 58 -9.42 -13.94 1.26
N ILE A 59 -8.82 -12.84 0.80
CA ILE A 59 -9.48 -11.95 -0.14
C ILE A 59 -9.34 -12.47 -1.58
N PRO A 60 -10.45 -12.93 -2.17
CA PRO A 60 -10.45 -13.45 -3.54
C PRO A 60 -10.26 -12.36 -4.59
N GLN A 61 -10.96 -11.24 -4.40
CA GLN A 61 -10.87 -10.12 -5.32
C GLN A 61 -9.44 -9.59 -5.41
N ALA A 62 -9.13 -8.91 -6.50
CA ALA A 62 -7.79 -8.36 -6.71
C ALA A 62 -7.66 -6.98 -6.08
N GLU A 63 -8.66 -6.14 -6.30
CA GLU A 63 -8.66 -4.78 -5.74
C GLU A 63 -8.60 -4.82 -4.22
N ASP A 64 -9.52 -5.56 -3.62
CA ASP A 64 -9.58 -5.68 -2.16
C ASP A 64 -8.29 -6.28 -1.62
N LYS A 65 -7.65 -7.14 -2.42
CA LYS A 65 -6.40 -7.79 -2.00
C LYS A 65 -5.33 -6.75 -1.71
N LEU A 66 -5.24 -5.73 -2.57
CA LEU A 66 -4.25 -4.67 -2.40
C LEU A 66 -4.48 -3.92 -1.09
N ASP A 67 -5.73 -3.80 -0.69
CA ASP A 67 -6.09 -3.11 0.54
C ASP A 67 -5.42 -3.76 1.75
N ARG A 68 -5.21 -5.07 1.67
CA ARG A 68 -4.58 -5.82 2.75
C ARG A 68 -3.06 -5.73 2.67
N LEU A 69 -2.55 -5.61 1.45
CA LEU A 69 -1.11 -5.52 1.23
C LEU A 69 -0.52 -4.34 2.00
N PHE A 70 -1.32 -3.30 2.21
CA PHE A 70 -0.87 -2.13 2.94
C PHE A 70 -1.10 -2.27 4.43
N GLU A 71 -2.06 -3.13 4.80
CA GLU A 71 -2.38 -3.35 6.21
C GLU A 71 -1.16 -3.87 6.97
N ILE A 72 -0.40 -4.76 6.33
CA ILE A 72 0.79 -5.34 6.96
C ILE A 72 1.99 -4.42 6.79
N ILE A 73 2.32 -4.10 5.54
CA ILE A 73 3.46 -3.23 5.24
C ILE A 73 3.28 -1.85 5.85
N GLY A 74 2.02 -1.45 6.04
CA GLY A 74 1.74 -0.15 6.62
C GLY A 74 2.33 0.01 8.01
N VAL A 75 2.49 -1.10 8.72
CA VAL A 75 3.05 -1.07 10.06
C VAL A 75 4.27 -1.98 10.17
N LYS A 76 5.11 -1.95 9.14
CA LYS A 76 6.32 -2.77 9.11
C LYS A 76 7.57 -1.89 9.24
N SER A 77 7.90 -1.18 8.17
CA SER A 77 9.07 -0.31 8.16
C SER A 77 8.98 0.71 7.04
N GLN A 78 9.95 1.62 6.99
CA GLN A 78 9.97 2.65 5.95
C GLN A 78 10.54 2.10 4.64
N GLU A 79 11.33 1.03 4.74
CA GLU A 79 11.92 0.41 3.56
C GLU A 79 10.86 -0.26 2.70
N ALA A 80 9.83 -0.78 3.35
CA ALA A 80 8.74 -1.46 2.65
C ALA A 80 7.56 -0.53 2.43
N SER A 81 7.36 0.40 3.35
CA SER A 81 6.27 1.36 3.25
C SER A 81 6.42 2.25 2.02
N GLN A 82 7.63 2.79 1.84
CA GLN A 82 7.90 3.66 0.69
C GLN A 82 7.85 2.87 -0.61
N THR A 83 8.52 1.73 -0.64
CA THR A 83 8.56 0.88 -1.83
C THR A 83 7.16 0.43 -2.21
N LEU A 84 6.31 0.23 -1.21
CA LEU A 84 4.94 -0.21 -1.43
C LEU A 84 4.18 0.78 -2.31
N LEU A 85 4.16 2.05 -1.89
CA LEU A 85 3.47 3.08 -2.64
C LEU A 85 4.17 3.35 -3.97
N ASP A 86 5.49 3.37 -3.95
CA ASP A 86 6.28 3.61 -5.15
C ASP A 86 6.10 2.48 -6.17
N SER A 87 5.97 1.26 -5.67
CA SER A 87 5.79 0.10 -6.52
C SER A 87 4.48 0.20 -7.31
N VAL A 88 3.48 0.81 -6.70
CA VAL A 88 2.18 0.97 -7.33
C VAL A 88 2.25 1.95 -8.49
N TYR A 89 2.96 3.05 -8.29
CA TYR A 89 3.10 4.08 -9.33
C TYR A 89 4.22 3.70 -10.31
N SER A 90 5.23 2.98 -9.81
CA SER A 90 6.35 2.57 -10.64
C SER A 90 5.89 1.59 -11.72
N HIS A 91 4.91 0.77 -11.39
CA HIS A 91 4.37 -0.22 -12.33
C HIS A 91 3.18 0.35 -13.09
N LEU A 92 2.42 1.21 -12.43
CA LEU A 92 1.24 1.82 -13.05
C LEU A 92 1.48 3.30 -13.34
N PRO A 93 2.04 3.62 -14.51
CA PRO A 93 2.32 5.02 -14.91
C PRO A 93 1.05 5.79 -15.22
N ASP A 94 0.01 5.07 -15.64
CA ASP A 94 -1.26 5.70 -15.98
C ASP A 94 -1.84 6.46 -14.79
N LEU A 95 -1.54 5.98 -13.58
CA LEU A 95 -2.03 6.62 -12.36
C LEU A 95 -1.31 7.93 -12.11
N LEU A 96 0.00 7.94 -12.38
CA LEU A 96 0.80 9.14 -12.19
C LEU A 96 2.22 8.94 -12.75
N SER A 97 2.73 9.97 -13.41
CA SER A 97 4.07 9.90 -13.99
C SER A 97 4.60 11.29 -14.30
N GLY A 98 3.74 12.13 -14.89
CA GLY A 98 4.15 13.49 -15.23
C GLY A 98 3.04 14.26 -15.92
N PRO A 99 2.20 14.96 -15.17
CA PRO A 99 1.10 15.75 -15.74
C PRO A 99 1.59 16.98 -16.51
N SER A 100 2.64 17.62 -15.98
CA SER A 100 3.21 18.79 -16.62
C SER A 100 3.79 18.44 -17.99
N SER A 101 4.29 17.22 -18.11
CA SER A 101 4.87 16.76 -19.36
C SER A 101 6.07 17.63 -19.75
N GLY A 102 7.27 17.10 -19.57
CA GLY A 102 8.47 17.83 -19.91
C GLY A 102 9.19 18.36 -18.69
N GLY A 1 -11.94 4.28 18.35
CA GLY A 1 -11.20 4.52 19.62
C GLY A 1 -12.12 4.80 20.78
N SER A 2 -13.09 3.90 20.99
CA SER A 2 -14.04 4.05 22.09
C SER A 2 -13.59 3.28 23.32
N SER A 3 -14.23 3.54 24.45
CA SER A 3 -13.89 2.87 25.70
C SER A 3 -14.17 1.37 25.60
N GLY A 4 -13.24 0.57 26.11
CA GLY A 4 -13.41 -0.87 26.07
C GLY A 4 -12.56 -1.53 24.99
N SER A 5 -12.93 -1.31 23.74
CA SER A 5 -12.21 -1.89 22.61
C SER A 5 -11.28 -0.85 21.98
N SER A 6 -9.98 -1.05 22.16
CA SER A 6 -8.98 -0.13 21.60
C SER A 6 -8.82 -0.35 20.11
N GLY A 7 -8.55 0.73 19.37
CA GLY A 7 -8.37 0.63 17.94
C GLY A 7 -7.31 1.58 17.43
N SER A 8 -7.74 2.56 16.63
CA SER A 8 -6.82 3.54 16.06
C SER A 8 -7.57 4.74 15.51
N SER A 9 -6.84 5.67 14.91
CA SER A 9 -7.45 6.87 14.33
C SER A 9 -6.46 7.57 13.39
N ALA A 10 -5.34 8.01 13.94
CA ALA A 10 -4.33 8.70 13.15
C ALA A 10 -2.99 8.71 13.86
N LEU A 11 -2.11 7.78 13.49
CA LEU A 11 -0.80 7.68 14.10
C LEU A 11 -0.91 7.42 15.61
N SER A 12 0.16 6.89 16.19
CA SER A 12 0.19 6.60 17.61
C SER A 12 1.61 6.45 18.12
N ARG A 13 2.19 7.56 18.59
CA ARG A 13 3.56 7.57 19.10
C ARG A 13 4.56 7.27 17.99
N ASN A 14 4.60 6.03 17.55
CA ASN A 14 5.52 5.62 16.49
C ASN A 14 5.31 4.16 16.11
N GLY A 15 4.81 3.93 14.90
CA GLY A 15 4.57 2.58 14.44
C GLY A 15 3.91 2.55 13.07
N SER A 16 2.94 3.42 12.86
CA SER A 16 2.23 3.49 11.59
C SER A 16 3.06 4.22 10.54
N PHE A 17 3.02 3.72 9.31
CA PHE A 17 3.77 4.33 8.21
C PHE A 17 2.83 4.86 7.13
N ILE A 18 1.79 4.08 6.83
CA ILE A 18 0.82 4.47 5.82
C ILE A 18 -0.50 4.89 6.46
N THR A 19 -1.11 5.92 5.90
CA THR A 19 -2.39 6.42 6.42
C THR A 19 -3.55 5.97 5.55
N LYS A 20 -4.75 6.42 5.89
CA LYS A 20 -5.95 6.06 5.14
C LYS A 20 -6.11 6.93 3.90
N GLU A 21 -5.64 8.18 4.00
CA GLU A 21 -5.73 9.12 2.89
C GLU A 21 -4.91 8.63 1.70
N LYS A 22 -3.82 7.91 1.98
CA LYS A 22 -2.96 7.39 0.94
C LYS A 22 -3.60 6.20 0.24
N LYS A 23 -4.07 5.25 1.04
CA LYS A 23 -4.71 4.05 0.49
C LYS A 23 -6.01 4.40 -0.22
N ASP A 24 -6.67 5.44 0.26
CA ASP A 24 -7.93 5.88 -0.34
C ASP A 24 -7.72 6.36 -1.77
N THR A 25 -6.53 6.89 -2.05
CA THR A 25 -6.21 7.40 -3.38
C THR A 25 -5.64 6.29 -4.26
N VAL A 26 -4.95 5.33 -3.64
CA VAL A 26 -4.36 4.22 -4.36
C VAL A 26 -5.44 3.34 -4.99
N LEU A 27 -6.51 3.11 -4.24
CA LEU A 27 -7.60 2.27 -4.72
C LEU A 27 -8.53 3.06 -5.64
N ARG A 28 -8.60 4.37 -5.43
CA ARG A 28 -9.45 5.23 -6.24
C ARG A 28 -9.10 5.10 -7.73
N GLN A 29 -7.81 5.16 -8.04
CA GLN A 29 -7.35 5.05 -9.42
C GLN A 29 -7.70 3.69 -10.00
N VAL A 30 -7.73 2.67 -9.14
CA VAL A 30 -8.06 1.32 -9.58
C VAL A 30 -9.55 1.18 -9.84
N ARG A 31 -10.37 1.60 -8.89
CA ARG A 31 -11.82 1.51 -9.02
C ARG A 31 -12.29 2.31 -10.25
N LEU A 32 -11.57 3.37 -10.58
CA LEU A 32 -11.92 4.21 -11.72
C LEU A 32 -11.51 3.54 -13.03
N ASP A 33 -10.21 3.33 -13.19
CA ASP A 33 -9.69 2.71 -14.40
C ASP A 33 -9.10 1.32 -14.09
N PRO A 34 -9.91 0.27 -14.21
CA PRO A 34 -9.48 -1.10 -13.94
C PRO A 34 -8.19 -1.46 -14.68
N CYS A 35 -7.16 -1.81 -13.93
CA CYS A 35 -5.87 -2.17 -14.52
C CYS A 35 -5.26 -3.37 -13.80
N ASP A 36 -4.22 -3.95 -14.40
CA ASP A 36 -3.54 -5.10 -13.81
C ASP A 36 -2.80 -4.71 -12.54
N LEU A 37 -3.00 -5.48 -11.47
CA LEU A 37 -2.35 -5.20 -10.20
C LEU A 37 -1.54 -6.41 -9.74
N GLN A 38 -0.98 -7.15 -10.70
CA GLN A 38 -0.19 -8.33 -10.38
C GLN A 38 1.27 -7.96 -10.13
N PRO A 39 1.90 -7.21 -11.05
CA PRO A 39 3.29 -6.79 -10.91
C PRO A 39 3.58 -6.15 -9.55
N ILE A 40 2.56 -5.57 -8.95
CA ILE A 40 2.70 -4.93 -7.66
C ILE A 40 2.73 -5.95 -6.53
N PHE A 41 2.03 -7.07 -6.73
CA PHE A 41 1.98 -8.13 -5.74
C PHE A 41 3.15 -9.10 -5.91
N ASP A 42 3.51 -9.38 -7.16
CA ASP A 42 4.60 -10.29 -7.45
C ASP A 42 5.93 -9.73 -6.97
N ASP A 43 5.98 -8.42 -6.69
CA ASP A 43 7.19 -7.78 -6.23
C ASP A 43 7.13 -7.50 -4.73
N MET A 44 5.92 -7.30 -4.21
CA MET A 44 5.73 -7.02 -2.79
C MET A 44 5.45 -8.29 -2.00
N LEU A 45 4.92 -9.31 -2.68
CA LEU A 45 4.61 -10.58 -2.03
C LEU A 45 5.84 -11.15 -1.33
N HIS A 46 7.02 -10.82 -1.84
CA HIS A 46 8.26 -11.31 -1.24
C HIS A 46 8.52 -10.66 0.11
N PHE A 47 8.04 -9.43 0.27
CA PHE A 47 8.23 -8.70 1.51
C PHE A 47 7.52 -9.40 2.67
N LEU A 48 6.22 -9.64 2.50
CA LEU A 48 5.43 -10.31 3.53
C LEU A 48 5.95 -11.71 3.80
N ASN A 49 5.42 -12.34 4.84
CA ASN A 49 5.84 -13.70 5.20
C ASN A 49 4.76 -14.71 4.83
N PRO A 50 5.12 -16.00 4.78
CA PRO A 50 4.18 -17.07 4.43
C PRO A 50 2.90 -17.01 5.27
N GLU A 51 3.07 -16.87 6.58
CA GLU A 51 1.94 -16.80 7.49
C GLU A 51 1.08 -15.58 7.20
N GLU A 52 1.73 -14.45 6.95
CA GLU A 52 1.03 -13.20 6.66
C GLU A 52 0.34 -13.27 5.30
N LEU A 53 0.93 -14.02 4.38
CA LEU A 53 0.38 -14.17 3.03
C LEU A 53 -1.00 -14.81 3.09
N ARG A 54 -1.21 -15.67 4.08
CA ARG A 54 -2.50 -16.35 4.24
C ARG A 54 -3.62 -15.33 4.45
N VAL A 55 -3.30 -14.22 5.10
CA VAL A 55 -4.28 -13.18 5.36
C VAL A 55 -4.76 -12.52 4.07
N ILE A 56 -3.86 -12.46 3.08
CA ILE A 56 -4.19 -11.85 1.80
C ILE A 56 -4.70 -12.91 0.80
N GLU A 57 -4.19 -14.13 0.94
CA GLU A 57 -4.60 -15.22 0.06
C GLU A 57 -6.10 -15.48 0.16
N GLU A 58 -6.63 -15.28 1.37
CA GLU A 58 -8.06 -15.50 1.60
C GLU A 58 -8.90 -14.56 0.74
N ILE A 59 -8.36 -13.40 0.43
CA ILE A 59 -9.06 -12.41 -0.39
C ILE A 59 -8.91 -12.73 -1.88
N PRO A 60 -10.01 -13.15 -2.54
CA PRO A 60 -10.00 -13.49 -3.97
C PRO A 60 -9.94 -12.25 -4.85
N GLN A 61 -10.75 -11.24 -4.52
CA GLN A 61 -10.78 -10.00 -5.28
C GLN A 61 -9.42 -9.31 -5.27
N ALA A 62 -9.16 -8.52 -6.30
CA ALA A 62 -7.90 -7.80 -6.42
C ALA A 62 -7.95 -6.48 -5.66
N GLU A 63 -9.06 -5.77 -5.79
CA GLU A 63 -9.24 -4.49 -5.12
C GLU A 63 -9.13 -4.66 -3.60
N ASP A 64 -9.83 -5.66 -3.07
CA ASP A 64 -9.82 -5.93 -1.64
C ASP A 64 -8.45 -6.46 -1.20
N LYS A 65 -7.76 -7.13 -2.11
CA LYS A 65 -6.45 -7.69 -1.81
C LYS A 65 -5.48 -6.60 -1.38
N LEU A 66 -5.43 -5.52 -2.13
CA LEU A 66 -4.55 -4.40 -1.82
C LEU A 66 -4.87 -3.82 -0.45
N ASP A 67 -6.14 -3.88 -0.08
CA ASP A 67 -6.59 -3.36 1.22
C ASP A 67 -5.86 -4.06 2.36
N ARG A 68 -5.52 -5.33 2.16
CA ARG A 68 -4.83 -6.11 3.17
C ARG A 68 -3.32 -5.96 3.03
N LEU A 69 -2.85 -5.77 1.81
CA LEU A 69 -1.43 -5.62 1.54
C LEU A 69 -0.86 -4.41 2.28
N PHE A 70 -1.60 -3.30 2.26
CA PHE A 70 -1.17 -2.08 2.93
C PHE A 70 -1.35 -2.20 4.44
N GLU A 71 -2.32 -3.02 4.85
CA GLU A 71 -2.60 -3.21 6.27
C GLU A 71 -1.41 -3.88 6.97
N ILE A 72 -0.76 -4.79 6.27
CA ILE A 72 0.40 -5.51 6.82
C ILE A 72 1.67 -4.68 6.69
N ILE A 73 1.97 -4.27 5.46
CA ILE A 73 3.17 -3.48 5.20
C ILE A 73 3.06 -2.09 5.84
N GLY A 74 1.83 -1.60 5.97
CA GLY A 74 1.62 -0.29 6.56
C GLY A 74 2.14 -0.20 7.98
N VAL A 75 2.18 -1.34 8.67
CA VAL A 75 2.66 -1.39 10.04
C VAL A 75 3.87 -2.32 10.17
N LYS A 76 4.68 -2.40 9.12
CA LYS A 76 5.85 -3.26 9.13
C LYS A 76 7.13 -2.44 9.29
N SER A 77 7.46 -1.65 8.26
CA SER A 77 8.64 -0.82 8.28
C SER A 77 8.66 0.14 7.10
N GLN A 78 9.42 1.23 7.24
CA GLN A 78 9.52 2.23 6.18
C GLN A 78 10.21 1.66 4.95
N GLU A 79 10.99 0.60 5.15
CA GLU A 79 11.71 -0.04 4.05
C GLU A 79 10.74 -0.61 3.02
N ALA A 80 9.56 -1.02 3.48
CA ALA A 80 8.55 -1.59 2.61
C ALA A 80 7.41 -0.60 2.36
N SER A 81 7.11 0.22 3.36
CA SER A 81 6.03 1.20 3.25
C SER A 81 6.32 2.20 2.12
N GLN A 82 7.51 2.79 2.16
CA GLN A 82 7.91 3.76 1.14
C GLN A 82 7.88 3.14 -0.25
N THR A 83 8.31 1.88 -0.34
CA THR A 83 8.34 1.17 -1.61
C THR A 83 6.94 0.72 -2.01
N LEU A 84 6.12 0.40 -1.02
CA LEU A 84 4.76 -0.06 -1.28
C LEU A 84 3.96 1.01 -2.02
N LEU A 85 4.33 2.27 -1.84
CA LEU A 85 3.64 3.37 -2.49
C LEU A 85 4.29 3.70 -3.84
N ASP A 86 5.58 3.44 -3.95
CA ASP A 86 6.32 3.70 -5.18
C ASP A 86 6.12 2.57 -6.19
N SER A 87 6.02 1.35 -5.68
CA SER A 87 5.84 0.18 -6.54
C SER A 87 4.58 0.31 -7.39
N VAL A 88 3.51 0.81 -6.78
CA VAL A 88 2.25 0.99 -7.49
C VAL A 88 2.43 1.89 -8.72
N TYR A 89 3.06 3.04 -8.53
CA TYR A 89 3.30 3.98 -9.62
C TYR A 89 4.40 3.46 -10.54
N SER A 90 5.33 2.68 -9.99
CA SER A 90 6.42 2.14 -10.76
C SER A 90 5.94 1.02 -11.69
N HIS A 91 5.01 0.21 -11.19
CA HIS A 91 4.47 -0.90 -11.96
C HIS A 91 3.34 -0.41 -12.87
N LEU A 92 2.58 0.57 -12.41
CA LEU A 92 1.47 1.11 -13.18
C LEU A 92 1.80 2.51 -13.70
N PRO A 93 2.43 2.59 -14.88
CA PRO A 93 2.80 3.88 -15.49
C PRO A 93 1.59 4.68 -15.95
N ASP A 94 0.42 4.04 -15.96
CA ASP A 94 -0.81 4.70 -16.38
C ASP A 94 -1.36 5.58 -15.27
N LEU A 95 -1.08 5.22 -14.02
CA LEU A 95 -1.54 5.97 -12.87
C LEU A 95 -1.05 7.42 -12.93
N LEU A 96 0.16 7.60 -13.44
CA LEU A 96 0.75 8.93 -13.54
C LEU A 96 1.32 9.17 -14.95
N SER A 97 1.29 10.42 -15.38
CA SER A 97 1.79 10.78 -16.70
C SER A 97 3.28 10.45 -16.83
N GLY A 98 3.72 10.21 -18.05
CA GLY A 98 5.13 9.89 -18.28
C GLY A 98 5.34 8.43 -18.58
N PRO A 99 4.90 7.95 -19.75
CA PRO A 99 5.06 6.55 -20.15
C PRO A 99 6.51 6.18 -20.44
N SER A 100 7.15 5.53 -19.48
CA SER A 100 8.54 5.12 -19.63
C SER A 100 8.81 3.81 -18.89
N SER A 101 8.62 2.70 -19.58
CA SER A 101 8.84 1.38 -18.99
C SER A 101 9.81 0.57 -19.84
N GLY A 102 10.89 0.12 -19.22
CA GLY A 102 11.89 -0.67 -19.93
C GLY A 102 13.24 -0.01 -19.95
N GLY A 1 16.28 0.08 34.80
CA GLY A 1 16.66 -0.42 33.45
C GLY A 1 15.93 -1.71 33.08
N SER A 2 14.69 -1.81 33.53
CA SER A 2 13.88 -3.00 33.24
C SER A 2 12.71 -2.65 32.33
N SER A 3 12.51 -3.45 31.28
CA SER A 3 11.43 -3.22 30.33
C SER A 3 11.57 -1.86 29.67
N GLY A 4 10.73 -1.62 28.66
CA GLY A 4 10.77 -0.34 27.96
C GLY A 4 9.59 0.55 28.30
N SER A 5 9.03 1.19 27.29
CA SER A 5 7.89 2.09 27.49
C SER A 5 7.06 2.21 26.22
N SER A 6 7.74 2.42 25.10
CA SER A 6 7.06 2.55 23.82
C SER A 6 6.11 3.74 23.82
N GLY A 7 6.59 4.88 23.34
CA GLY A 7 5.77 6.08 23.31
C GLY A 7 5.51 6.56 21.89
N SER A 8 6.51 6.42 21.03
CA SER A 8 6.38 6.84 19.63
C SER A 8 7.04 5.83 18.70
N SER A 9 6.24 5.27 17.79
CA SER A 9 6.75 4.30 16.83
C SER A 9 5.88 4.25 15.58
N ALA A 10 4.57 4.18 15.80
CA ALA A 10 3.61 4.13 14.69
C ALA A 10 2.38 4.95 15.00
N LEU A 11 1.99 5.82 14.06
CA LEU A 11 0.82 6.67 14.23
C LEU A 11 0.97 7.57 15.45
N SER A 12 1.62 8.72 15.25
CA SER A 12 1.83 9.67 16.33
C SER A 12 1.61 11.10 15.84
N ARG A 13 2.36 11.49 14.82
CA ARG A 13 2.26 12.83 14.25
C ARG A 13 2.99 12.92 12.92
N ASN A 14 4.18 12.34 12.86
CA ASN A 14 4.98 12.35 11.65
C ASN A 14 5.57 10.98 11.36
N GLY A 15 6.23 10.41 12.36
CA GLY A 15 6.83 9.10 12.20
C GLY A 15 5.80 8.00 12.02
N SER A 16 5.57 7.61 10.77
CA SER A 16 4.60 6.57 10.46
C SER A 16 4.93 5.89 9.13
N PHE A 17 4.04 5.00 8.70
CA PHE A 17 4.23 4.28 7.44
C PHE A 17 2.91 4.09 6.71
N ILE A 18 2.61 5.02 5.80
CA ILE A 18 1.36 4.96 5.04
C ILE A 18 0.15 5.20 5.93
N THR A 19 -0.74 6.08 5.48
CA THR A 19 -1.95 6.40 6.24
C THR A 19 -3.17 5.70 5.65
N LYS A 20 -4.34 6.08 6.12
CA LYS A 20 -5.60 5.49 5.65
C LYS A 20 -6.12 6.24 4.43
N GLU A 21 -5.93 7.56 4.42
CA GLU A 21 -6.38 8.39 3.32
C GLU A 21 -5.60 8.07 2.04
N LYS A 22 -4.34 7.69 2.21
CA LYS A 22 -3.49 7.36 1.07
C LYS A 22 -3.89 6.03 0.44
N LYS A 23 -4.40 5.13 1.29
CA LYS A 23 -4.83 3.81 0.82
C LYS A 23 -6.10 3.92 -0.02
N ASP A 24 -6.93 4.89 0.31
CA ASP A 24 -8.18 5.10 -0.41
C ASP A 24 -7.93 5.76 -1.76
N THR A 25 -6.90 6.58 -1.83
CA THR A 25 -6.55 7.28 -3.06
C THR A 25 -5.97 6.30 -4.10
N VAL A 26 -5.29 5.27 -3.61
CA VAL A 26 -4.69 4.27 -4.47
C VAL A 26 -5.76 3.39 -5.12
N LEU A 27 -6.76 3.02 -4.34
CA LEU A 27 -7.86 2.18 -4.85
C LEU A 27 -8.80 2.99 -5.73
N ARG A 28 -8.93 4.28 -5.43
CA ARG A 28 -9.81 5.16 -6.18
C ARG A 28 -9.40 5.19 -7.66
N GLN A 29 -8.10 5.28 -7.91
CA GLN A 29 -7.59 5.32 -9.28
C GLN A 29 -7.87 4.00 -9.99
N VAL A 30 -7.90 2.91 -9.24
CA VAL A 30 -8.16 1.59 -9.80
C VAL A 30 -9.67 1.34 -9.92
N ARG A 31 -10.43 1.91 -8.98
CA ARG A 31 -11.87 1.74 -8.98
C ARG A 31 -12.49 2.26 -10.28
N LEU A 32 -11.88 3.31 -10.82
CA LEU A 32 -12.36 3.91 -12.06
C LEU A 32 -12.10 3.00 -13.25
N ASP A 33 -11.00 2.26 -13.19
CA ASP A 33 -10.63 1.34 -14.26
C ASP A 33 -9.71 0.24 -13.74
N PRO A 34 -9.92 -1.01 -14.19
CA PRO A 34 -9.10 -2.15 -13.76
C PRO A 34 -7.69 -2.10 -14.35
N CYS A 35 -6.69 -2.16 -13.48
CA CYS A 35 -5.30 -2.12 -13.91
C CYS A 35 -4.54 -3.35 -13.43
N ASP A 36 -3.42 -3.64 -14.07
CA ASP A 36 -2.60 -4.79 -13.70
C ASP A 36 -2.13 -4.68 -12.25
N LEU A 37 -2.77 -5.45 -11.36
CA LEU A 37 -2.41 -5.44 -9.96
C LEU A 37 -1.63 -6.69 -9.57
N GLN A 38 -0.89 -7.24 -10.52
CA GLN A 38 -0.10 -8.44 -10.29
C GLN A 38 1.34 -8.09 -9.93
N PRO A 39 2.03 -7.31 -10.78
CA PRO A 39 3.42 -6.90 -10.53
C PRO A 39 3.59 -6.21 -9.19
N ILE A 40 2.53 -5.56 -8.72
CA ILE A 40 2.56 -4.86 -7.45
C ILE A 40 2.53 -5.84 -6.27
N PHE A 41 1.92 -7.00 -6.49
CA PHE A 41 1.83 -8.02 -5.44
C PHE A 41 3.00 -9.00 -5.53
N ASP A 42 3.25 -9.51 -6.73
CA ASP A 42 4.33 -10.46 -6.94
C ASP A 42 5.67 -9.88 -6.50
N ASP A 43 5.88 -8.60 -6.77
CA ASP A 43 7.11 -7.93 -6.39
C ASP A 43 7.19 -7.71 -4.89
N MET A 44 6.02 -7.56 -4.26
CA MET A 44 5.96 -7.35 -2.81
C MET A 44 5.83 -8.68 -2.06
N LEU A 45 5.51 -9.75 -2.79
CA LEU A 45 5.36 -11.06 -2.19
C LEU A 45 6.59 -11.44 -1.38
N HIS A 46 7.75 -10.93 -1.80
CA HIS A 46 9.00 -11.22 -1.12
C HIS A 46 9.11 -10.44 0.18
N PHE A 47 8.50 -9.26 0.21
CA PHE A 47 8.52 -8.41 1.40
C PHE A 47 7.60 -8.97 2.47
N LEU A 48 6.48 -9.53 2.06
CA LEU A 48 5.50 -10.10 2.99
C LEU A 48 5.99 -11.45 3.53
N ASN A 49 5.28 -11.96 4.53
CA ASN A 49 5.64 -13.24 5.14
C ASN A 49 4.62 -14.31 4.76
N PRO A 50 4.97 -15.59 5.00
CA PRO A 50 4.07 -16.71 4.69
C PRO A 50 2.76 -16.64 5.47
N GLU A 51 2.85 -16.20 6.72
CA GLU A 51 1.66 -16.09 7.57
C GLU A 51 0.80 -14.91 7.14
N GLU A 52 1.45 -13.87 6.62
CA GLU A 52 0.74 -12.67 6.16
C GLU A 52 -0.01 -12.95 4.86
N LEU A 53 0.58 -13.78 4.01
CA LEU A 53 -0.03 -14.12 2.74
C LEU A 53 -1.32 -14.93 2.94
N ARG A 54 -1.35 -15.71 4.01
CA ARG A 54 -2.51 -16.54 4.32
C ARG A 54 -3.75 -15.66 4.52
N VAL A 55 -3.54 -14.45 5.01
CA VAL A 55 -4.65 -13.52 5.24
C VAL A 55 -5.08 -12.83 3.95
N ILE A 56 -4.11 -12.61 3.06
CA ILE A 56 -4.38 -11.96 1.78
C ILE A 56 -4.95 -12.95 0.78
N GLU A 57 -4.54 -14.21 0.89
CA GLU A 57 -5.01 -15.26 -0.01
C GLU A 57 -6.53 -15.42 0.09
N GLU A 58 -7.06 -15.23 1.29
CA GLU A 58 -8.49 -15.36 1.52
C GLU A 58 -9.27 -14.38 0.64
N ILE A 59 -8.66 -13.24 0.35
CA ILE A 59 -9.30 -12.22 -0.48
C ILE A 59 -9.36 -12.68 -1.94
N PRO A 60 -10.57 -12.95 -2.46
CA PRO A 60 -10.76 -13.39 -3.85
C PRO A 60 -10.55 -12.26 -4.85
N GLN A 61 -11.11 -11.09 -4.55
CA GLN A 61 -10.99 -9.93 -5.43
C GLN A 61 -9.62 -9.28 -5.27
N ALA A 62 -9.20 -8.55 -6.29
CA ALA A 62 -7.91 -7.87 -6.27
C ALA A 62 -8.03 -6.48 -5.65
N GLU A 63 -9.18 -5.86 -5.82
CA GLU A 63 -9.43 -4.53 -5.28
C GLU A 63 -9.27 -4.52 -3.76
N ASP A 64 -9.78 -5.57 -3.11
CA ASP A 64 -9.69 -5.68 -1.66
C ASP A 64 -8.32 -6.19 -1.24
N LYS A 65 -7.69 -6.97 -2.11
CA LYS A 65 -6.37 -7.52 -1.82
C LYS A 65 -5.35 -6.41 -1.57
N LEU A 66 -5.43 -5.35 -2.37
CA LEU A 66 -4.52 -4.22 -2.23
C LEU A 66 -4.74 -3.51 -0.91
N ASP A 67 -5.98 -3.53 -0.43
CA ASP A 67 -6.33 -2.88 0.84
C ASP A 67 -5.61 -3.55 2.00
N ARG A 68 -5.37 -4.85 1.89
CA ARG A 68 -4.70 -5.61 2.94
C ARG A 68 -3.18 -5.47 2.81
N LEU A 69 -2.70 -5.32 1.59
CA LEU A 69 -1.27 -5.18 1.34
C LEU A 69 -0.71 -3.96 2.07
N PHE A 70 -1.54 -2.95 2.24
CA PHE A 70 -1.14 -1.72 2.92
C PHE A 70 -1.30 -1.86 4.43
N GLU A 71 -2.22 -2.71 4.86
CA GLU A 71 -2.48 -2.93 6.27
C GLU A 71 -1.27 -3.56 6.95
N ILE A 72 -0.69 -4.57 6.30
CA ILE A 72 0.48 -5.26 6.85
C ILE A 72 1.73 -4.39 6.73
N ILE A 73 2.07 -4.00 5.51
CA ILE A 73 3.25 -3.18 5.27
C ILE A 73 3.09 -1.81 5.92
N GLY A 74 1.86 -1.34 6.03
CA GLY A 74 1.59 -0.05 6.63
C GLY A 74 2.10 0.04 8.07
N VAL A 75 2.31 -1.11 8.69
CA VAL A 75 2.80 -1.15 10.07
C VAL A 75 4.07 -1.99 10.18
N LYS A 76 4.89 -1.95 9.12
CA LYS A 76 6.14 -2.69 9.10
C LYS A 76 7.34 -1.76 9.29
N SER A 77 7.58 -0.91 8.30
CA SER A 77 8.69 0.03 8.36
C SER A 77 8.74 0.90 7.11
N GLN A 78 9.61 1.91 7.12
CA GLN A 78 9.75 2.81 5.99
C GLN A 78 10.48 2.13 4.84
N GLU A 79 11.32 1.15 5.16
CA GLU A 79 12.07 0.42 4.16
C GLU A 79 11.14 -0.34 3.22
N ALA A 80 10.05 -0.86 3.79
CA ALA A 80 9.07 -1.61 2.99
C ALA A 80 7.90 -0.73 2.58
N SER A 81 7.55 0.22 3.44
CA SER A 81 6.45 1.13 3.16
C SER A 81 6.74 1.98 1.93
N GLN A 82 7.90 2.62 1.92
CA GLN A 82 8.30 3.47 0.80
C GLN A 82 8.33 2.67 -0.50
N THR A 83 8.62 1.38 -0.39
CA THR A 83 8.69 0.50 -1.55
C THR A 83 7.29 0.14 -2.04
N LEU A 84 6.35 0.05 -1.09
CA LEU A 84 4.97 -0.30 -1.42
C LEU A 84 4.33 0.78 -2.30
N LEU A 85 4.32 2.00 -1.80
CA LEU A 85 3.74 3.13 -2.53
C LEU A 85 4.47 3.35 -3.86
N ASP A 86 5.76 3.05 -3.86
CA ASP A 86 6.58 3.22 -5.06
C ASP A 86 6.31 2.11 -6.07
N SER A 87 6.08 0.90 -5.57
CA SER A 87 5.80 -0.24 -6.43
C SER A 87 4.52 -0.04 -7.22
N VAL A 88 3.58 0.69 -6.63
CA VAL A 88 2.30 0.96 -7.29
C VAL A 88 2.48 1.88 -8.50
N TYR A 89 3.29 2.92 -8.32
CA TYR A 89 3.54 3.87 -9.39
C TYR A 89 4.65 3.38 -10.31
N SER A 90 5.59 2.63 -9.75
CA SER A 90 6.71 2.09 -10.52
C SER A 90 6.22 1.11 -11.58
N HIS A 91 5.13 0.42 -11.28
CA HIS A 91 4.56 -0.55 -12.21
C HIS A 91 3.43 0.08 -13.02
N LEU A 92 2.68 0.97 -12.40
CA LEU A 92 1.57 1.64 -13.07
C LEU A 92 1.84 3.13 -13.22
N PRO A 93 2.47 3.54 -14.34
CA PRO A 93 2.79 4.95 -14.59
C PRO A 93 1.54 5.79 -14.84
N ASP A 94 0.48 5.14 -15.30
CA ASP A 94 -0.78 5.82 -15.58
C ASP A 94 -1.30 6.55 -14.34
N LEU A 95 -0.99 6.01 -13.17
CA LEU A 95 -1.43 6.61 -11.92
C LEU A 95 -0.82 8.00 -11.73
N LEU A 96 0.47 8.03 -11.41
CA LEU A 96 1.18 9.29 -11.21
C LEU A 96 2.30 9.45 -12.24
N SER A 97 1.95 9.94 -13.42
CA SER A 97 2.92 10.16 -14.48
C SER A 97 2.26 10.77 -15.71
N GLY A 98 1.06 10.32 -16.02
CA GLY A 98 0.33 10.85 -17.16
C GLY A 98 -0.56 12.03 -16.80
N PRO A 99 -1.75 12.14 -17.42
CA PRO A 99 -2.68 13.23 -17.13
C PRO A 99 -2.94 13.41 -15.64
N SER A 100 -3.31 12.33 -14.98
CA SER A 100 -3.59 12.37 -13.55
C SER A 100 -2.32 12.69 -12.76
N SER A 101 -2.20 13.94 -12.32
CA SER A 101 -1.04 14.38 -11.56
C SER A 101 -1.41 15.51 -10.59
N GLY A 102 -2.61 15.42 -10.02
CA GLY A 102 -3.05 16.44 -9.10
C GLY A 102 -4.21 17.26 -9.65
N GLY A 1 25.82 1.24 18.30
CA GLY A 1 26.80 1.12 17.19
C GLY A 1 26.74 -0.24 16.51
N SER A 2 26.57 -1.29 17.31
CA SER A 2 26.50 -2.65 16.79
C SER A 2 25.06 -3.05 16.50
N SER A 3 24.19 -2.82 17.47
CA SER A 3 22.77 -3.15 17.31
C SER A 3 21.94 -1.90 17.03
N GLY A 4 22.18 -0.85 17.82
CA GLY A 4 21.46 0.39 17.64
C GLY A 4 20.03 0.29 18.14
N SER A 5 19.74 0.94 19.26
CA SER A 5 18.40 0.93 19.83
C SER A 5 17.46 1.85 19.06
N SER A 6 18.02 2.92 18.50
CA SER A 6 17.24 3.87 17.73
C SER A 6 17.19 3.49 16.25
N GLY A 7 16.23 4.04 15.53
CA GLY A 7 16.10 3.73 14.11
C GLY A 7 14.93 4.44 13.47
N SER A 8 13.90 3.69 13.08
CA SER A 8 12.72 4.26 12.46
C SER A 8 11.45 3.66 13.05
N SER A 9 10.64 4.51 13.68
CA SER A 9 9.40 4.08 14.30
C SER A 9 8.49 5.27 14.60
N ALA A 10 9.08 6.32 15.15
CA ALA A 10 8.33 7.53 15.49
C ALA A 10 8.08 8.39 14.26
N LEU A 11 6.86 8.88 14.12
CA LEU A 11 6.50 9.71 12.98
C LEU A 11 5.51 10.80 13.41
N SER A 12 4.46 10.41 14.11
CA SER A 12 3.46 11.36 14.57
C SER A 12 3.11 11.11 16.04
N ARG A 13 2.88 9.84 16.38
CA ARG A 13 2.54 9.46 17.75
C ARG A 13 3.18 8.13 18.12
N ASN A 14 3.04 7.15 17.23
CA ASN A 14 3.61 5.82 17.47
C ASN A 14 3.79 5.07 16.16
N GLY A 15 4.10 5.80 15.10
CA GLY A 15 4.29 5.19 13.79
C GLY A 15 3.20 5.57 12.81
N SER A 16 3.61 5.87 11.58
CA SER A 16 2.65 6.25 10.54
C SER A 16 3.29 6.16 9.15
N PHE A 17 3.72 4.96 8.78
CA PHE A 17 4.35 4.74 7.48
C PHE A 17 3.36 4.99 6.35
N ILE A 18 2.13 4.53 6.54
CA ILE A 18 1.08 4.70 5.53
C ILE A 18 -0.25 5.00 6.18
N THR A 19 -0.88 6.10 5.74
CA THR A 19 -2.17 6.51 6.28
C THR A 19 -3.31 5.88 5.49
N LYS A 20 -4.48 5.77 6.13
CA LYS A 20 -5.65 5.18 5.48
C LYS A 20 -6.05 5.99 4.25
N GLU A 21 -5.82 7.30 4.30
CA GLU A 21 -6.15 8.18 3.20
C GLU A 21 -5.37 7.79 1.94
N LYS A 22 -4.10 7.47 2.12
CA LYS A 22 -3.25 7.08 0.99
C LYS A 22 -3.73 5.77 0.38
N LYS A 23 -4.22 4.87 1.22
CA LYS A 23 -4.71 3.58 0.75
C LYS A 23 -5.91 3.75 -0.17
N ASP A 24 -6.75 4.74 0.14
CA ASP A 24 -7.93 5.01 -0.66
C ASP A 24 -7.56 5.67 -1.99
N THR A 25 -6.56 6.53 -1.95
CA THR A 25 -6.09 7.22 -3.15
C THR A 25 -5.62 6.22 -4.20
N VAL A 26 -5.09 5.10 -3.75
CA VAL A 26 -4.60 4.07 -4.66
C VAL A 26 -5.76 3.32 -5.31
N LEU A 27 -6.76 2.97 -4.51
CA LEU A 27 -7.92 2.25 -5.00
C LEU A 27 -8.80 3.15 -5.87
N ARG A 28 -8.79 4.45 -5.56
CA ARG A 28 -9.59 5.42 -6.30
C ARG A 28 -9.20 5.43 -7.77
N GLN A 29 -7.90 5.25 -8.04
CA GLN A 29 -7.39 5.24 -9.40
C GLN A 29 -7.76 3.95 -10.11
N VAL A 30 -7.87 2.87 -9.34
CA VAL A 30 -8.21 1.56 -9.90
C VAL A 30 -9.73 1.41 -10.03
N ARG A 31 -10.46 2.01 -9.09
CA ARG A 31 -11.92 1.93 -9.11
C ARG A 31 -12.48 2.56 -10.38
N LEU A 32 -11.94 3.72 -10.75
CA LEU A 32 -12.39 4.41 -11.95
C LEU A 32 -11.84 3.75 -13.21
N ASP A 33 -10.66 3.16 -13.09
CA ASP A 33 -10.02 2.49 -14.22
C ASP A 33 -9.28 1.24 -13.77
N PRO A 34 -9.95 0.08 -13.75
CA PRO A 34 -9.34 -1.19 -13.32
C PRO A 34 -8.04 -1.47 -14.06
N CYS A 35 -6.99 -1.80 -13.30
CA CYS A 35 -5.69 -2.10 -13.87
C CYS A 35 -5.14 -3.41 -13.32
N ASP A 36 -4.06 -3.90 -13.93
CA ASP A 36 -3.44 -5.15 -13.51
C ASP A 36 -2.54 -4.92 -12.30
N LEU A 37 -2.91 -5.51 -11.17
CA LEU A 37 -2.13 -5.38 -9.95
C LEU A 37 -1.27 -6.61 -9.70
N GLN A 38 -0.86 -7.27 -10.80
CA GLN A 38 -0.04 -8.46 -10.71
C GLN A 38 1.39 -8.13 -10.24
N PRO A 39 2.13 -7.31 -11.02
CA PRO A 39 3.49 -6.92 -10.67
C PRO A 39 3.57 -6.19 -9.34
N ILE A 40 2.45 -5.58 -8.94
CA ILE A 40 2.40 -4.85 -7.68
C ILE A 40 2.41 -5.81 -6.49
N PHE A 41 1.93 -7.03 -6.71
CA PHE A 41 1.88 -8.04 -5.66
C PHE A 41 3.06 -9.00 -5.76
N ASP A 42 3.33 -9.46 -6.98
CA ASP A 42 4.42 -10.39 -7.22
C ASP A 42 5.75 -9.84 -6.69
N ASP A 43 5.83 -8.52 -6.56
CA ASP A 43 7.06 -7.88 -6.07
C ASP A 43 6.96 -7.58 -4.57
N MET A 44 5.74 -7.57 -4.04
CA MET A 44 5.55 -7.29 -2.62
C MET A 44 5.30 -8.58 -1.82
N LEU A 45 4.89 -9.63 -2.53
CA LEU A 45 4.62 -10.92 -1.88
C LEU A 45 5.83 -11.40 -1.08
N HIS A 46 7.02 -11.03 -1.54
CA HIS A 46 8.25 -11.43 -0.86
C HIS A 46 8.45 -10.64 0.43
N PHE A 47 7.94 -9.40 0.43
CA PHE A 47 8.07 -8.53 1.60
C PHE A 47 7.31 -9.11 2.78
N LEU A 48 6.15 -9.70 2.51
CA LEU A 48 5.32 -10.28 3.55
C LEU A 48 5.77 -11.71 3.88
N ASN A 49 5.38 -12.19 5.05
CA ASN A 49 5.75 -13.53 5.48
C ASN A 49 4.63 -14.53 5.15
N PRO A 50 4.90 -15.83 5.30
CA PRO A 50 3.92 -16.88 5.02
C PRO A 50 2.59 -16.64 5.73
N GLU A 51 2.66 -16.33 7.02
CA GLU A 51 1.47 -16.08 7.82
C GLU A 51 0.76 -14.82 7.35
N GLU A 52 1.55 -13.79 7.01
CA GLU A 52 1.00 -12.52 6.54
C GLU A 52 0.36 -12.68 5.17
N LEU A 53 0.95 -13.55 4.34
CA LEU A 53 0.45 -13.78 3.00
C LEU A 53 -0.81 -14.66 3.03
N ARG A 54 -0.90 -15.52 4.04
CA ARG A 54 -2.04 -16.41 4.19
C ARG A 54 -3.34 -15.62 4.30
N VAL A 55 -3.25 -14.42 4.87
CA VAL A 55 -4.42 -13.56 5.04
C VAL A 55 -4.81 -12.90 3.73
N ILE A 56 -3.81 -12.60 2.91
CA ILE A 56 -4.05 -11.96 1.61
C ILE A 56 -4.51 -12.97 0.58
N GLU A 57 -4.03 -14.20 0.71
CA GLU A 57 -4.40 -15.26 -0.22
C GLU A 57 -5.87 -15.63 -0.07
N GLU A 58 -6.38 -15.53 1.15
CA GLU A 58 -7.79 -15.84 1.42
C GLU A 58 -8.72 -14.93 0.62
N ILE A 59 -8.36 -13.66 0.51
CA ILE A 59 -9.16 -12.70 -0.23
C ILE A 59 -9.07 -12.94 -1.73
N PRO A 60 -10.17 -13.38 -2.36
CA PRO A 60 -10.20 -13.65 -3.80
C PRO A 60 -10.22 -12.36 -4.63
N GLN A 61 -10.98 -11.38 -4.17
CA GLN A 61 -11.09 -10.10 -4.86
C GLN A 61 -9.72 -9.44 -5.01
N ALA A 62 -9.61 -8.54 -5.98
CA ALA A 62 -8.36 -7.83 -6.21
C ALA A 62 -8.35 -6.48 -5.51
N GLU A 63 -9.46 -5.75 -5.62
CA GLU A 63 -9.58 -4.45 -4.99
C GLU A 63 -9.39 -4.55 -3.48
N ASP A 64 -9.87 -5.64 -2.90
CA ASP A 64 -9.76 -5.86 -1.46
C ASP A 64 -8.36 -6.33 -1.09
N LYS A 65 -7.72 -7.05 -2.01
CA LYS A 65 -6.37 -7.56 -1.79
C LYS A 65 -5.39 -6.43 -1.50
N LEU A 66 -5.42 -5.40 -2.36
CA LEU A 66 -4.54 -4.26 -2.20
C LEU A 66 -4.77 -3.56 -0.86
N ASP A 67 -6.00 -3.63 -0.37
CA ASP A 67 -6.36 -3.01 0.89
C ASP A 67 -5.57 -3.61 2.05
N ARG A 68 -5.19 -4.87 1.90
CA ARG A 68 -4.43 -5.57 2.93
C ARG A 68 -2.93 -5.34 2.75
N LEU A 69 -2.51 -5.18 1.51
CA LEU A 69 -1.10 -4.95 1.20
C LEU A 69 -0.58 -3.71 1.93
N PHE A 70 -1.47 -2.75 2.16
CA PHE A 70 -1.09 -1.52 2.85
C PHE A 70 -1.31 -1.65 4.35
N GLU A 71 -2.20 -2.54 4.75
CA GLU A 71 -2.49 -2.75 6.16
C GLU A 71 -1.27 -3.31 6.90
N ILE A 72 -0.77 -4.45 6.42
CA ILE A 72 0.38 -5.08 7.03
C ILE A 72 1.65 -4.25 6.82
N ILE A 73 1.90 -3.89 5.56
CA ILE A 73 3.07 -3.09 5.22
C ILE A 73 2.99 -1.70 5.84
N GLY A 74 1.76 -1.19 5.98
CA GLY A 74 1.57 0.13 6.55
C GLY A 74 2.13 0.23 7.97
N VAL A 75 2.22 -0.90 8.66
CA VAL A 75 2.74 -0.92 10.02
C VAL A 75 3.93 -1.87 10.14
N LYS A 76 4.73 -1.94 9.08
CA LYS A 76 5.90 -2.82 9.06
C LYS A 76 7.18 -2.01 9.25
N SER A 77 7.52 -1.20 8.25
CA SER A 77 8.72 -0.38 8.29
C SER A 77 8.79 0.55 7.08
N GLN A 78 9.71 1.50 7.13
CA GLN A 78 9.88 2.46 6.04
C GLN A 78 10.49 1.79 4.81
N GLU A 79 11.24 0.72 5.04
CA GLU A 79 11.87 -0.01 3.96
C GLU A 79 10.84 -0.72 3.09
N ALA A 80 9.73 -1.12 3.71
CA ALA A 80 8.66 -1.80 2.99
C ALA A 80 7.57 -0.83 2.58
N SER A 81 7.37 0.21 3.38
CA SER A 81 6.35 1.22 3.10
C SER A 81 6.71 2.04 1.86
N GLN A 82 7.94 2.54 1.84
CA GLN A 82 8.41 3.34 0.72
C GLN A 82 8.37 2.54 -0.59
N THR A 83 8.55 1.23 -0.47
CA THR A 83 8.53 0.36 -1.65
C THR A 83 7.10 0.08 -2.09
N LEU A 84 6.17 0.08 -1.14
CA LEU A 84 4.77 -0.18 -1.44
C LEU A 84 4.16 0.95 -2.26
N LEU A 85 4.23 2.17 -1.73
CA LEU A 85 3.68 3.34 -2.41
C LEU A 85 4.37 3.55 -3.76
N ASP A 86 5.63 3.15 -3.86
CA ASP A 86 6.39 3.29 -5.09
C ASP A 86 6.12 2.13 -6.03
N SER A 87 5.97 0.93 -5.47
CA SER A 87 5.71 -0.26 -6.26
C SER A 87 4.46 -0.10 -7.12
N VAL A 88 3.52 0.71 -6.64
CA VAL A 88 2.28 0.94 -7.37
C VAL A 88 2.50 1.86 -8.55
N TYR A 89 2.98 3.07 -8.28
CA TYR A 89 3.24 4.05 -9.33
C TYR A 89 4.36 3.58 -10.25
N SER A 90 5.37 2.93 -9.68
CA SER A 90 6.50 2.44 -10.44
C SER A 90 6.05 1.39 -11.46
N HIS A 91 5.14 0.52 -11.05
CA HIS A 91 4.64 -0.53 -11.93
C HIS A 91 3.51 0.00 -12.81
N LEU A 92 2.71 0.90 -12.26
CA LEU A 92 1.59 1.49 -13.00
C LEU A 92 1.94 2.90 -13.47
N PRO A 93 2.46 3.04 -14.70
CA PRO A 93 2.83 4.34 -15.27
C PRO A 93 1.61 5.21 -15.55
N ASP A 94 0.46 4.57 -15.78
CA ASP A 94 -0.77 5.30 -16.06
C ASP A 94 -1.15 6.21 -14.89
N LEU A 95 -0.79 5.78 -13.69
CA LEU A 95 -1.08 6.55 -12.49
C LEU A 95 -0.41 7.92 -12.54
N LEU A 96 0.91 7.91 -12.42
CA LEU A 96 1.68 9.15 -12.44
C LEU A 96 2.44 9.28 -13.76
N SER A 97 3.51 8.51 -13.90
CA SER A 97 4.33 8.54 -15.12
C SER A 97 5.45 7.51 -15.05
N GLY A 98 6.12 7.29 -16.18
CA GLY A 98 7.20 6.33 -16.23
C GLY A 98 8.06 6.49 -17.47
N PRO A 99 9.37 6.18 -17.38
CA PRO A 99 10.28 6.28 -18.52
C PRO A 99 9.77 5.55 -19.75
N SER A 100 10.08 6.08 -20.93
CA SER A 100 9.66 5.48 -22.18
C SER A 100 10.86 5.03 -23.00
N SER A 101 11.94 4.65 -22.33
CA SER A 101 13.15 4.20 -22.99
C SER A 101 14.07 3.45 -22.02
N GLY A 102 13.46 2.77 -21.05
CA GLY A 102 14.23 2.03 -20.08
C GLY A 102 13.71 2.23 -18.66
N GLY A 1 13.99 29.28 14.47
CA GLY A 1 13.60 28.68 13.18
C GLY A 1 12.71 29.60 12.36
N SER A 2 11.94 29.01 11.44
CA SER A 2 11.04 29.78 10.58
C SER A 2 9.62 29.25 10.69
N SER A 3 8.65 30.16 10.71
CA SER A 3 7.24 29.79 10.80
C SER A 3 6.73 29.27 9.47
N GLY A 4 5.97 28.18 9.50
CA GLY A 4 5.42 27.62 8.28
C GLY A 4 5.43 26.10 8.30
N SER A 5 4.34 25.51 8.75
CA SER A 5 4.23 24.05 8.81
C SER A 5 2.83 23.60 8.42
N SER A 6 2.66 22.29 8.21
CA SER A 6 1.37 21.73 7.84
C SER A 6 1.21 20.32 8.39
N GLY A 7 2.17 19.45 8.08
CA GLY A 7 2.11 18.09 8.55
C GLY A 7 2.14 17.99 10.06
N SER A 8 0.95 17.88 10.66
CA SER A 8 0.84 17.78 12.11
C SER A 8 0.67 16.32 12.55
N SER A 9 1.25 15.40 11.77
CA SER A 9 1.16 13.99 12.08
C SER A 9 -0.29 13.53 12.15
N ALA A 10 -0.80 13.00 11.04
CA ALA A 10 -2.18 12.52 10.97
C ALA A 10 -2.36 11.28 11.83
N LEU A 11 -1.31 10.48 11.93
CA LEU A 11 -1.35 9.26 12.73
C LEU A 11 -0.26 9.24 13.78
N SER A 12 -0.08 8.10 14.44
CA SER A 12 0.94 7.96 15.47
C SER A 12 2.33 8.25 14.92
N ARG A 13 3.01 9.23 15.51
CA ARG A 13 4.35 9.59 15.08
C ARG A 13 5.35 8.49 15.39
N ASN A 14 5.19 7.87 16.54
CA ASN A 14 6.08 6.78 16.96
C ASN A 14 5.93 5.58 16.06
N GLY A 15 4.69 5.19 15.79
CA GLY A 15 4.43 4.04 14.94
C GLY A 15 3.77 4.44 13.62
N SER A 16 3.03 3.51 13.04
CA SER A 16 2.34 3.76 11.78
C SER A 16 3.35 4.10 10.67
N PHE A 17 2.86 4.18 9.44
CA PHE A 17 3.71 4.49 8.30
C PHE A 17 2.88 5.05 7.15
N ILE A 18 1.90 4.26 6.70
CA ILE A 18 1.03 4.68 5.60
C ILE A 18 -0.33 5.11 6.10
N THR A 19 -0.79 6.26 5.63
CA THR A 19 -2.10 6.79 6.04
C THR A 19 -3.22 6.14 5.25
N LYS A 20 -4.45 6.41 5.67
CA LYS A 20 -5.62 5.84 5.00
C LYS A 20 -5.92 6.58 3.70
N GLU A 21 -5.59 7.88 3.67
CA GLU A 21 -5.82 8.70 2.50
C GLU A 21 -4.91 8.28 1.34
N LYS A 22 -3.72 7.79 1.69
CA LYS A 22 -2.76 7.35 0.69
C LYS A 22 -3.30 6.16 -0.11
N LYS A 23 -3.68 5.11 0.60
CA LYS A 23 -4.22 3.92 -0.04
C LYS A 23 -5.48 4.25 -0.84
N ASP A 24 -6.22 5.25 -0.39
CA ASP A 24 -7.45 5.66 -1.07
C ASP A 24 -7.16 6.06 -2.51
N THR A 25 -6.24 6.99 -2.70
CA THR A 25 -5.89 7.46 -4.04
C THR A 25 -5.45 6.31 -4.92
N VAL A 26 -4.94 5.24 -4.30
CA VAL A 26 -4.48 4.07 -5.04
C VAL A 26 -5.66 3.25 -5.56
N LEU A 27 -6.63 2.99 -4.68
CA LEU A 27 -7.80 2.21 -5.03
C LEU A 27 -8.78 3.06 -5.84
N ARG A 28 -8.88 4.33 -5.51
CA ARG A 28 -9.79 5.24 -6.21
C ARG A 28 -9.48 5.28 -7.70
N GLN A 29 -8.19 5.22 -8.04
CA GLN A 29 -7.76 5.24 -9.44
C GLN A 29 -8.16 3.95 -10.14
N VAL A 30 -8.21 2.86 -9.39
CA VAL A 30 -8.57 1.57 -9.94
C VAL A 30 -10.08 1.41 -10.02
N ARG A 31 -10.78 1.89 -8.99
CA ARG A 31 -12.24 1.81 -8.94
C ARG A 31 -12.86 2.51 -10.15
N LEU A 32 -12.18 3.54 -10.64
CA LEU A 32 -12.68 4.29 -11.79
C LEU A 32 -12.58 3.47 -13.07
N ASP A 33 -11.42 2.83 -13.26
CA ASP A 33 -11.19 2.01 -14.44
C ASP A 33 -10.00 1.08 -14.23
N PRO A 34 -10.25 -0.14 -13.72
CA PRO A 34 -9.20 -1.13 -13.46
C PRO A 34 -8.31 -1.35 -14.69
N CYS A 35 -7.10 -1.81 -14.45
CA CYS A 35 -6.15 -2.07 -15.53
C CYS A 35 -5.27 -3.28 -15.21
N ASP A 36 -4.67 -3.27 -14.03
CA ASP A 36 -3.80 -4.37 -13.60
C ASP A 36 -3.36 -4.18 -12.16
N LEU A 37 -3.14 -5.29 -11.46
CA LEU A 37 -2.72 -5.24 -10.06
C LEU A 37 -1.82 -6.43 -9.73
N GLN A 38 -1.09 -6.92 -10.72
CA GLN A 38 -0.19 -8.05 -10.53
C GLN A 38 1.23 -7.59 -10.20
N PRO A 39 1.80 -6.69 -11.01
CA PRO A 39 3.15 -6.17 -10.79
C PRO A 39 3.33 -5.58 -9.39
N ILE A 40 2.22 -5.15 -8.79
CA ILE A 40 2.25 -4.57 -7.46
C ILE A 40 2.30 -5.65 -6.38
N PHE A 41 1.76 -6.82 -6.70
CA PHE A 41 1.74 -7.94 -5.76
C PHE A 41 2.98 -8.82 -5.92
N ASP A 42 3.26 -9.22 -7.15
CA ASP A 42 4.41 -10.07 -7.45
C ASP A 42 5.71 -9.41 -6.99
N ASP A 43 5.70 -8.08 -6.86
CA ASP A 43 6.88 -7.35 -6.44
C ASP A 43 6.91 -7.16 -4.93
N MET A 44 5.73 -7.12 -4.31
CA MET A 44 5.63 -6.95 -2.86
C MET A 44 5.53 -8.29 -2.15
N LEU A 45 5.21 -9.34 -2.90
CA LEU A 45 5.08 -10.68 -2.33
C LEU A 45 6.35 -11.08 -1.59
N HIS A 46 7.50 -10.70 -2.14
CA HIS A 46 8.78 -11.02 -1.54
C HIS A 46 8.93 -10.34 -0.17
N PHE A 47 8.27 -9.20 -0.01
CA PHE A 47 8.33 -8.46 1.25
C PHE A 47 7.50 -9.15 2.33
N LEU A 48 6.43 -9.82 1.92
CA LEU A 48 5.56 -10.52 2.86
C LEU A 48 6.15 -11.87 3.24
N ASN A 49 5.42 -12.63 4.05
CA ASN A 49 5.87 -13.94 4.49
C ASN A 49 4.72 -14.95 4.46
N PRO A 50 5.04 -16.25 4.47
CA PRO A 50 4.04 -17.32 4.43
C PRO A 50 2.95 -17.12 5.49
N GLU A 51 3.31 -16.51 6.60
CA GLU A 51 2.36 -16.26 7.68
C GLU A 51 1.41 -15.12 7.32
N GLU A 52 1.97 -14.08 6.68
CA GLU A 52 1.17 -12.92 6.28
C GLU A 52 0.35 -13.24 5.04
N LEU A 53 0.93 -14.03 4.13
CA LEU A 53 0.25 -14.40 2.90
C LEU A 53 -1.04 -15.14 3.19
N ARG A 54 -1.06 -15.88 4.29
CA ARG A 54 -2.24 -16.65 4.68
C ARG A 54 -3.42 -15.72 4.97
N VAL A 55 -3.12 -14.51 5.44
CA VAL A 55 -4.16 -13.54 5.76
C VAL A 55 -4.70 -12.88 4.48
N ILE A 56 -3.83 -12.73 3.49
CA ILE A 56 -4.23 -12.12 2.23
C ILE A 56 -4.90 -13.13 1.31
N GLU A 57 -4.50 -14.39 1.43
CA GLU A 57 -5.07 -15.45 0.60
C GLU A 57 -6.58 -15.56 0.83
N GLU A 58 -7.02 -15.22 2.04
CA GLU A 58 -8.43 -15.29 2.38
C GLU A 58 -9.26 -14.38 1.47
N ILE A 59 -8.65 -13.29 1.03
CA ILE A 59 -9.33 -12.33 0.15
C ILE A 59 -9.26 -12.78 -1.31
N PRO A 60 -10.40 -13.19 -1.89
CA PRO A 60 -10.46 -13.64 -3.29
C PRO A 60 -10.38 -12.48 -4.27
N GLN A 61 -11.12 -11.41 -3.99
CA GLN A 61 -11.14 -10.25 -4.86
C GLN A 61 -9.74 -9.64 -4.99
N ALA A 62 -9.57 -8.76 -5.97
CA ALA A 62 -8.28 -8.12 -6.20
C ALA A 62 -8.22 -6.75 -5.53
N GLU A 63 -9.27 -5.96 -5.69
CA GLU A 63 -9.34 -4.64 -5.09
C GLU A 63 -9.23 -4.71 -3.57
N ASP A 64 -9.85 -5.74 -3.00
CA ASP A 64 -9.83 -5.93 -1.55
C ASP A 64 -8.46 -6.41 -1.10
N LYS A 65 -7.78 -7.16 -1.96
CA LYS A 65 -6.45 -7.69 -1.64
C LYS A 65 -5.46 -6.55 -1.44
N LEU A 66 -5.57 -5.51 -2.26
CA LEU A 66 -4.67 -4.36 -2.17
C LEU A 66 -4.78 -3.70 -0.80
N ASP A 67 -5.99 -3.67 -0.26
CA ASP A 67 -6.24 -3.06 1.04
C ASP A 67 -5.50 -3.83 2.14
N ARG A 68 -5.38 -5.14 1.96
CA ARG A 68 -4.71 -5.99 2.93
C ARG A 68 -3.19 -5.87 2.79
N LEU A 69 -2.73 -5.67 1.56
CA LEU A 69 -1.30 -5.54 1.29
C LEU A 69 -0.72 -4.36 2.06
N PHE A 70 -1.46 -3.27 2.11
CA PHE A 70 -1.02 -2.06 2.81
C PHE A 70 -1.29 -2.18 4.31
N GLU A 71 -2.29 -2.97 4.67
CA GLU A 71 -2.65 -3.17 6.07
C GLU A 71 -1.55 -3.89 6.82
N ILE A 72 -0.99 -4.93 6.19
CA ILE A 72 0.08 -5.71 6.81
C ILE A 72 1.42 -4.99 6.69
N ILE A 73 1.77 -4.59 5.48
CA ILE A 73 3.03 -3.89 5.23
C ILE A 73 3.01 -2.50 5.87
N GLY A 74 1.82 -1.91 5.98
CA GLY A 74 1.70 -0.59 6.57
C GLY A 74 2.23 -0.54 7.99
N VAL A 75 1.98 -1.59 8.76
CA VAL A 75 2.45 -1.66 10.13
C VAL A 75 3.68 -2.54 10.26
N LYS A 76 4.48 -2.58 9.20
CA LYS A 76 5.69 -3.39 9.18
C LYS A 76 6.92 -2.53 9.43
N SER A 77 7.27 -1.71 8.44
CA SER A 77 8.42 -0.82 8.55
C SER A 77 8.47 0.15 7.37
N GLN A 78 9.37 1.12 7.46
CA GLN A 78 9.52 2.12 6.40
C GLN A 78 10.20 1.51 5.17
N GLU A 79 11.01 0.48 5.40
CA GLU A 79 11.72 -0.19 4.30
C GLU A 79 10.73 -0.81 3.32
N ALA A 80 9.57 -1.22 3.82
CA ALA A 80 8.55 -1.83 2.97
C ALA A 80 7.40 -0.87 2.71
N SER A 81 7.09 -0.03 3.69
CA SER A 81 6.01 0.94 3.56
C SER A 81 6.27 1.89 2.40
N GLN A 82 7.49 2.42 2.34
CA GLN A 82 7.86 3.35 1.28
C GLN A 82 7.85 2.66 -0.08
N THR A 83 8.46 1.48 -0.15
CA THR A 83 8.51 0.72 -1.39
C THR A 83 7.12 0.34 -1.86
N LEU A 84 6.24 0.02 -0.91
CA LEU A 84 4.87 -0.37 -1.23
C LEU A 84 4.14 0.76 -1.96
N LEU A 85 4.51 2.00 -1.62
CA LEU A 85 3.88 3.16 -2.25
C LEU A 85 4.53 3.47 -3.60
N ASP A 86 5.85 3.41 -3.64
CA ASP A 86 6.58 3.68 -4.87
C ASP A 86 6.30 2.61 -5.93
N SER A 87 6.16 1.37 -5.47
CA SER A 87 5.89 0.25 -6.36
C SER A 87 4.56 0.43 -7.09
N VAL A 88 3.62 1.10 -6.43
CA VAL A 88 2.31 1.34 -7.02
C VAL A 88 2.39 2.32 -8.17
N TYR A 89 3.37 3.23 -8.12
CA TYR A 89 3.55 4.22 -9.18
C TYR A 89 4.66 3.79 -10.14
N SER A 90 5.63 3.05 -9.63
CA SER A 90 6.75 2.58 -10.45
C SER A 90 6.28 1.55 -11.48
N HIS A 91 5.43 0.64 -11.04
CA HIS A 91 4.90 -0.41 -11.92
C HIS A 91 3.79 0.13 -12.80
N LEU A 92 2.92 0.95 -12.21
CA LEU A 92 1.80 1.52 -12.94
C LEU A 92 2.07 2.99 -13.29
N PRO A 93 2.62 3.25 -14.49
CA PRO A 93 2.93 4.61 -14.94
C PRO A 93 1.67 5.44 -15.18
N ASP A 94 0.56 4.76 -15.48
CA ASP A 94 -0.70 5.44 -15.74
C ASP A 94 -1.12 6.28 -14.53
N LEU A 95 -0.92 5.75 -13.34
CA LEU A 95 -1.27 6.45 -12.11
C LEU A 95 -0.45 7.72 -11.96
N LEU A 96 0.78 7.69 -12.46
CA LEU A 96 1.67 8.84 -12.37
C LEU A 96 1.26 9.92 -13.36
N SER A 97 0.83 11.07 -12.84
CA SER A 97 0.41 12.18 -13.68
C SER A 97 1.51 13.23 -13.78
N GLY A 98 1.31 14.20 -14.68
CA GLY A 98 2.30 15.26 -14.86
C GLY A 98 2.20 15.90 -16.23
N PRO A 99 3.31 16.49 -16.72
CA PRO A 99 3.33 17.16 -18.03
C PRO A 99 3.23 16.15 -19.17
N SER A 100 2.00 15.80 -19.54
CA SER A 100 1.77 14.85 -20.62
C SER A 100 0.49 15.19 -21.39
N SER A 101 0.19 14.39 -22.40
CA SER A 101 -1.02 14.61 -23.21
C SER A 101 -1.96 13.41 -23.11
N GLY A 102 -3.05 13.48 -23.86
CA GLY A 102 -4.02 12.40 -23.84
C GLY A 102 -3.64 11.27 -24.78
N GLY A 1 10.82 4.18 38.19
CA GLY A 1 10.39 3.87 36.79
C GLY A 1 9.14 4.63 36.39
N SER A 2 9.27 5.45 35.35
CA SER A 2 8.15 6.24 34.87
C SER A 2 8.32 6.58 33.39
N SER A 3 7.22 6.51 32.64
CA SER A 3 7.25 6.81 31.21
C SER A 3 8.19 5.86 30.48
N GLY A 4 8.42 6.13 29.19
CA GLY A 4 9.30 5.28 28.40
C GLY A 4 8.57 4.61 27.25
N SER A 5 7.28 4.37 27.43
CA SER A 5 6.47 3.74 26.39
C SER A 5 6.41 4.59 25.14
N SER A 6 7.01 4.11 24.06
CA SER A 6 7.02 4.85 22.80
C SER A 6 6.36 4.03 21.69
N GLY A 7 5.06 4.19 21.54
CA GLY A 7 4.33 3.46 20.51
C GLY A 7 3.14 4.24 19.99
N SER A 8 1.94 3.81 20.36
CA SER A 8 0.72 4.47 19.92
C SER A 8 0.46 5.73 20.73
N SER A 9 0.88 6.88 20.19
CA SER A 9 0.70 8.16 20.86
C SER A 9 -0.07 9.13 19.97
N ALA A 10 0.50 9.45 18.81
CA ALA A 10 -0.14 10.37 17.88
C ALA A 10 0.39 10.16 16.46
N LEU A 11 -0.01 11.04 15.55
CA LEU A 11 0.43 10.95 14.16
C LEU A 11 1.22 12.19 13.76
N SER A 12 2.04 12.69 14.68
CA SER A 12 2.85 13.87 14.42
C SER A 12 4.26 13.48 13.99
N ARG A 13 5.01 12.87 14.90
CA ARG A 13 6.36 12.44 14.61
C ARG A 13 6.37 11.25 13.67
N ASN A 14 7.56 10.70 13.43
CA ASN A 14 7.71 9.55 12.54
C ASN A 14 7.21 8.27 13.21
N GLY A 15 6.01 7.84 12.85
CA GLY A 15 5.44 6.64 13.42
C GLY A 15 4.56 5.89 12.45
N SER A 16 3.52 6.55 11.97
CA SER A 16 2.59 5.94 11.03
C SER A 16 3.12 6.03 9.60
N PHE A 17 3.50 4.88 9.04
CA PHE A 17 4.03 4.84 7.68
C PHE A 17 2.96 5.19 6.66
N ILE A 18 1.94 4.34 6.56
CA ILE A 18 0.84 4.56 5.62
C ILE A 18 -0.46 4.86 6.36
N THR A 19 -1.27 5.74 5.79
CA THR A 19 -2.55 6.10 6.39
C THR A 19 -3.71 5.67 5.50
N LYS A 20 -4.93 5.81 6.03
CA LYS A 20 -6.13 5.44 5.28
C LYS A 20 -6.32 6.35 4.07
N GLU A 21 -5.90 7.61 4.22
CA GLU A 21 -6.02 8.59 3.14
C GLU A 21 -5.15 8.19 1.95
N LYS A 22 -4.03 7.54 2.23
CA LYS A 22 -3.11 7.11 1.18
C LYS A 22 -3.65 5.89 0.44
N LYS A 23 -4.20 4.95 1.20
CA LYS A 23 -4.76 3.73 0.62
C LYS A 23 -5.93 4.05 -0.31
N ASP A 24 -6.77 4.98 0.11
CA ASP A 24 -7.93 5.38 -0.69
C ASP A 24 -7.50 5.89 -2.06
N THR A 25 -6.50 6.76 -2.07
CA THR A 25 -5.99 7.32 -3.33
C THR A 25 -5.52 6.22 -4.27
N VAL A 26 -5.06 5.11 -3.70
CA VAL A 26 -4.58 3.99 -4.50
C VAL A 26 -5.75 3.21 -5.11
N LEU A 27 -6.76 2.93 -4.29
CA LEU A 27 -7.93 2.19 -4.74
C LEU A 27 -8.80 3.05 -5.65
N ARG A 28 -8.79 4.35 -5.42
CA ARG A 28 -9.58 5.28 -6.21
C ARG A 28 -9.20 5.19 -7.69
N GLN A 29 -7.91 5.32 -7.97
CA GLN A 29 -7.42 5.26 -9.35
C GLN A 29 -7.73 3.90 -9.97
N VAL A 30 -7.77 2.86 -9.13
CA VAL A 30 -8.05 1.51 -9.60
C VAL A 30 -9.56 1.31 -9.83
N ARG A 31 -10.36 1.83 -8.90
CA ARG A 31 -11.81 1.72 -9.01
C ARG A 31 -12.32 2.32 -10.31
N LEU A 32 -11.62 3.34 -10.80
CA LEU A 32 -12.01 4.00 -12.03
C LEU A 32 -11.91 3.05 -13.22
N ASP A 33 -10.81 2.30 -13.28
CA ASP A 33 -10.59 1.35 -14.37
C ASP A 33 -9.73 0.19 -13.91
N PRO A 34 -10.36 -0.93 -13.49
CA PRO A 34 -9.64 -2.12 -13.02
C PRO A 34 -8.56 -2.57 -14.00
N CYS A 35 -7.46 -3.09 -13.46
CA CYS A 35 -6.36 -3.55 -14.30
C CYS A 35 -5.53 -4.61 -13.56
N ASP A 36 -4.51 -5.13 -14.24
CA ASP A 36 -3.65 -6.15 -13.64
C ASP A 36 -2.76 -5.55 -12.56
N LEU A 37 -2.80 -6.14 -11.38
CA LEU A 37 -2.00 -5.68 -10.26
C LEU A 37 -1.02 -6.75 -9.79
N GLN A 38 -0.54 -7.55 -10.74
CA GLN A 38 0.41 -8.62 -10.42
C GLN A 38 1.81 -8.06 -10.19
N PRO A 39 2.33 -7.27 -11.15
CA PRO A 39 3.67 -6.68 -11.04
C PRO A 39 3.87 -5.95 -9.72
N ILE A 40 2.78 -5.45 -9.15
CA ILE A 40 2.85 -4.73 -7.88
C ILE A 40 2.84 -5.70 -6.69
N PHE A 41 2.00 -6.72 -6.79
CA PHE A 41 1.90 -7.72 -5.73
C PHE A 41 3.14 -8.59 -5.67
N ASP A 42 3.53 -9.14 -6.81
CA ASP A 42 4.71 -10.00 -6.88
C ASP A 42 5.96 -9.29 -6.35
N ASP A 43 5.93 -7.96 -6.36
CA ASP A 43 7.06 -7.17 -5.88
C ASP A 43 7.00 -6.98 -4.36
N MET A 44 5.80 -7.10 -3.79
CA MET A 44 5.63 -6.94 -2.35
C MET A 44 5.30 -8.26 -1.67
N LEU A 45 5.04 -9.30 -2.47
CA LEU A 45 4.72 -10.61 -1.92
C LEU A 45 5.86 -11.16 -1.07
N HIS A 46 7.09 -10.99 -1.57
CA HIS A 46 8.27 -11.47 -0.86
C HIS A 46 8.40 -10.80 0.50
N PHE A 47 7.92 -9.56 0.60
CA PHE A 47 7.99 -8.80 1.84
C PHE A 47 7.10 -9.44 2.91
N LEU A 48 6.01 -10.07 2.48
CA LEU A 48 5.08 -10.72 3.39
C LEU A 48 5.58 -12.11 3.78
N ASN A 49 4.96 -12.68 4.80
CA ASN A 49 5.33 -14.01 5.27
C ASN A 49 4.23 -15.04 4.98
N PRO A 50 4.56 -16.33 5.09
CA PRO A 50 3.58 -17.41 4.84
C PRO A 50 2.30 -17.24 5.63
N GLU A 51 2.44 -16.84 6.89
CA GLU A 51 1.29 -16.64 7.77
C GLU A 51 0.47 -15.45 7.32
N GLU A 52 1.15 -14.40 6.86
CA GLU A 52 0.48 -13.20 6.40
C GLU A 52 -0.14 -13.41 5.03
N LEU A 53 0.51 -14.22 4.20
CA LEU A 53 0.01 -14.51 2.86
C LEU A 53 -1.36 -15.18 2.92
N ARG A 54 -1.56 -15.99 3.94
CA ARG A 54 -2.83 -16.69 4.11
C ARG A 54 -3.98 -15.71 4.28
N VAL A 55 -3.76 -14.67 5.08
CA VAL A 55 -4.77 -13.65 5.32
C VAL A 55 -5.12 -12.91 4.04
N ILE A 56 -4.14 -12.76 3.16
CA ILE A 56 -4.34 -12.07 1.89
C ILE A 56 -4.89 -13.01 0.83
N GLU A 57 -4.47 -14.26 0.87
CA GLU A 57 -4.91 -15.26 -0.09
C GLU A 57 -6.41 -15.53 0.06
N GLU A 58 -6.91 -15.38 1.28
CA GLU A 58 -8.33 -15.61 1.55
C GLU A 58 -9.20 -14.61 0.78
N ILE A 59 -8.66 -13.42 0.55
CA ILE A 59 -9.38 -12.38 -0.17
C ILE A 59 -9.34 -12.63 -1.67
N PRO A 60 -10.49 -12.98 -2.29
CA PRO A 60 -10.56 -13.23 -3.73
C PRO A 60 -10.49 -11.95 -4.55
N GLN A 61 -11.16 -10.92 -4.08
CA GLN A 61 -11.18 -9.64 -4.78
C GLN A 61 -9.76 -9.07 -4.92
N ALA A 62 -9.58 -8.19 -5.90
CA ALA A 62 -8.28 -7.58 -6.15
C ALA A 62 -8.14 -6.26 -5.40
N GLU A 63 -9.22 -5.49 -5.38
CA GLU A 63 -9.23 -4.20 -4.69
C GLU A 63 -9.00 -4.38 -3.20
N ASP A 64 -9.71 -5.33 -2.61
CA ASP A 64 -9.58 -5.60 -1.18
C ASP A 64 -8.25 -6.25 -0.85
N LYS A 65 -7.73 -7.02 -1.81
CA LYS A 65 -6.44 -7.70 -1.63
C LYS A 65 -5.32 -6.69 -1.38
N LEU A 66 -5.29 -5.63 -2.16
CA LEU A 66 -4.28 -4.59 -2.02
C LEU A 66 -4.39 -3.91 -0.67
N ASP A 67 -5.61 -3.82 -0.15
CA ASP A 67 -5.84 -3.20 1.15
C ASP A 67 -5.13 -3.96 2.26
N ARG A 68 -5.11 -5.28 2.15
CA ARG A 68 -4.46 -6.13 3.15
C ARG A 68 -2.95 -6.00 3.07
N LEU A 69 -2.43 -5.84 1.85
CA LEU A 69 -1.00 -5.70 1.65
C LEU A 69 -0.47 -4.44 2.33
N PHE A 70 -1.27 -3.40 2.32
CA PHE A 70 -0.88 -2.13 2.93
C PHE A 70 -1.01 -2.20 4.45
N GLU A 71 -1.97 -3.01 4.92
CA GLU A 71 -2.20 -3.18 6.35
C GLU A 71 -1.03 -3.90 7.01
N ILE A 72 -0.48 -4.88 6.32
CA ILE A 72 0.65 -5.66 6.83
C ILE A 72 1.95 -4.87 6.72
N ILE A 73 2.25 -4.42 5.52
CA ILE A 73 3.47 -3.65 5.28
C ILE A 73 3.38 -2.27 5.92
N GLY A 74 2.16 -1.74 6.01
CA GLY A 74 1.97 -0.42 6.60
C GLY A 74 2.49 -0.34 8.02
N VAL A 75 2.64 -1.49 8.67
CA VAL A 75 3.13 -1.54 10.05
C VAL A 75 4.40 -2.37 10.15
N LYS A 76 5.27 -2.22 9.15
CA LYS A 76 6.53 -2.96 9.14
C LYS A 76 7.72 -2.01 9.26
N SER A 77 8.00 -1.27 8.19
CA SER A 77 9.10 -0.33 8.18
C SER A 77 8.99 0.63 6.98
N GLN A 78 9.53 1.83 7.15
CA GLN A 78 9.48 2.83 6.09
C GLN A 78 10.15 2.32 4.81
N GLU A 79 11.07 1.36 4.98
CA GLU A 79 11.78 0.79 3.84
C GLU A 79 10.82 0.04 2.92
N ALA A 80 9.78 -0.54 3.49
CA ALA A 80 8.80 -1.30 2.73
C ALA A 80 7.58 -0.43 2.40
N SER A 81 7.25 0.49 3.31
CA SER A 81 6.11 1.37 3.13
C SER A 81 6.33 2.30 1.93
N GLN A 82 7.51 2.90 1.86
CA GLN A 82 7.85 3.80 0.76
C GLN A 82 7.87 3.05 -0.58
N THR A 83 8.33 1.80 -0.54
CA THR A 83 8.40 0.99 -1.75
C THR A 83 7.02 0.52 -2.17
N LEU A 84 6.14 0.32 -1.20
CA LEU A 84 4.78 -0.12 -1.47
C LEU A 84 4.03 0.89 -2.34
N LEU A 85 4.38 2.16 -2.18
CA LEU A 85 3.75 3.23 -2.95
C LEU A 85 4.49 3.47 -4.26
N ASP A 86 5.80 3.25 -4.24
CA ASP A 86 6.63 3.45 -5.43
C ASP A 86 6.39 2.33 -6.44
N SER A 87 6.18 1.12 -5.94
CA SER A 87 5.95 -0.03 -6.81
C SER A 87 4.70 0.17 -7.65
N VAL A 88 3.67 0.75 -7.05
CA VAL A 88 2.41 1.00 -7.75
C VAL A 88 2.61 2.00 -8.88
N TYR A 89 3.35 3.06 -8.61
CA TYR A 89 3.61 4.09 -9.61
C TYR A 89 4.69 3.64 -10.59
N SER A 90 5.62 2.82 -10.10
CA SER A 90 6.71 2.32 -10.93
C SER A 90 6.17 1.39 -12.03
N HIS A 91 5.17 0.60 -11.68
CA HIS A 91 4.56 -0.33 -12.63
C HIS A 91 3.42 0.33 -13.39
N LEU A 92 2.66 1.18 -12.69
CA LEU A 92 1.54 1.87 -13.30
C LEU A 92 1.87 3.34 -13.54
N PRO A 93 2.44 3.66 -14.71
CA PRO A 93 2.82 5.04 -15.06
C PRO A 93 1.60 5.93 -15.29
N ASP A 94 0.49 5.31 -15.70
CA ASP A 94 -0.74 6.05 -15.95
C ASP A 94 -1.22 6.78 -14.70
N LEU A 95 -0.92 6.20 -13.54
CA LEU A 95 -1.31 6.80 -12.26
C LEU A 95 -0.66 8.16 -12.08
N LEU A 96 0.52 8.35 -12.69
CA LEU A 96 1.24 9.61 -12.60
C LEU A 96 0.97 10.48 -13.82
N SER A 97 -0.23 10.34 -14.39
CA SER A 97 -0.60 11.12 -15.57
C SER A 97 -1.36 12.38 -15.17
N GLY A 98 -2.47 12.18 -14.46
CA GLY A 98 -3.27 13.32 -14.01
C GLY A 98 -4.17 13.84 -15.12
N PRO A 99 -5.13 14.73 -14.77
CA PRO A 99 -6.06 15.31 -15.75
C PRO A 99 -5.34 15.93 -16.93
N SER A 100 -4.10 16.35 -16.71
CA SER A 100 -3.29 16.96 -17.77
C SER A 100 -3.13 16.01 -18.95
N SER A 101 -3.15 16.57 -20.16
CA SER A 101 -3.01 15.78 -21.37
C SER A 101 -1.87 16.30 -22.23
N GLY A 102 -0.68 15.72 -22.06
CA GLY A 102 0.47 16.14 -22.83
C GLY A 102 1.37 17.08 -22.05
N GLY A 1 25.18 -3.57 23.80
CA GLY A 1 24.50 -2.58 22.91
C GLY A 1 24.82 -2.81 21.44
N SER A 2 23.80 -3.15 20.65
CA SER A 2 23.98 -3.39 19.23
C SER A 2 22.64 -3.44 18.51
N SER A 3 21.68 -4.15 19.10
CA SER A 3 20.35 -4.27 18.51
C SER A 3 19.53 -3.02 18.79
N GLY A 4 19.28 -2.74 20.07
CA GLY A 4 18.49 -1.58 20.43
C GLY A 4 17.08 -1.94 20.82
N SER A 5 16.13 -1.09 20.45
CA SER A 5 14.72 -1.32 20.77
C SER A 5 14.05 -2.18 19.69
N SER A 6 13.34 -3.20 20.12
CA SER A 6 12.65 -4.10 19.20
C SER A 6 11.14 -3.90 19.27
N GLY A 7 10.73 -2.67 19.54
CA GLY A 7 9.31 -2.37 19.62
C GLY A 7 8.80 -1.60 18.41
N SER A 8 7.66 -2.03 17.89
CA SER A 8 7.06 -1.38 16.72
C SER A 8 6.30 -0.12 17.13
N SER A 9 5.77 0.59 16.15
CA SER A 9 5.01 1.81 16.40
C SER A 9 3.54 1.63 16.02
N ALA A 10 2.74 2.65 16.26
CA ALA A 10 1.32 2.62 15.94
C ALA A 10 0.98 3.60 14.84
N LEU A 11 -0.32 3.81 14.61
CA LEU A 11 -0.78 4.73 13.58
C LEU A 11 -1.52 5.92 14.20
N SER A 12 -1.59 7.01 13.46
CA SER A 12 -2.26 8.21 13.93
C SER A 12 -1.62 8.73 15.22
N ARG A 13 -0.30 8.87 15.19
CA ARG A 13 0.45 9.36 16.35
C ARG A 13 1.57 10.29 15.92
N ASN A 14 2.42 9.82 15.01
CA ASN A 14 3.54 10.62 14.52
C ASN A 14 3.71 10.45 13.01
N GLY A 15 2.59 10.30 12.31
CA GLY A 15 2.63 10.12 10.87
C GLY A 15 2.60 8.67 10.46
N SER A 16 3.28 7.82 11.22
CA SER A 16 3.32 6.40 10.92
C SER A 16 3.96 6.14 9.56
N PHE A 17 3.87 4.90 9.09
CA PHE A 17 4.43 4.54 7.80
C PHE A 17 3.48 4.89 6.66
N ILE A 18 2.23 4.46 6.79
CA ILE A 18 1.21 4.74 5.78
C ILE A 18 -0.09 5.21 6.42
N THR A 19 -0.79 6.11 5.73
CA THR A 19 -2.05 6.64 6.23
C THR A 19 -3.24 5.94 5.58
N LYS A 20 -4.44 6.23 6.06
CA LYS A 20 -5.65 5.63 5.52
C LYS A 20 -6.10 6.35 4.26
N GLU A 21 -6.01 7.67 4.28
CA GLU A 21 -6.41 8.48 3.13
C GLU A 21 -5.59 8.11 1.89
N LYS A 22 -4.34 7.73 2.12
CA LYS A 22 -3.45 7.35 1.02
C LYS A 22 -3.87 6.03 0.40
N LYS A 23 -4.23 5.07 1.26
CA LYS A 23 -4.65 3.75 0.80
C LYS A 23 -5.96 3.84 0.02
N ASP A 24 -6.81 4.79 0.40
CA ASP A 24 -8.09 4.99 -0.26
C ASP A 24 -7.90 5.59 -1.66
N THR A 25 -6.86 6.38 -1.81
CA THR A 25 -6.56 7.02 -3.09
C THR A 25 -6.09 5.99 -4.11
N VAL A 26 -5.44 4.95 -3.64
CA VAL A 26 -4.93 3.90 -4.51
C VAL A 26 -6.07 3.13 -5.17
N LEU A 27 -7.07 2.78 -4.37
CA LEU A 27 -8.22 2.04 -4.88
C LEU A 27 -9.14 2.94 -5.69
N ARG A 28 -9.18 4.22 -5.33
CA ARG A 28 -10.02 5.18 -6.03
C ARG A 28 -9.56 5.35 -7.48
N GLN A 29 -8.26 5.31 -7.69
CA GLN A 29 -7.69 5.46 -9.03
C GLN A 29 -7.90 4.20 -9.86
N VAL A 30 -8.03 3.06 -9.18
CA VAL A 30 -8.23 1.79 -9.86
C VAL A 30 -9.72 1.52 -10.09
N ARG A 31 -10.54 1.88 -9.11
CA ARG A 31 -11.98 1.67 -9.22
C ARG A 31 -12.56 2.42 -10.41
N LEU A 32 -11.92 3.53 -10.77
CA LEU A 32 -12.37 4.33 -11.90
C LEU A 32 -11.75 3.84 -13.20
N ASP A 33 -10.50 3.38 -13.12
CA ASP A 33 -9.80 2.88 -14.29
C ASP A 33 -8.97 1.64 -13.95
N PRO A 34 -9.62 0.46 -13.91
CA PRO A 34 -8.93 -0.79 -13.59
C PRO A 34 -8.05 -1.27 -14.74
N CYS A 35 -6.76 -1.44 -14.45
CA CYS A 35 -5.81 -1.90 -15.45
C CYS A 35 -5.17 -3.22 -15.03
N ASP A 36 -4.29 -3.16 -14.03
CA ASP A 36 -3.61 -4.34 -13.53
C ASP A 36 -3.11 -4.12 -12.11
N LEU A 37 -3.03 -5.20 -11.34
CA LEU A 37 -2.57 -5.12 -9.96
C LEU A 37 -1.85 -6.40 -9.56
N GLN A 38 -1.22 -7.06 -10.54
CA GLN A 38 -0.50 -8.30 -10.28
C GLN A 38 0.95 -8.00 -9.85
N PRO A 39 1.68 -7.20 -10.65
CA PRO A 39 3.07 -6.85 -10.34
C PRO A 39 3.21 -6.20 -8.96
N ILE A 40 2.13 -5.57 -8.51
CA ILE A 40 2.13 -4.91 -7.20
C ILE A 40 2.31 -5.92 -6.07
N PHE A 41 1.87 -7.14 -6.30
CA PHE A 41 1.99 -8.20 -5.30
C PHE A 41 3.13 -9.15 -5.64
N ASP A 42 3.27 -9.45 -6.92
CA ASP A 42 4.33 -10.36 -7.38
C ASP A 42 5.71 -9.86 -6.95
N ASP A 43 5.82 -8.57 -6.68
CA ASP A 43 7.08 -7.97 -6.26
C ASP A 43 7.09 -7.66 -4.77
N MET A 44 5.92 -7.67 -4.15
CA MET A 44 5.79 -7.37 -2.72
C MET A 44 5.60 -8.66 -1.90
N LEU A 45 5.20 -9.73 -2.57
CA LEU A 45 4.97 -11.01 -1.89
C LEU A 45 6.21 -11.44 -1.10
N HIS A 46 7.38 -11.04 -1.59
CA HIS A 46 8.64 -11.39 -0.93
C HIS A 46 8.83 -10.55 0.34
N PHE A 47 8.30 -9.34 0.32
CA PHE A 47 8.42 -8.45 1.48
C PHE A 47 7.65 -8.99 2.67
N LEU A 48 6.55 -9.68 2.39
CA LEU A 48 5.71 -10.25 3.43
C LEU A 48 6.12 -11.69 3.74
N ASN A 49 5.57 -12.24 4.82
CA ASN A 49 5.88 -13.62 5.21
C ASN A 49 4.70 -14.54 4.91
N PRO A 50 4.93 -15.87 4.96
CA PRO A 50 3.89 -16.86 4.69
C PRO A 50 2.63 -16.61 5.52
N GLU A 51 2.82 -16.30 6.79
CA GLU A 51 1.70 -16.04 7.69
C GLU A 51 0.97 -14.77 7.29
N GLU A 52 1.71 -13.80 6.74
CA GLU A 52 1.13 -12.54 6.31
C GLU A 52 0.51 -12.66 4.93
N LEU A 53 1.12 -13.47 4.09
CA LEU A 53 0.64 -13.67 2.72
C LEU A 53 -0.72 -14.37 2.73
N ARG A 54 -0.92 -15.25 3.71
CA ARG A 54 -2.18 -15.98 3.82
C ARG A 54 -3.34 -15.03 4.11
N VAL A 55 -3.08 -14.00 4.91
CA VAL A 55 -4.09 -13.02 5.25
C VAL A 55 -4.59 -12.28 4.02
N ILE A 56 -3.72 -12.12 3.03
CA ILE A 56 -4.07 -11.44 1.80
C ILE A 56 -4.58 -12.42 0.75
N GLU A 57 -4.00 -13.61 0.73
CA GLU A 57 -4.40 -14.64 -0.22
C GLU A 57 -5.87 -15.00 -0.06
N GLU A 58 -6.39 -14.84 1.15
CA GLU A 58 -7.79 -15.14 1.44
C GLU A 58 -8.72 -14.33 0.54
N ILE A 59 -8.39 -13.06 0.35
CA ILE A 59 -9.19 -12.18 -0.49
C ILE A 59 -9.04 -12.53 -1.96
N PRO A 60 -10.14 -12.95 -2.62
CA PRO A 60 -10.11 -13.32 -4.05
C PRO A 60 -9.99 -12.09 -4.96
N GLN A 61 -10.76 -11.06 -4.66
CA GLN A 61 -10.74 -9.83 -5.44
C GLN A 61 -9.35 -9.20 -5.43
N ALA A 62 -9.08 -8.37 -6.43
CA ALA A 62 -7.78 -7.70 -6.54
C ALA A 62 -7.79 -6.38 -5.77
N GLU A 63 -8.87 -5.62 -5.92
CA GLU A 63 -9.00 -4.33 -5.25
C GLU A 63 -8.91 -4.50 -3.73
N ASP A 64 -9.73 -5.40 -3.20
CA ASP A 64 -9.75 -5.66 -1.76
C ASP A 64 -8.39 -6.15 -1.28
N LYS A 65 -7.67 -6.85 -2.15
CA LYS A 65 -6.35 -7.37 -1.82
C LYS A 65 -5.37 -6.23 -1.51
N LEU A 66 -5.46 -5.17 -2.31
CA LEU A 66 -4.58 -4.02 -2.13
C LEU A 66 -4.77 -3.40 -0.73
N ASP A 67 -6.01 -3.40 -0.27
CA ASP A 67 -6.33 -2.84 1.05
C ASP A 67 -5.63 -3.64 2.16
N ARG A 68 -5.45 -4.93 1.93
CA ARG A 68 -4.80 -5.79 2.90
C ARG A 68 -3.28 -5.69 2.78
N LEU A 69 -2.79 -5.50 1.56
CA LEU A 69 -1.35 -5.38 1.32
C LEU A 69 -0.78 -4.15 2.03
N PHE A 70 -1.60 -3.11 2.14
CA PHE A 70 -1.17 -1.88 2.80
C PHE A 70 -1.35 -1.97 4.31
N GLU A 71 -2.32 -2.78 4.74
CA GLU A 71 -2.59 -2.95 6.16
C GLU A 71 -1.42 -3.63 6.86
N ILE A 72 -0.85 -4.63 6.20
CA ILE A 72 0.28 -5.37 6.77
C ILE A 72 1.58 -4.58 6.63
N ILE A 73 1.92 -4.21 5.39
CA ILE A 73 3.13 -3.45 5.13
C ILE A 73 3.06 -2.05 5.74
N GLY A 74 1.85 -1.51 5.81
CA GLY A 74 1.66 -0.19 6.39
C GLY A 74 2.04 -0.13 7.85
N VAL A 75 2.08 -1.29 8.50
CA VAL A 75 2.44 -1.35 9.92
C VAL A 75 3.68 -2.21 10.14
N LYS A 76 4.57 -2.22 9.15
CA LYS A 76 5.79 -3.01 9.23
C LYS A 76 7.00 -2.10 9.44
N SER A 77 7.33 -1.32 8.41
CA SER A 77 8.47 -0.41 8.47
C SER A 77 8.53 0.47 7.23
N GLN A 78 9.33 1.53 7.30
CA GLN A 78 9.49 2.46 6.18
C GLN A 78 10.18 1.78 5.00
N GLU A 79 11.01 0.79 5.30
CA GLU A 79 11.74 0.06 4.26
C GLU A 79 10.77 -0.61 3.30
N ALA A 80 9.70 -1.18 3.83
CA ALA A 80 8.69 -1.84 3.00
C ALA A 80 7.55 -0.90 2.66
N SER A 81 7.19 -0.04 3.60
CA SER A 81 6.10 0.91 3.40
C SER A 81 6.41 1.84 2.23
N GLN A 82 7.66 2.26 2.13
CA GLN A 82 8.09 3.15 1.06
C GLN A 82 8.07 2.43 -0.29
N THR A 83 8.62 1.22 -0.31
CA THR A 83 8.67 0.43 -1.54
C THR A 83 7.26 0.12 -2.05
N LEU A 84 6.32 0.00 -1.12
CA LEU A 84 4.94 -0.30 -1.46
C LEU A 84 4.36 0.78 -2.36
N LEU A 85 4.56 2.04 -1.95
CA LEU A 85 4.05 3.18 -2.72
C LEU A 85 4.75 3.27 -4.08
N ASP A 86 6.06 3.04 -4.08
CA ASP A 86 6.84 3.10 -5.31
C ASP A 86 6.43 2.00 -6.27
N SER A 87 6.25 0.79 -5.75
CA SER A 87 5.86 -0.34 -6.57
C SER A 87 4.51 -0.10 -7.23
N VAL A 88 3.60 0.54 -6.49
CA VAL A 88 2.27 0.83 -7.01
C VAL A 88 2.31 1.91 -8.09
N TYR A 89 3.44 2.62 -8.18
CA TYR A 89 3.58 3.68 -9.18
C TYR A 89 4.54 3.25 -10.28
N SER A 90 5.51 2.40 -9.94
CA SER A 90 6.49 1.92 -10.90
C SER A 90 5.84 0.99 -11.91
N HIS A 91 5.13 -0.03 -11.42
CA HIS A 91 4.47 -0.99 -12.28
C HIS A 91 3.25 -0.38 -12.96
N LEU A 92 2.59 0.53 -12.25
CA LEU A 92 1.41 1.20 -12.78
C LEU A 92 1.73 2.64 -13.17
N PRO A 93 2.19 2.86 -14.42
CA PRO A 93 2.53 4.20 -14.91
C PRO A 93 1.30 5.07 -15.13
N ASP A 94 0.16 4.42 -15.38
CA ASP A 94 -1.09 5.13 -15.61
C ASP A 94 -1.45 6.00 -14.41
N LEU A 95 -1.12 5.51 -13.22
CA LEU A 95 -1.42 6.23 -11.98
C LEU A 95 -0.67 7.56 -11.95
N LEU A 96 0.53 7.57 -12.52
CA LEU A 96 1.35 8.78 -12.56
C LEU A 96 1.16 9.53 -13.87
N SER A 97 1.52 8.88 -14.97
CA SER A 97 1.40 9.48 -16.30
C SER A 97 0.19 8.92 -17.03
N GLY A 98 -0.01 9.39 -18.26
CA GLY A 98 -1.14 8.92 -19.06
C GLY A 98 -1.96 10.07 -19.62
N PRO A 99 -1.41 10.83 -20.57
CA PRO A 99 -2.11 11.96 -21.19
C PRO A 99 -3.26 11.52 -22.09
N SER A 100 -4.25 10.85 -21.50
CA SER A 100 -5.40 10.37 -22.25
C SER A 100 -6.21 11.53 -22.81
N SER A 101 -6.80 11.32 -23.99
CA SER A 101 -7.59 12.35 -24.63
C SER A 101 -8.99 12.42 -24.02
N GLY A 102 -9.29 13.52 -23.36
CA GLY A 102 -10.59 13.69 -22.73
C GLY A 102 -11.63 14.22 -23.70
N GLY A 1 10.19 18.35 21.80
CA GLY A 1 9.88 19.15 23.01
C GLY A 1 10.52 18.58 24.26
N SER A 2 9.79 17.69 24.93
CA SER A 2 10.30 17.07 26.15
C SER A 2 9.60 15.73 26.40
N SER A 3 10.35 14.76 26.89
CA SER A 3 9.81 13.43 27.18
C SER A 3 9.25 12.79 25.92
N GLY A 4 10.12 12.14 25.16
CA GLY A 4 9.69 11.50 23.92
C GLY A 4 9.33 10.04 24.14
N SER A 5 8.82 9.40 23.09
CA SER A 5 8.41 8.00 23.16
C SER A 5 9.56 7.08 22.71
N SER A 6 10.05 6.27 23.63
CA SER A 6 11.13 5.35 23.33
C SER A 6 10.64 3.90 23.28
N GLY A 7 9.42 3.72 22.79
CA GLY A 7 8.84 2.40 22.70
C GLY A 7 7.68 2.32 21.73
N SER A 8 6.49 2.09 22.25
CA SER A 8 5.29 2.00 21.42
C SER A 8 4.59 3.35 21.33
N SER A 9 3.37 3.34 20.80
CA SER A 9 2.59 4.57 20.66
C SER A 9 3.30 5.56 19.74
N ALA A 10 2.94 5.55 18.47
CA ALA A 10 3.54 6.45 17.49
C ALA A 10 2.51 6.93 16.48
N LEU A 11 1.27 7.04 16.91
CA LEU A 11 0.19 7.49 16.04
C LEU A 11 -0.49 8.73 16.61
N SER A 12 -0.09 9.90 16.11
CA SER A 12 -0.66 11.15 16.57
C SER A 12 -0.66 12.20 15.45
N ARG A 13 0.47 12.32 14.77
CA ARG A 13 0.60 13.27 13.67
C ARG A 13 1.59 12.76 12.63
N ASN A 14 2.75 12.32 13.09
CA ASN A 14 3.78 11.81 12.19
C ASN A 14 4.62 10.73 12.88
N GLY A 15 4.21 9.47 12.70
CA GLY A 15 4.93 8.37 13.31
C GLY A 15 4.78 7.08 12.54
N SER A 16 3.55 6.78 12.13
CA SER A 16 3.28 5.56 11.37
C SER A 16 3.92 5.62 9.99
N PHE A 17 3.61 4.63 9.15
CA PHE A 17 4.16 4.56 7.81
C PHE A 17 3.10 4.91 6.77
N ILE A 18 2.02 4.14 6.74
CA ILE A 18 0.94 4.37 5.79
C ILE A 18 -0.34 4.80 6.52
N THR A 19 -0.95 5.88 6.03
CA THR A 19 -2.18 6.39 6.62
C THR A 19 -3.40 5.84 5.90
N LYS A 20 -4.58 6.27 6.34
CA LYS A 20 -5.83 5.83 5.73
C LYS A 20 -6.16 6.68 4.51
N GLU A 21 -5.86 7.96 4.59
CA GLU A 21 -6.14 8.89 3.49
C GLU A 21 -5.38 8.47 2.24
N LYS A 22 -4.21 7.86 2.43
CA LYS A 22 -3.39 7.41 1.30
C LYS A 22 -4.02 6.21 0.61
N LYS A 23 -4.46 5.24 1.42
CA LYS A 23 -5.08 4.03 0.87
C LYS A 23 -6.32 4.37 0.05
N ASP A 24 -6.99 5.45 0.44
CA ASP A 24 -8.20 5.88 -0.27
C ASP A 24 -7.86 6.46 -1.63
N THR A 25 -6.67 7.05 -1.74
CA THR A 25 -6.23 7.64 -3.00
C THR A 25 -5.70 6.59 -3.96
N VAL A 26 -5.12 5.52 -3.40
CA VAL A 26 -4.58 4.44 -4.21
C VAL A 26 -5.69 3.70 -4.95
N LEU A 27 -6.65 3.17 -4.19
CA LEU A 27 -7.76 2.43 -4.78
C LEU A 27 -8.60 3.32 -5.70
N ARG A 28 -8.56 4.62 -5.45
CA ARG A 28 -9.32 5.58 -6.25
C ARG A 28 -8.92 5.48 -7.73
N GLN A 29 -7.62 5.34 -7.97
CA GLN A 29 -7.11 5.24 -9.34
C GLN A 29 -7.52 3.91 -9.98
N VAL A 30 -7.66 2.88 -9.16
CA VAL A 30 -8.05 1.57 -9.64
C VAL A 30 -9.53 1.52 -9.98
N ARG A 31 -10.36 2.04 -9.10
CA ARG A 31 -11.80 2.07 -9.32
C ARG A 31 -12.15 2.82 -10.59
N LEU A 32 -11.33 3.80 -10.95
CA LEU A 32 -11.55 4.60 -12.14
C LEU A 32 -11.12 3.85 -13.39
N ASP A 33 -10.07 3.03 -13.26
CA ASP A 33 -9.56 2.26 -14.39
C ASP A 33 -9.05 0.89 -13.93
N PRO A 34 -9.93 -0.13 -13.94
CA PRO A 34 -9.56 -1.48 -13.52
C PRO A 34 -8.34 -2.00 -14.28
N CYS A 35 -7.31 -2.37 -13.53
CA CYS A 35 -6.08 -2.89 -14.14
C CYS A 35 -5.54 -4.07 -13.34
N ASP A 36 -4.64 -4.83 -13.95
CA ASP A 36 -4.05 -5.99 -13.29
C ASP A 36 -3.04 -5.57 -12.23
N LEU A 37 -3.30 -5.95 -10.98
CA LEU A 37 -2.42 -5.61 -9.88
C LEU A 37 -1.49 -6.76 -9.54
N GLN A 38 -1.16 -7.57 -10.54
CA GLN A 38 -0.27 -8.71 -10.35
C GLN A 38 1.12 -8.26 -9.89
N PRO A 39 1.80 -7.43 -10.69
CA PRO A 39 3.14 -6.93 -10.35
C PRO A 39 3.17 -6.23 -9.00
N ILE A 40 2.02 -5.78 -8.54
CA ILE A 40 1.91 -5.10 -7.25
C ILE A 40 2.09 -6.07 -6.10
N PHE A 41 1.76 -7.34 -6.34
CA PHE A 41 1.88 -8.37 -5.32
C PHE A 41 3.07 -9.29 -5.61
N ASP A 42 3.29 -9.57 -6.89
CA ASP A 42 4.39 -10.43 -7.31
C ASP A 42 5.73 -9.89 -6.82
N ASP A 43 5.82 -8.58 -6.64
CA ASP A 43 7.05 -7.95 -6.18
C ASP A 43 7.01 -7.72 -4.67
N MET A 44 5.82 -7.51 -4.13
CA MET A 44 5.65 -7.29 -2.70
C MET A 44 5.63 -8.60 -1.92
N LEU A 45 5.39 -9.70 -2.63
CA LEU A 45 5.34 -11.03 -2.01
C LEU A 45 6.61 -11.30 -1.21
N HIS A 46 7.76 -11.04 -1.83
CA HIS A 46 9.05 -11.26 -1.18
C HIS A 46 9.15 -10.46 0.11
N PHE A 47 8.50 -9.30 0.14
CA PHE A 47 8.52 -8.44 1.31
C PHE A 47 7.64 -8.99 2.42
N LEU A 48 6.59 -9.70 2.02
CA LEU A 48 5.65 -10.29 2.99
C LEU A 48 6.12 -11.67 3.42
N ASN A 49 5.54 -12.17 4.51
CA ASN A 49 5.89 -13.49 5.02
C ASN A 49 4.78 -14.50 4.77
N PRO A 50 5.09 -15.80 4.84
CA PRO A 50 4.11 -16.87 4.61
C PRO A 50 2.85 -16.67 5.44
N GLU A 51 3.02 -16.28 6.70
CA GLU A 51 1.89 -16.06 7.60
C GLU A 51 1.11 -14.81 7.20
N GLU A 52 1.84 -13.73 6.92
CA GLU A 52 1.22 -12.48 6.52
C GLU A 52 0.54 -12.61 5.16
N LEU A 53 1.12 -13.44 4.29
CA LEU A 53 0.58 -13.65 2.96
C LEU A 53 -0.72 -14.45 3.03
N ARG A 54 -0.84 -15.30 4.03
CA ARG A 54 -2.03 -16.13 4.20
C ARG A 54 -3.28 -15.26 4.35
N VAL A 55 -3.11 -14.08 4.95
CA VAL A 55 -4.22 -13.16 5.14
C VAL A 55 -4.63 -12.50 3.82
N ILE A 56 -3.66 -12.32 2.94
CA ILE A 56 -3.91 -11.71 1.63
C ILE A 56 -4.34 -12.75 0.62
N GLU A 57 -3.83 -13.96 0.77
CA GLU A 57 -4.15 -15.05 -0.14
C GLU A 57 -5.61 -15.48 0.01
N GLU A 58 -6.15 -15.34 1.22
CA GLU A 58 -7.53 -15.70 1.51
C GLU A 58 -8.49 -14.85 0.70
N ILE A 59 -8.16 -13.57 0.55
CA ILE A 59 -9.00 -12.64 -0.20
C ILE A 59 -8.90 -12.90 -1.70
N PRO A 60 -9.99 -13.39 -2.34
CA PRO A 60 -10.00 -13.68 -3.77
C PRO A 60 -10.03 -12.41 -4.62
N GLN A 61 -10.85 -11.45 -4.20
CA GLN A 61 -10.98 -10.19 -4.92
C GLN A 61 -9.63 -9.47 -5.01
N ALA A 62 -9.40 -8.81 -6.14
CA ALA A 62 -8.16 -8.09 -6.36
C ALA A 62 -8.22 -6.70 -5.72
N GLU A 63 -9.34 -6.01 -5.91
CA GLU A 63 -9.52 -4.67 -5.35
C GLU A 63 -9.40 -4.70 -3.83
N ASP A 64 -9.82 -5.80 -3.23
CA ASP A 64 -9.77 -5.95 -1.77
C ASP A 64 -8.42 -6.49 -1.34
N LYS A 65 -7.77 -7.25 -2.23
CA LYS A 65 -6.46 -7.83 -1.92
C LYS A 65 -5.45 -6.74 -1.58
N LEU A 66 -5.42 -5.68 -2.39
CA LEU A 66 -4.50 -4.58 -2.17
C LEU A 66 -4.78 -3.89 -0.84
N ASP A 67 -6.05 -3.89 -0.43
CA ASP A 67 -6.44 -3.27 0.83
C ASP A 67 -5.76 -3.94 2.02
N ARG A 68 -5.48 -5.23 1.87
CA ARG A 68 -4.82 -5.99 2.93
C ARG A 68 -3.32 -5.75 2.93
N LEU A 69 -2.76 -5.53 1.74
CA LEU A 69 -1.33 -5.28 1.61
C LEU A 69 -0.91 -4.05 2.41
N PHE A 70 -1.69 -2.98 2.30
CA PHE A 70 -1.40 -1.74 3.01
C PHE A 70 -1.62 -1.91 4.51
N GLU A 71 -2.55 -2.78 4.87
CA GLU A 71 -2.87 -3.03 6.27
C GLU A 71 -1.68 -3.67 7.00
N ILE A 72 -1.16 -4.74 6.43
CA ILE A 72 -0.03 -5.44 7.02
C ILE A 72 1.26 -4.63 6.87
N ILE A 73 1.59 -4.26 5.64
CA ILE A 73 2.79 -3.49 5.36
C ILE A 73 2.70 -2.09 5.96
N GLY A 74 1.48 -1.61 6.15
CA GLY A 74 1.28 -0.28 6.71
C GLY A 74 1.93 -0.12 8.07
N VAL A 75 2.10 -1.24 8.78
CA VAL A 75 2.72 -1.22 10.11
C VAL A 75 3.95 -2.12 10.15
N LYS A 76 4.69 -2.15 9.05
CA LYS A 76 5.90 -2.97 8.96
C LYS A 76 7.14 -2.12 9.16
N SER A 77 7.50 -1.35 8.14
CA SER A 77 8.68 -0.49 8.20
C SER A 77 8.67 0.52 7.06
N GLN A 78 9.71 1.35 7.00
CA GLN A 78 9.82 2.37 5.97
C GLN A 78 10.32 1.77 4.65
N GLU A 79 11.12 0.70 4.77
CA GLU A 79 11.67 0.03 3.59
C GLU A 79 10.56 -0.66 2.80
N ALA A 80 9.52 -1.10 3.50
CA ALA A 80 8.40 -1.79 2.85
C ALA A 80 7.29 -0.81 2.51
N SER A 81 7.05 0.14 3.41
CA SER A 81 6.00 1.14 3.19
C SER A 81 6.31 1.99 1.97
N GLN A 82 7.56 2.40 1.84
CA GLN A 82 7.99 3.23 0.72
C GLN A 82 7.85 2.47 -0.60
N THR A 83 8.17 1.18 -0.56
CA THR A 83 8.10 0.35 -1.75
C THR A 83 6.64 0.04 -2.11
N LEU A 84 5.78 -0.03 -1.09
CA LEU A 84 4.37 -0.31 -1.30
C LEU A 84 3.70 0.82 -2.07
N LEU A 85 4.21 2.04 -1.91
CA LEU A 85 3.66 3.20 -2.59
C LEU A 85 4.35 3.43 -3.93
N ASP A 86 5.62 3.06 -4.01
CA ASP A 86 6.38 3.23 -5.25
C ASP A 86 6.15 2.06 -6.20
N SER A 87 5.93 0.87 -5.64
CA SER A 87 5.69 -0.32 -6.44
C SER A 87 4.41 -0.18 -7.26
N VAL A 88 3.45 0.58 -6.74
CA VAL A 88 2.19 0.79 -7.43
C VAL A 88 2.34 1.78 -8.58
N TYR A 89 3.27 2.72 -8.44
CA TYR A 89 3.51 3.71 -9.48
C TYR A 89 4.60 3.25 -10.43
N SER A 90 5.54 2.47 -9.91
CA SER A 90 6.65 1.95 -10.72
C SER A 90 6.15 0.92 -11.73
N HIS A 91 5.13 0.16 -11.33
CA HIS A 91 4.57 -0.88 -12.18
C HIS A 91 3.43 -0.32 -13.03
N LEU A 92 2.61 0.53 -12.41
CA LEU A 92 1.47 1.13 -13.10
C LEU A 92 1.70 2.62 -13.33
N PRO A 93 2.48 2.97 -14.39
CA PRO A 93 2.77 4.36 -14.72
C PRO A 93 1.56 5.11 -15.27
N ASP A 94 0.64 4.35 -15.87
CA ASP A 94 -0.57 4.93 -16.44
C ASP A 94 -1.37 5.67 -15.38
N LEU A 95 -1.30 5.19 -14.14
CA LEU A 95 -2.01 5.81 -13.04
C LEU A 95 -1.57 7.27 -12.85
N LEU A 96 -0.31 7.53 -13.12
CA LEU A 96 0.23 8.88 -12.98
C LEU A 96 1.20 9.20 -14.12
N SER A 97 0.65 9.67 -15.24
CA SER A 97 1.45 10.01 -16.41
C SER A 97 1.23 11.47 -16.79
N GLY A 98 2.12 12.34 -16.31
CA GLY A 98 2.01 13.76 -16.61
C GLY A 98 3.06 14.21 -17.62
N PRO A 99 4.29 14.49 -17.17
CA PRO A 99 5.38 14.93 -18.03
C PRO A 99 5.58 14.00 -19.22
N SER A 100 5.11 14.44 -20.39
CA SER A 100 5.23 13.64 -21.61
C SER A 100 6.54 13.94 -22.32
N SER A 101 6.79 15.22 -22.60
CA SER A 101 8.01 15.63 -23.26
C SER A 101 8.19 17.15 -23.19
N GLY A 102 7.79 17.73 -22.06
CA GLY A 102 7.91 19.16 -21.89
C GLY A 102 9.24 19.57 -21.30
N GLY A 1 4.79 30.40 21.63
CA GLY A 1 5.13 28.96 21.75
C GLY A 1 4.28 28.25 22.78
N SER A 2 3.60 27.19 22.35
CA SER A 2 2.74 26.42 23.25
C SER A 2 3.40 25.10 23.64
N SER A 3 3.54 24.87 24.94
CA SER A 3 4.16 23.64 25.43
C SER A 3 3.53 23.22 26.76
N GLY A 4 2.35 22.60 26.67
CA GLY A 4 1.67 22.16 27.88
C GLY A 4 1.78 20.65 28.09
N SER A 5 1.37 19.89 27.08
CA SER A 5 1.42 18.44 27.17
C SER A 5 1.79 17.83 25.82
N SER A 6 1.13 18.28 24.76
CA SER A 6 1.40 17.79 23.41
C SER A 6 2.29 18.76 22.65
N GLY A 7 2.66 18.38 21.43
CA GLY A 7 3.51 19.22 20.61
C GLY A 7 4.02 18.51 19.38
N SER A 8 3.15 17.74 18.73
CA SER A 8 3.51 17.00 17.53
C SER A 8 3.03 17.72 16.27
N SER A 9 3.20 17.08 15.12
CA SER A 9 2.79 17.67 13.86
C SER A 9 3.01 16.69 12.71
N ALA A 10 4.16 16.02 12.73
CA ALA A 10 4.51 15.06 11.69
C ALA A 10 5.49 14.01 12.21
N LEU A 11 4.97 12.85 12.58
CA LEU A 11 5.81 11.77 13.10
C LEU A 11 6.54 12.21 14.37
N SER A 12 6.10 11.69 15.51
CA SER A 12 6.71 12.03 16.79
C SER A 12 6.39 10.97 17.84
N ARG A 13 7.41 10.22 18.24
CA ARG A 13 7.24 9.17 19.24
C ARG A 13 6.24 8.12 18.76
N ASN A 14 6.21 7.90 17.45
CA ASN A 14 5.31 6.93 16.86
C ASN A 14 5.71 6.60 15.43
N GLY A 15 5.36 5.40 14.97
CA GLY A 15 5.69 4.99 13.62
C GLY A 15 4.48 4.92 12.72
N SER A 16 4.34 5.90 11.83
CA SER A 16 3.22 5.95 10.90
C SER A 16 3.70 5.88 9.46
N PHE A 17 3.94 4.67 8.97
CA PHE A 17 4.41 4.48 7.61
C PHE A 17 3.28 4.71 6.60
N ILE A 18 2.13 4.12 6.86
CA ILE A 18 0.97 4.27 5.99
C ILE A 18 -0.28 4.62 6.79
N THR A 19 -1.10 5.51 6.22
CA THR A 19 -2.33 5.93 6.89
C THR A 19 -3.55 5.30 6.22
N LYS A 20 -4.74 5.75 6.61
CA LYS A 20 -5.97 5.22 6.06
C LYS A 20 -6.36 5.95 4.78
N GLU A 21 -6.03 7.24 4.72
CA GLU A 21 -6.34 8.07 3.56
C GLU A 21 -5.45 7.68 2.38
N LYS A 22 -4.19 7.37 2.67
CA LYS A 22 -3.25 6.99 1.62
C LYS A 22 -3.66 5.69 0.96
N LYS A 23 -4.31 4.81 1.73
CA LYS A 23 -4.76 3.53 1.21
C LYS A 23 -5.95 3.70 0.27
N ASP A 24 -6.76 4.73 0.53
CA ASP A 24 -7.94 5.00 -0.29
C ASP A 24 -7.53 5.71 -1.59
N THR A 25 -6.47 6.50 -1.53
CA THR A 25 -5.98 7.23 -2.70
C THR A 25 -5.51 6.26 -3.78
N VAL A 26 -4.99 5.10 -3.35
CA VAL A 26 -4.50 4.11 -4.28
C VAL A 26 -5.64 3.41 -5.01
N LEU A 27 -6.64 2.97 -4.24
CA LEU A 27 -7.80 2.29 -4.81
C LEU A 27 -8.65 3.25 -5.64
N ARG A 28 -8.63 4.53 -5.28
CA ARG A 28 -9.39 5.54 -5.99
C ARG A 28 -8.99 5.60 -7.45
N GLN A 29 -7.71 5.31 -7.73
CA GLN A 29 -7.19 5.33 -9.09
C GLN A 29 -7.50 4.01 -9.80
N VAL A 30 -7.53 2.93 -9.04
CA VAL A 30 -7.82 1.61 -9.59
C VAL A 30 -9.31 1.40 -9.80
N ARG A 31 -10.12 2.05 -8.95
CA ARG A 31 -11.56 1.93 -9.04
C ARG A 31 -12.07 2.37 -10.41
N LEU A 32 -11.37 3.32 -11.01
CA LEU A 32 -11.75 3.83 -12.32
C LEU A 32 -11.07 3.04 -13.43
N ASP A 33 -11.67 1.91 -13.80
CA ASP A 33 -11.12 1.07 -14.85
C ASP A 33 -9.72 0.59 -14.51
N PRO A 34 -9.61 -0.55 -13.80
CA PRO A 34 -8.31 -1.10 -13.40
C PRO A 34 -7.36 -1.25 -14.58
N CYS A 35 -6.13 -1.69 -14.30
CA CYS A 35 -5.13 -1.86 -15.34
C CYS A 35 -4.39 -3.19 -15.17
N ASP A 36 -3.67 -3.32 -14.07
CA ASP A 36 -2.92 -4.55 -13.78
C ASP A 36 -2.24 -4.47 -12.43
N LEU A 37 -2.72 -5.28 -11.48
CA LEU A 37 -2.14 -5.29 -10.14
C LEU A 37 -1.29 -6.54 -9.93
N GLN A 38 -0.80 -7.12 -11.02
CA GLN A 38 0.02 -8.32 -10.95
C GLN A 38 1.42 -7.99 -10.42
N PRO A 39 2.19 -7.16 -11.15
CA PRO A 39 3.54 -6.78 -10.73
C PRO A 39 3.56 -6.05 -9.40
N ILE A 40 2.44 -5.42 -9.04
CA ILE A 40 2.34 -4.69 -7.79
C ILE A 40 2.37 -5.65 -6.60
N PHE A 41 1.78 -6.83 -6.78
CA PHE A 41 1.76 -7.83 -5.73
C PHE A 41 2.99 -8.73 -5.79
N ASP A 42 3.36 -9.13 -7.00
CA ASP A 42 4.52 -9.99 -7.21
C ASP A 42 5.78 -9.35 -6.63
N ASP A 43 5.79 -8.03 -6.55
CA ASP A 43 6.94 -7.30 -6.01
C ASP A 43 6.91 -7.27 -4.48
N MET A 44 5.71 -7.33 -3.92
CA MET A 44 5.55 -7.31 -2.47
C MET A 44 5.34 -8.72 -1.91
N LEU A 45 5.11 -9.69 -2.79
CA LEU A 45 4.90 -11.07 -2.38
C LEU A 45 6.05 -11.57 -1.51
N HIS A 46 7.25 -11.05 -1.77
CA HIS A 46 8.43 -11.44 -1.02
C HIS A 46 8.60 -10.58 0.23
N PHE A 47 8.07 -9.36 0.17
CA PHE A 47 8.16 -8.44 1.30
C PHE A 47 7.37 -8.96 2.49
N LEU A 48 6.27 -9.65 2.21
CA LEU A 48 5.42 -10.21 3.26
C LEU A 48 5.92 -11.58 3.70
N ASN A 49 5.34 -12.09 4.79
CA ASN A 49 5.72 -13.40 5.31
C ASN A 49 4.67 -14.45 4.96
N PRO A 50 5.01 -15.74 5.10
CA PRO A 50 4.09 -16.83 4.79
C PRO A 50 2.81 -16.76 5.64
N GLU A 51 2.96 -16.34 6.88
CA GLU A 51 1.81 -16.23 7.79
C GLU A 51 0.96 -15.02 7.44
N GLU A 52 1.61 -13.96 6.97
CA GLU A 52 0.92 -12.73 6.60
C GLU A 52 0.17 -12.91 5.28
N LEU A 53 0.74 -13.72 4.38
CA LEU A 53 0.12 -13.97 3.09
C LEU A 53 -1.25 -14.60 3.25
N ARG A 54 -1.43 -15.37 4.32
CA ARG A 54 -2.70 -16.02 4.59
C ARG A 54 -3.82 -15.01 4.79
N VAL A 55 -3.46 -13.84 5.32
CA VAL A 55 -4.43 -12.78 5.56
C VAL A 55 -4.90 -12.16 4.26
N ILE A 56 -4.01 -12.13 3.26
CA ILE A 56 -4.34 -11.56 1.97
C ILE A 56 -4.85 -12.63 1.00
N GLU A 57 -4.35 -13.85 1.17
CA GLU A 57 -4.75 -14.96 0.31
C GLU A 57 -6.24 -15.23 0.42
N GLU A 58 -6.79 -15.03 1.62
CA GLU A 58 -8.22 -15.24 1.85
C GLU A 58 -9.07 -14.40 0.91
N ILE A 59 -8.62 -13.17 0.65
CA ILE A 59 -9.33 -12.26 -0.24
C ILE A 59 -9.15 -12.67 -1.69
N PRO A 60 -10.21 -13.14 -2.36
CA PRO A 60 -10.15 -13.56 -3.76
C PRO A 60 -10.01 -12.37 -4.71
N GLN A 61 -10.78 -11.33 -4.46
CA GLN A 61 -10.74 -10.13 -5.29
C GLN A 61 -9.34 -9.52 -5.30
N ALA A 62 -9.00 -8.87 -6.41
CA ALA A 62 -7.68 -8.24 -6.55
C ALA A 62 -7.68 -6.84 -5.95
N GLU A 63 -8.74 -6.09 -6.24
CA GLU A 63 -8.87 -4.72 -5.73
C GLU A 63 -8.84 -4.71 -4.20
N ASP A 64 -9.55 -5.65 -3.59
CA ASP A 64 -9.61 -5.74 -2.14
C ASP A 64 -8.30 -6.31 -1.57
N LYS A 65 -7.63 -7.13 -2.37
CA LYS A 65 -6.37 -7.75 -1.96
C LYS A 65 -5.34 -6.68 -1.60
N LEU A 66 -5.28 -5.62 -2.40
CA LEU A 66 -4.34 -4.54 -2.17
C LEU A 66 -4.65 -3.82 -0.85
N ASP A 67 -5.93 -3.74 -0.52
CA ASP A 67 -6.36 -3.09 0.70
C ASP A 67 -5.75 -3.77 1.94
N ARG A 68 -5.52 -5.07 1.82
CA ARG A 68 -4.94 -5.85 2.92
C ARG A 68 -3.41 -5.74 2.91
N LEU A 69 -2.85 -5.59 1.72
CA LEU A 69 -1.40 -5.49 1.57
C LEU A 69 -0.86 -4.31 2.36
N PHE A 70 -1.65 -3.25 2.44
CA PHE A 70 -1.24 -2.04 3.17
C PHE A 70 -1.44 -2.21 4.67
N GLU A 71 -2.43 -3.03 5.05
CA GLU A 71 -2.72 -3.27 6.45
C GLU A 71 -1.54 -3.96 7.14
N ILE A 72 -0.80 -4.76 6.39
CA ILE A 72 0.36 -5.47 6.93
C ILE A 72 1.63 -4.63 6.80
N ILE A 73 1.98 -4.29 5.57
CA ILE A 73 3.17 -3.49 5.30
C ILE A 73 3.06 -2.11 5.94
N GLY A 74 1.83 -1.66 6.14
CA GLY A 74 1.61 -0.35 6.74
C GLY A 74 2.28 -0.20 8.09
N VAL A 75 2.49 -1.32 8.77
CA VAL A 75 3.14 -1.32 10.08
C VAL A 75 4.39 -2.19 10.08
N LYS A 76 5.18 -2.06 9.03
CA LYS A 76 6.42 -2.83 8.91
C LYS A 76 7.64 -1.92 9.02
N SER A 77 7.92 -1.19 7.94
CA SER A 77 9.06 -0.28 7.91
C SER A 77 8.99 0.66 6.71
N GLN A 78 9.65 1.80 6.81
CA GLN A 78 9.66 2.78 5.74
C GLN A 78 10.23 2.18 4.45
N GLU A 79 11.04 1.13 4.59
CA GLU A 79 11.65 0.48 3.44
C GLU A 79 10.60 -0.26 2.62
N ALA A 80 9.69 -0.95 3.30
CA ALA A 80 8.63 -1.70 2.63
C ALA A 80 7.44 -0.79 2.30
N SER A 81 7.12 0.11 3.22
CA SER A 81 6.01 1.03 3.03
C SER A 81 6.26 1.96 1.84
N GLN A 82 7.45 2.56 1.82
CA GLN A 82 7.82 3.47 0.74
C GLN A 82 7.77 2.76 -0.61
N THR A 83 8.23 1.51 -0.64
CA THR A 83 8.24 0.73 -1.87
C THR A 83 6.83 0.31 -2.25
N LEU A 84 5.97 0.11 -1.25
CA LEU A 84 4.59 -0.29 -1.49
C LEU A 84 3.84 0.78 -2.28
N LEU A 85 4.23 2.03 -2.10
CA LEU A 85 3.60 3.14 -2.80
C LEU A 85 4.31 3.45 -4.11
N ASP A 86 5.62 3.21 -4.13
CA ASP A 86 6.42 3.46 -5.32
C ASP A 86 6.22 2.35 -6.36
N SER A 87 5.99 1.14 -5.87
CA SER A 87 5.79 0.00 -6.76
C SER A 87 4.52 0.18 -7.60
N VAL A 88 3.51 0.82 -7.01
CA VAL A 88 2.26 1.06 -7.72
C VAL A 88 2.45 2.02 -8.87
N TYR A 89 3.39 2.94 -8.73
CA TYR A 89 3.67 3.92 -9.77
C TYR A 89 4.81 3.46 -10.68
N SER A 90 5.76 2.74 -10.10
CA SER A 90 6.91 2.24 -10.85
C SER A 90 6.47 1.19 -11.88
N HIS A 91 5.41 0.45 -11.54
CA HIS A 91 4.89 -0.58 -12.43
C HIS A 91 3.82 -0.02 -13.36
N LEU A 92 2.96 0.83 -12.81
CA LEU A 92 1.88 1.44 -13.58
C LEU A 92 2.16 2.92 -13.83
N PRO A 93 2.78 3.26 -14.97
CA PRO A 93 3.11 4.65 -15.31
C PRO A 93 1.86 5.49 -15.58
N ASP A 94 0.77 4.82 -15.97
CA ASP A 94 -0.48 5.50 -16.26
C ASP A 94 -0.98 6.26 -15.03
N LEU A 95 -0.66 5.74 -13.85
CA LEU A 95 -1.07 6.38 -12.60
C LEU A 95 -0.33 7.70 -12.39
N LEU A 96 0.91 7.75 -12.84
CA LEU A 96 1.73 8.96 -12.70
C LEU A 96 1.16 10.09 -13.56
N SER A 97 1.16 9.88 -14.88
CA SER A 97 0.65 10.89 -15.81
C SER A 97 -0.87 10.86 -15.85
N GLY A 98 -1.45 11.94 -16.38
CA GLY A 98 -2.89 12.03 -16.47
C GLY A 98 -3.39 13.46 -16.50
N PRO A 99 -3.14 14.18 -17.61
CA PRO A 99 -3.57 15.59 -17.74
C PRO A 99 -5.05 15.76 -17.44
N SER A 100 -5.35 16.35 -16.27
CA SER A 100 -6.73 16.58 -15.86
C SER A 100 -7.36 17.69 -16.69
N SER A 101 -8.32 17.31 -17.53
CA SER A 101 -9.02 18.28 -18.38
C SER A 101 -10.08 19.03 -17.60
N GLY A 102 -10.24 20.31 -17.89
CA GLY A 102 -11.23 21.12 -17.20
C GLY A 102 -10.62 21.99 -16.13
N GLY A 1 4.61 -1.87 16.86
CA GLY A 1 5.53 -1.43 17.96
C GLY A 1 4.84 -0.53 18.96
N SER A 2 3.53 -0.71 19.11
CA SER A 2 2.75 0.09 20.05
C SER A 2 2.72 -0.57 21.43
N SER A 3 2.71 -1.90 21.44
CA SER A 3 2.68 -2.64 22.70
C SER A 3 1.43 -2.30 23.51
N GLY A 4 0.35 -1.99 22.80
CA GLY A 4 -0.89 -1.65 23.48
C GLY A 4 -1.40 -0.27 23.10
N SER A 5 -2.55 0.10 23.64
CA SER A 5 -3.14 1.41 23.36
C SER A 5 -3.42 1.57 21.87
N SER A 6 -3.91 2.75 21.48
CA SER A 6 -4.22 3.02 20.09
C SER A 6 -3.90 4.47 19.74
N GLY A 7 -2.64 4.74 19.41
CA GLY A 7 -2.23 6.08 19.06
C GLY A 7 -2.84 6.56 17.76
N SER A 8 -2.74 7.86 17.50
CA SER A 8 -3.30 8.44 16.28
C SER A 8 -2.65 9.79 15.98
N SER A 9 -1.39 9.93 16.36
CA SER A 9 -0.65 11.17 16.13
C SER A 9 0.85 10.92 16.15
N ALA A 10 1.26 9.74 15.70
CA ALA A 10 2.67 9.38 15.66
C ALA A 10 3.08 8.92 14.27
N LEU A 11 3.72 9.81 13.52
CA LEU A 11 4.17 9.50 12.17
C LEU A 11 5.45 10.26 11.83
N SER A 12 6.04 9.93 10.68
CA SER A 12 7.26 10.58 10.23
C SER A 12 8.41 10.30 11.18
N ARG A 13 8.43 11.00 12.31
CA ARG A 13 9.49 10.82 13.30
C ARG A 13 9.52 9.38 13.80
N ASN A 14 8.36 8.85 14.17
CA ASN A 14 8.27 7.48 14.67
C ASN A 14 6.81 7.10 14.95
N GLY A 15 6.39 5.95 14.43
CA GLY A 15 5.03 5.50 14.64
C GLY A 15 4.54 4.61 13.50
N SER A 16 3.66 5.16 12.67
CA SER A 16 3.11 4.41 11.55
C SER A 16 3.89 4.72 10.27
N PHE A 17 3.54 4.01 9.20
CA PHE A 17 4.19 4.20 7.91
C PHE A 17 3.18 4.57 6.82
N ILE A 18 2.05 3.86 6.82
CA ILE A 18 1.00 4.10 5.83
C ILE A 18 -0.33 4.42 6.52
N THR A 19 -1.02 5.45 6.00
CA THR A 19 -2.31 5.85 6.56
C THR A 19 -3.45 5.23 5.77
N LYS A 20 -4.68 5.50 6.22
CA LYS A 20 -5.87 4.97 5.55
C LYS A 20 -6.24 5.83 4.35
N GLU A 21 -6.07 7.14 4.49
CA GLU A 21 -6.39 8.08 3.41
C GLU A 21 -5.52 7.81 2.19
N LYS A 22 -4.27 7.45 2.42
CA LYS A 22 -3.32 7.17 1.34
C LYS A 22 -3.75 5.92 0.56
N LYS A 23 -4.26 4.92 1.29
CA LYS A 23 -4.69 3.68 0.66
C LYS A 23 -5.93 3.91 -0.20
N ASP A 24 -6.75 4.87 0.21
CA ASP A 24 -7.97 5.19 -0.52
C ASP A 24 -7.65 5.81 -1.88
N THR A 25 -6.74 6.77 -1.89
CA THR A 25 -6.34 7.45 -3.11
C THR A 25 -5.74 6.46 -4.11
N VAL A 26 -5.09 5.43 -3.58
CA VAL A 26 -4.47 4.40 -4.42
C VAL A 26 -5.52 3.52 -5.08
N LEU A 27 -6.41 2.96 -4.27
CA LEU A 27 -7.47 2.09 -4.78
C LEU A 27 -8.43 2.87 -5.67
N ARG A 28 -8.55 4.17 -5.43
CA ARG A 28 -9.43 5.03 -6.20
C ARG A 28 -9.07 4.99 -7.68
N GLN A 29 -7.82 5.32 -7.99
CA GLN A 29 -7.34 5.33 -9.37
C GLN A 29 -7.46 3.95 -9.99
N VAL A 30 -7.31 2.91 -9.16
CA VAL A 30 -7.39 1.54 -9.64
C VAL A 30 -8.84 1.12 -9.88
N ARG A 31 -9.72 1.46 -8.93
CA ARG A 31 -11.13 1.13 -9.05
C ARG A 31 -11.75 1.79 -10.27
N LEU A 32 -11.25 2.98 -10.61
CA LEU A 32 -11.76 3.72 -11.76
C LEU A 32 -11.14 3.21 -13.07
N ASP A 33 -9.91 2.74 -12.98
CA ASP A 33 -9.20 2.23 -14.14
C ASP A 33 -8.50 0.91 -13.81
N PRO A 34 -9.27 -0.15 -13.51
CA PRO A 34 -8.72 -1.46 -13.17
C PRO A 34 -7.80 -1.99 -14.26
N CYS A 35 -6.51 -1.64 -14.16
CA CYS A 35 -5.52 -2.08 -15.14
C CYS A 35 -4.95 -3.44 -14.76
N ASP A 36 -4.08 -3.47 -13.77
CA ASP A 36 -3.46 -4.70 -13.31
C ASP A 36 -2.57 -4.45 -12.10
N LEU A 37 -2.46 -5.46 -11.24
CA LEU A 37 -1.63 -5.35 -10.04
C LEU A 37 -0.76 -6.60 -9.87
N GLN A 38 -0.37 -7.19 -10.98
CA GLN A 38 0.46 -8.40 -10.96
C GLN A 38 1.87 -8.08 -10.44
N PRO A 39 2.60 -7.18 -11.11
CA PRO A 39 3.96 -6.80 -10.70
C PRO A 39 3.97 -6.10 -9.35
N ILE A 40 2.87 -5.45 -9.01
CA ILE A 40 2.75 -4.74 -7.74
C ILE A 40 2.60 -5.71 -6.58
N PHE A 41 2.01 -6.87 -6.86
CA PHE A 41 1.80 -7.89 -5.83
C PHE A 41 2.99 -8.84 -5.75
N ASP A 42 3.48 -9.28 -6.90
CA ASP A 42 4.61 -10.19 -6.95
C ASP A 42 5.88 -9.53 -6.43
N ASP A 43 5.92 -8.21 -6.46
CA ASP A 43 7.09 -7.47 -6.00
C ASP A 43 7.03 -7.22 -4.48
N MET A 44 5.82 -7.16 -3.94
CA MET A 44 5.63 -6.93 -2.52
C MET A 44 5.36 -8.24 -1.78
N LEU A 45 4.82 -9.23 -2.49
CA LEU A 45 4.53 -10.53 -1.89
C LEU A 45 5.77 -11.13 -1.24
N HIS A 46 6.91 -10.95 -1.89
CA HIS A 46 8.17 -11.48 -1.37
C HIS A 46 8.49 -10.90 0.01
N PHE A 47 8.01 -9.68 0.26
CA PHE A 47 8.24 -9.02 1.54
C PHE A 47 7.36 -9.62 2.63
N LEU A 48 6.16 -10.05 2.25
CA LEU A 48 5.22 -10.64 3.20
C LEU A 48 5.70 -12.01 3.66
N ASN A 49 5.07 -12.52 4.71
CA ASN A 49 5.44 -13.82 5.26
C ASN A 49 4.34 -14.85 4.99
N PRO A 50 4.66 -16.15 5.17
CA PRO A 50 3.69 -17.24 4.95
C PRO A 50 2.41 -17.03 5.74
N GLU A 51 2.53 -16.56 6.97
CA GLU A 51 1.37 -16.32 7.83
C GLU A 51 0.57 -15.13 7.33
N GLU A 52 1.27 -14.10 6.86
CA GLU A 52 0.62 -12.90 6.35
C GLU A 52 -0.11 -13.18 5.04
N LEU A 53 0.48 -14.06 4.23
CA LEU A 53 -0.10 -14.42 2.94
C LEU A 53 -1.45 -15.10 3.12
N ARG A 54 -1.60 -15.82 4.24
CA ARG A 54 -2.85 -16.52 4.53
C ARG A 54 -3.99 -15.54 4.77
N VAL A 55 -3.65 -14.36 5.29
CA VAL A 55 -4.65 -13.33 5.56
C VAL A 55 -5.13 -12.67 4.27
N ILE A 56 -4.23 -12.57 3.30
CA ILE A 56 -4.55 -11.96 2.01
C ILE A 56 -5.15 -12.97 1.06
N GLU A 57 -4.75 -14.23 1.20
CA GLU A 57 -5.25 -15.29 0.34
C GLU A 57 -6.76 -15.43 0.46
N GLU A 58 -7.30 -15.09 1.64
CA GLU A 58 -8.73 -15.17 1.88
C GLU A 58 -9.49 -14.21 0.98
N ILE A 59 -8.89 -13.05 0.72
CA ILE A 59 -9.51 -12.04 -0.14
C ILE A 59 -9.47 -12.46 -1.60
N PRO A 60 -10.64 -12.75 -2.20
CA PRO A 60 -10.73 -13.16 -3.61
C PRO A 60 -10.52 -12.00 -4.56
N GLN A 61 -11.14 -10.87 -4.26
CA GLN A 61 -11.03 -9.68 -5.10
C GLN A 61 -9.57 -9.23 -5.21
N ALA A 62 -9.27 -8.47 -6.25
CA ALA A 62 -7.92 -7.97 -6.46
C ALA A 62 -7.71 -6.64 -5.76
N GLU A 63 -8.68 -5.74 -5.90
CA GLU A 63 -8.61 -4.43 -5.27
C GLU A 63 -8.50 -4.55 -3.76
N ASP A 64 -9.36 -5.37 -3.17
CA ASP A 64 -9.35 -5.58 -1.72
C ASP A 64 -8.05 -6.25 -1.28
N LYS A 65 -7.51 -7.09 -2.16
CA LYS A 65 -6.27 -7.81 -1.85
C LYS A 65 -5.13 -6.83 -1.58
N LEU A 66 -5.18 -5.67 -2.24
CA LEU A 66 -4.15 -4.65 -2.07
C LEU A 66 -4.36 -3.89 -0.76
N ASP A 67 -5.61 -3.74 -0.36
CA ASP A 67 -5.94 -3.03 0.87
C ASP A 67 -5.30 -3.70 2.08
N ARG A 68 -5.15 -5.01 2.00
CA ARG A 68 -4.55 -5.78 3.09
C ARG A 68 -3.02 -5.66 3.06
N LEU A 69 -2.47 -5.58 1.85
CA LEU A 69 -1.03 -5.47 1.68
C LEU A 69 -0.49 -4.21 2.38
N PHE A 70 -1.32 -3.18 2.43
CA PHE A 70 -0.92 -1.92 3.08
C PHE A 70 -1.08 -2.02 4.59
N GLU A 71 -2.05 -2.82 5.03
CA GLU A 71 -2.31 -3.00 6.45
C GLU A 71 -1.16 -3.73 7.13
N ILE A 72 -0.57 -4.69 6.41
CA ILE A 72 0.54 -5.47 6.94
C ILE A 72 1.86 -4.71 6.78
N ILE A 73 2.19 -4.36 5.55
CA ILE A 73 3.43 -3.63 5.27
C ILE A 73 3.41 -2.25 5.91
N GLY A 74 2.21 -1.69 6.05
CA GLY A 74 2.08 -0.38 6.64
C GLY A 74 2.62 -0.31 8.06
N VAL A 75 2.75 -1.47 8.69
CA VAL A 75 3.26 -1.54 10.06
C VAL A 75 4.55 -2.35 10.12
N LYS A 76 5.33 -2.32 9.05
CA LYS A 76 6.59 -3.06 8.98
C LYS A 76 7.77 -2.10 9.07
N SER A 77 8.01 -1.35 7.99
CA SER A 77 9.12 -0.40 7.95
C SER A 77 8.96 0.55 6.77
N GLN A 78 9.81 1.57 6.73
CA GLN A 78 9.77 2.56 5.67
C GLN A 78 10.35 1.99 4.37
N GLU A 79 11.22 0.98 4.51
CA GLU A 79 11.83 0.36 3.35
C GLU A 79 10.80 -0.35 2.48
N ALA A 80 9.74 -0.85 3.12
CA ALA A 80 8.68 -1.55 2.42
C ALA A 80 7.46 -0.66 2.22
N SER A 81 7.25 0.25 3.17
CA SER A 81 6.12 1.18 3.11
C SER A 81 6.26 2.13 1.93
N GLN A 82 7.43 2.75 1.81
CA GLN A 82 7.71 3.69 0.72
C GLN A 82 7.67 2.98 -0.63
N THR A 83 8.18 1.75 -0.66
CA THR A 83 8.21 0.97 -1.90
C THR A 83 6.81 0.48 -2.25
N LEU A 84 5.99 0.22 -1.24
CA LEU A 84 4.62 -0.25 -1.46
C LEU A 84 3.79 0.79 -2.20
N LEU A 85 4.13 2.05 -2.02
CA LEU A 85 3.42 3.14 -2.68
C LEU A 85 4.08 3.51 -4.01
N ASP A 86 5.41 3.44 -4.04
CA ASP A 86 6.16 3.77 -5.25
C ASP A 86 5.96 2.69 -6.32
N SER A 87 5.89 1.44 -5.88
CA SER A 87 5.70 0.33 -6.81
C SER A 87 4.36 0.42 -7.54
N VAL A 88 3.40 1.08 -6.90
CA VAL A 88 2.07 1.23 -7.48
C VAL A 88 2.09 2.20 -8.66
N TYR A 89 2.99 3.18 -8.60
CA TYR A 89 3.11 4.18 -9.66
C TYR A 89 4.27 3.84 -10.60
N SER A 90 5.34 3.29 -10.03
CA SER A 90 6.51 2.92 -10.80
C SER A 90 6.22 1.75 -11.74
N HIS A 91 5.31 0.88 -11.32
CA HIS A 91 4.93 -0.28 -12.12
C HIS A 91 3.82 0.08 -13.10
N LEU A 92 2.82 0.79 -12.61
CA LEU A 92 1.68 1.19 -13.44
C LEU A 92 1.87 2.61 -13.97
N PRO A 93 2.27 2.75 -15.24
CA PRO A 93 2.50 4.06 -15.86
C PRO A 93 1.19 4.83 -16.05
N ASP A 94 0.09 4.11 -16.18
CA ASP A 94 -1.22 4.72 -16.36
C ASP A 94 -1.57 5.61 -15.17
N LEU A 95 -1.20 5.16 -13.98
CA LEU A 95 -1.48 5.92 -12.76
C LEU A 95 -0.68 7.21 -12.72
N LEU A 96 0.60 7.11 -12.40
CA LEU A 96 1.48 8.27 -12.33
C LEU A 96 2.90 7.91 -12.74
N SER A 97 3.77 8.91 -12.80
CA SER A 97 5.16 8.70 -13.18
C SER A 97 6.09 9.62 -12.41
N GLY A 98 7.30 9.15 -12.13
CA GLY A 98 8.25 9.95 -11.40
C GLY A 98 9.18 9.12 -10.54
N PRO A 99 10.14 8.41 -11.16
CA PRO A 99 11.09 7.56 -10.42
C PRO A 99 12.09 8.38 -9.61
N SER A 100 12.44 7.87 -8.44
CA SER A 100 13.38 8.55 -7.56
C SER A 100 12.85 9.93 -7.16
N SER A 101 12.51 10.08 -5.89
CA SER A 101 11.99 11.35 -5.38
C SER A 101 12.32 11.52 -3.91
N GLY A 102 13.33 12.32 -3.62
CA GLY A 102 13.72 12.55 -2.24
C GLY A 102 14.93 11.73 -1.83
#